data_2B1O
#
_entry.id   2B1O
#
loop_
_entity.id
_entity.type
_entity.pdbx_description
1 polymer 'Calcium-dependent cell adhesion molecule-1'
2 non-polymer 'CALCIUM ION'
#
_entity_poly.entity_id   1
_entity_poly.type   'polypeptide(L)'
_entity_poly.pdbx_seq_one_letter_code
;SVDANKVKFFFGKNCTGESFEYNKGETVRFNNGDKWNDKFMSCLVGSNVRCNIWEHNEIDTPTPGKFQELAQGSTNNDLT
SINGLSKFQVLPGAFQWAVDVKIVNKVNSTAGSYEMTITPYQVDKVACKDGDDFVQLPIPKLTPPDSEIVSHLTVRQTHT
PYDYVVNGSVYFKYSPTTGQVTVIKKDETFPKNMTVTQDDNTSFIFNLNSEK
;
_entity_poly.pdbx_strand_id   A
#
# COMPACT_ATOMS: atom_id res chain seq x y z
N SER A 1 -26.07 -11.13 -1.48
CA SER A 1 -25.27 -11.07 -0.24
C SER A 1 -23.82 -10.75 -0.54
N VAL A 2 -23.12 -10.20 0.47
CA VAL A 2 -21.66 -10.10 0.45
C VAL A 2 -21.02 -11.48 0.63
N ASP A 3 -19.96 -11.76 -0.14
CA ASP A 3 -19.12 -12.93 0.06
C ASP A 3 -18.24 -12.72 1.30
N ALA A 4 -18.02 -13.72 2.15
CA ALA A 4 -17.05 -13.59 3.26
C ALA A 4 -15.60 -13.31 2.79
N ASN A 5 -15.33 -13.54 1.50
CA ASN A 5 -14.02 -13.49 0.86
C ASN A 5 -13.83 -12.27 -0.08
N LYS A 6 -14.82 -11.38 -0.21
CA LYS A 6 -14.84 -10.18 -1.09
C LYS A 6 -15.59 -9.02 -0.42
N VAL A 7 -15.62 -7.83 -1.03
CA VAL A 7 -16.35 -6.66 -0.50
C VAL A 7 -17.17 -5.98 -1.61
N LYS A 8 -18.20 -5.20 -1.23
CA LYS A 8 -19.06 -4.49 -2.18
C LYS A 8 -19.62 -3.19 -1.59
N PHE A 9 -19.74 -2.17 -2.45
CA PHE A 9 -19.96 -0.76 -2.10
C PHE A 9 -21.06 -0.17 -3.00
N PHE A 10 -22.05 0.50 -2.43
CA PHE A 10 -23.24 1.01 -3.11
C PHE A 10 -23.43 2.50 -2.81
N PHE A 11 -23.79 3.28 -3.84
CA PHE A 11 -23.97 4.74 -3.79
C PHE A 11 -25.34 5.16 -3.20
N GLY A 12 -25.74 4.54 -2.09
CA GLY A 12 -26.99 4.87 -1.41
C GLY A 12 -27.17 4.06 -0.14
N LYS A 13 -27.54 4.75 0.95
CA LYS A 13 -27.78 4.13 2.26
C LYS A 13 -28.77 2.97 2.13
N ASN A 14 -28.62 1.95 2.99
CA ASN A 14 -29.41 0.71 2.93
C ASN A 14 -29.29 -0.05 1.58
N CYS A 15 -28.17 0.14 0.86
CA CYS A 15 -27.84 -0.46 -0.46
C CYS A 15 -28.77 -0.03 -1.61
N THR A 16 -28.62 1.24 -2.04
CA THR A 16 -29.41 1.88 -3.11
C THR A 16 -28.54 2.72 -4.06
N GLY A 17 -29.14 3.36 -5.08
CA GLY A 17 -28.51 4.37 -5.94
C GLY A 17 -27.66 3.83 -7.10
N GLU A 18 -26.48 3.26 -6.81
CA GLU A 18 -25.55 2.61 -7.75
C GLU A 18 -24.87 1.42 -7.05
N SER A 19 -24.23 0.51 -7.79
CA SER A 19 -23.54 -0.68 -7.25
C SER A 19 -22.09 -0.78 -7.72
N PHE A 20 -21.26 -1.46 -6.91
CA PHE A 20 -19.83 -1.68 -7.13
C PHE A 20 -19.36 -2.92 -6.37
N GLU A 21 -18.39 -3.65 -6.91
CA GLU A 21 -17.82 -4.87 -6.32
C GLU A 21 -16.29 -4.85 -6.42
N TYR A 22 -15.61 -5.34 -5.40
CA TYR A 22 -14.15 -5.33 -5.28
C TYR A 22 -13.65 -6.68 -4.74
N ASN A 23 -12.67 -7.26 -5.45
CA ASN A 23 -11.99 -8.48 -5.01
C ASN A 23 -11.03 -8.20 -3.83
N LYS A 24 -10.70 -9.26 -3.07
CA LYS A 24 -9.65 -9.19 -2.04
C LYS A 24 -8.27 -8.84 -2.63
N GLY A 25 -7.44 -8.13 -1.88
CA GLY A 25 -6.06 -7.80 -2.28
C GLY A 25 -5.98 -6.84 -3.47
N GLU A 26 -6.77 -5.77 -3.47
CA GLU A 26 -6.75 -4.73 -4.51
C GLU A 26 -6.73 -3.31 -3.91
N THR A 27 -6.29 -2.34 -4.71
CA THR A 27 -6.15 -0.94 -4.33
C THR A 27 -6.68 -0.07 -5.47
N VAL A 28 -7.52 0.92 -5.16
CA VAL A 28 -8.09 1.87 -6.12
C VAL A 28 -8.09 3.29 -5.56
N ARG A 29 -8.18 4.26 -6.46
CA ARG A 29 -8.31 5.69 -6.16
C ARG A 29 -9.46 6.25 -6.97
N PHE A 30 -10.45 6.75 -6.25
CA PHE A 30 -11.71 7.27 -6.79
C PHE A 30 -11.77 8.74 -6.40
N ASN A 31 -11.28 9.61 -7.28
CA ASN A 31 -11.31 11.07 -7.11
C ASN A 31 -11.19 11.80 -8.46
N ASN A 32 -11.74 13.02 -8.51
CA ASN A 32 -11.80 13.89 -9.68
C ASN A 32 -11.63 15.38 -9.24
N GLY A 33 -10.55 15.67 -8.53
CA GLY A 33 -10.17 17.02 -8.08
C GLY A 33 -11.02 17.57 -6.92
N ASP A 34 -11.33 16.72 -5.93
CA ASP A 34 -12.08 17.02 -4.70
C ASP A 34 -13.56 17.48 -4.88
N LYS A 35 -14.48 16.49 -4.96
CA LYS A 35 -15.94 16.62 -5.24
C LYS A 35 -16.66 15.25 -5.12
N TRP A 36 -16.57 14.38 -6.14
CA TRP A 36 -17.27 13.08 -6.26
C TRP A 36 -16.35 11.89 -5.93
N ASN A 37 -15.38 12.13 -5.03
CA ASN A 37 -14.36 11.15 -4.62
C ASN A 37 -15.00 10.05 -3.75
N ASP A 38 -15.92 10.52 -2.91
CA ASP A 38 -16.84 9.77 -2.08
C ASP A 38 -17.38 8.52 -2.80
N LYS A 39 -18.31 8.71 -3.75
CA LYS A 39 -19.01 7.65 -4.49
C LYS A 39 -19.33 6.42 -3.61
N PHE A 40 -19.78 6.65 -2.37
CA PHE A 40 -20.17 5.60 -1.43
C PHE A 40 -21.31 6.07 -0.50
N MET A 41 -22.06 5.08 0.00
CA MET A 41 -22.93 5.30 1.16
C MET A 41 -23.18 4.02 1.96
N SER A 42 -23.46 2.88 1.33
CA SER A 42 -23.64 1.61 2.03
C SER A 42 -22.63 0.60 1.51
N CYS A 43 -21.89 -0.08 2.38
CA CYS A 43 -20.97 -1.13 1.97
C CYS A 43 -20.96 -2.31 2.96
N LEU A 44 -20.52 -3.46 2.45
CA LEU A 44 -20.47 -4.73 3.19
C LEU A 44 -19.06 -5.32 3.01
N VAL A 45 -18.48 -5.79 4.12
CA VAL A 45 -17.09 -6.24 4.22
C VAL A 45 -17.08 -7.62 4.87
N GLY A 46 -16.85 -8.64 4.05
CA GLY A 46 -16.92 -10.05 4.41
C GLY A 46 -16.11 -10.45 5.65
N SER A 47 -16.55 -11.50 6.34
CA SER A 47 -15.96 -12.00 7.60
C SER A 47 -14.53 -12.54 7.52
N ASN A 48 -13.93 -12.58 6.33
CA ASN A 48 -12.55 -13.00 6.08
C ASN A 48 -11.80 -12.05 5.12
N VAL A 49 -12.17 -10.77 5.12
CA VAL A 49 -11.51 -9.64 4.41
C VAL A 49 -11.70 -8.33 5.21
N ARG A 50 -10.81 -7.35 5.06
CA ARG A 50 -10.86 -6.03 5.72
C ARG A 50 -10.80 -4.92 4.67
N CYS A 51 -11.38 -3.76 4.97
CA CYS A 51 -11.17 -2.57 4.16
C CYS A 51 -10.45 -1.48 4.98
N ASN A 52 -9.66 -0.67 4.28
CA ASN A 52 -8.92 0.46 4.80
C ASN A 52 -9.12 1.63 3.84
N ILE A 53 -9.67 2.74 4.32
CA ILE A 53 -9.95 3.93 3.52
C ILE A 53 -9.11 5.11 4.02
N TRP A 54 -8.55 5.88 3.09
CA TRP A 54 -7.65 7.00 3.37
C TRP A 54 -7.97 8.21 2.49
N GLU A 55 -8.39 9.33 3.11
CA GLU A 55 -8.75 10.60 2.49
C GLU A 55 -7.81 11.08 1.38
N HIS A 56 -6.59 11.47 1.71
CA HIS A 56 -5.57 11.89 0.75
C HIS A 56 -4.19 11.43 1.22
N ASN A 57 -4.18 10.23 1.83
CA ASN A 57 -2.99 9.54 2.35
C ASN A 57 -2.03 10.51 3.09
N GLU A 58 -2.55 11.18 4.12
CA GLU A 58 -1.86 12.21 4.93
C GLU A 58 -0.64 11.66 5.69
N ILE A 59 0.50 12.35 5.59
CA ILE A 59 1.83 11.87 6.01
C ILE A 59 2.16 12.30 7.46
N ASP A 60 1.16 12.28 8.36
CA ASP A 60 1.21 12.86 9.72
C ASP A 60 1.58 14.35 9.70
N THR A 61 0.90 15.03 8.78
CA THR A 61 0.95 16.47 8.53
C THR A 61 0.31 17.26 9.70
N PRO A 62 0.39 18.61 9.74
CA PRO A 62 -0.26 19.42 10.78
C PRO A 62 -1.81 19.46 10.70
N THR A 63 -2.44 18.66 9.82
CA THR A 63 -3.89 18.42 9.80
C THR A 63 -4.19 16.93 9.55
N PRO A 64 -4.74 16.17 10.52
CA PRO A 64 -5.23 14.84 10.26
C PRO A 64 -6.46 14.92 9.34
N GLY A 65 -6.41 14.21 8.21
CA GLY A 65 -7.51 14.10 7.25
C GLY A 65 -8.62 13.19 7.78
N LYS A 66 -8.92 12.10 7.06
CA LYS A 66 -10.02 11.19 7.38
C LYS A 66 -9.65 9.74 7.02
N PHE A 67 -9.89 8.82 7.95
CA PHE A 67 -9.44 7.43 7.87
C PHE A 67 -10.33 6.47 8.67
N GLN A 68 -10.59 5.29 8.10
CA GLN A 68 -11.39 4.25 8.74
C GLN A 68 -10.88 2.87 8.33
N GLU A 69 -10.89 1.96 9.30
CA GLU A 69 -10.43 0.58 9.14
C GLU A 69 -11.66 -0.33 9.29
N LEU A 70 -12.43 -0.44 8.20
CA LEU A 70 -13.65 -1.24 8.06
C LEU A 70 -13.45 -2.65 8.62
N ALA A 71 -13.98 -2.86 9.82
CA ALA A 71 -13.79 -4.06 10.62
C ALA A 71 -14.15 -5.34 9.84
N GLN A 72 -13.21 -6.28 9.80
CA GLN A 72 -13.34 -7.57 9.11
C GLN A 72 -14.58 -8.33 9.61
N GLY A 73 -15.62 -8.45 8.76
CA GLY A 73 -16.92 -9.03 9.13
C GLY A 73 -17.93 -8.02 9.68
N SER A 74 -18.23 -6.95 8.93
CA SER A 74 -19.26 -5.96 9.28
C SER A 74 -19.95 -5.34 8.06
N THR A 75 -21.10 -4.72 8.29
CA THR A 75 -21.91 -3.98 7.31
C THR A 75 -22.11 -2.55 7.80
N ASN A 76 -21.91 -1.59 6.90
CA ASN A 76 -21.96 -0.16 7.14
C ASN A 76 -23.04 0.47 6.25
N ASN A 77 -24.21 0.78 6.84
CA ASN A 77 -25.33 1.40 6.11
C ASN A 77 -25.08 2.88 5.76
N ASP A 78 -24.19 3.55 6.50
CA ASP A 78 -23.67 4.89 6.22
C ASP A 78 -22.25 5.05 6.81
N LEU A 79 -21.32 5.66 6.06
CA LEU A 79 -19.96 6.03 6.52
C LEU A 79 -19.66 7.53 6.29
N THR A 80 -20.67 8.36 6.02
CA THR A 80 -20.54 9.82 5.76
C THR A 80 -19.80 10.63 6.83
N SER A 81 -19.67 10.12 8.05
CA SER A 81 -18.68 10.59 9.05
C SER A 81 -17.25 10.73 8.50
N ILE A 82 -16.92 9.91 7.50
CA ILE A 82 -15.64 9.79 6.80
C ILE A 82 -15.94 9.75 5.28
N ASN A 83 -16.60 10.80 4.78
CA ASN A 83 -16.69 11.12 3.33
C ASN A 83 -15.29 11.18 2.67
N GLY A 84 -14.27 11.57 3.44
CA GLY A 84 -12.88 11.66 3.00
C GLY A 84 -12.22 10.28 2.81
N LEU A 85 -12.07 9.84 1.56
CA LEU A 85 -11.44 8.56 1.20
C LEU A 85 -10.97 8.46 -0.27
N SER A 86 -10.35 9.50 -0.84
CA SER A 86 -9.86 9.48 -2.23
C SER A 86 -8.96 8.27 -2.61
N LYS A 87 -8.37 7.56 -1.62
CA LYS A 87 -7.75 6.21 -1.76
C LYS A 87 -8.54 5.15 -0.96
N PHE A 88 -8.64 3.95 -1.55
CA PHE A 88 -9.28 2.76 -1.00
C PHE A 88 -8.32 1.57 -1.10
N GLN A 89 -8.20 0.78 -0.03
CA GLN A 89 -7.43 -0.46 0.06
C GLN A 89 -8.35 -1.59 0.56
N VAL A 90 -8.36 -2.71 -0.16
CA VAL A 90 -9.18 -3.90 0.14
C VAL A 90 -8.24 -5.09 0.31
N LEU A 91 -8.19 -5.67 1.50
CA LEU A 91 -7.16 -6.65 1.88
C LEU A 91 -7.81 -7.94 2.43
N PRO A 92 -7.28 -9.14 2.13
CA PRO A 92 -7.82 -10.40 2.63
C PRO A 92 -7.54 -10.62 4.12
N GLY A 93 -8.25 -11.55 4.75
CA GLY A 93 -7.97 -11.99 6.13
C GLY A 93 -6.55 -12.53 6.34
N ALA A 94 -5.92 -13.05 5.27
CA ALA A 94 -4.51 -13.44 5.23
C ALA A 94 -3.51 -12.27 5.40
N PHE A 95 -3.88 -11.03 5.03
CA PHE A 95 -3.00 -9.85 5.01
C PHE A 95 -3.56 -8.72 5.89
N GLN A 96 -2.84 -8.34 6.95
CA GLN A 96 -3.30 -7.37 7.94
C GLN A 96 -3.32 -5.93 7.38
N TRP A 97 -2.26 -5.56 6.66
CA TRP A 97 -2.08 -4.30 5.96
C TRP A 97 -1.15 -4.51 4.75
N ALA A 98 -1.15 -3.58 3.80
CA ALA A 98 -0.30 -3.64 2.62
C ALA A 98 0.22 -2.25 2.26
N VAL A 99 1.35 -2.21 1.55
CA VAL A 99 2.09 -0.97 1.30
C VAL A 99 2.34 -0.81 -0.20
N ASP A 100 2.09 0.39 -0.72
CA ASP A 100 2.45 0.70 -2.11
C ASP A 100 3.97 0.92 -2.20
N VAL A 101 4.61 0.23 -3.13
CA VAL A 101 6.03 0.37 -3.44
C VAL A 101 6.17 0.62 -4.94
N LYS A 102 7.15 1.42 -5.34
CA LYS A 102 7.48 1.65 -6.75
C LYS A 102 8.97 1.94 -6.90
N ILE A 103 9.47 1.71 -8.11
CA ILE A 103 10.87 1.82 -8.49
C ILE A 103 10.96 2.89 -9.57
N VAL A 104 11.93 3.80 -9.45
CA VAL A 104 12.19 4.85 -10.45
C VAL A 104 13.69 5.00 -10.71
N ASN A 105 14.05 5.11 -11.99
CA ASN A 105 15.42 5.35 -12.43
C ASN A 105 15.83 6.83 -12.28
N LYS A 106 16.90 7.09 -11.52
CA LYS A 106 17.59 8.39 -11.41
C LYS A 106 19.01 8.37 -12.04
N VAL A 107 19.46 7.21 -12.54
CA VAL A 107 20.76 7.00 -13.24
C VAL A 107 20.64 6.09 -14.46
N ASN A 108 19.99 4.92 -14.34
CA ASN A 108 19.79 3.97 -15.46
C ASN A 108 18.70 4.45 -16.44
N SER A 109 19.06 5.37 -17.35
CA SER A 109 18.21 5.97 -18.40
C SER A 109 17.81 4.99 -19.53
N THR A 110 17.23 3.84 -19.14
CA THR A 110 16.87 2.70 -20.01
C THR A 110 15.49 2.14 -19.66
N ALA A 111 15.21 1.96 -18.36
CA ALA A 111 14.02 1.30 -17.78
C ALA A 111 13.77 -0.16 -18.26
N GLY A 112 13.01 -0.92 -17.47
CA GLY A 112 12.68 -2.36 -17.62
C GLY A 112 13.85 -3.32 -17.39
N SER A 113 15.04 -2.93 -17.83
CA SER A 113 16.35 -3.58 -17.65
C SER A 113 16.88 -3.60 -16.20
N TYR A 114 16.16 -2.90 -15.30
CA TYR A 114 16.42 -2.75 -13.87
C TYR A 114 15.25 -3.39 -13.10
N GLU A 115 15.53 -4.48 -12.37
CA GLU A 115 14.54 -5.29 -11.65
C GLU A 115 14.86 -5.31 -10.16
N MET A 116 13.92 -4.85 -9.33
CA MET A 116 14.05 -4.88 -7.87
C MET A 116 13.15 -5.92 -7.24
N THR A 117 13.71 -6.61 -6.25
CA THR A 117 13.08 -7.69 -5.52
C THR A 117 13.15 -7.38 -4.03
N ILE A 118 11.98 -7.33 -3.37
CA ILE A 118 11.86 -7.07 -1.94
C ILE A 118 11.12 -8.23 -1.29
N THR A 119 11.61 -8.64 -0.12
CA THR A 119 11.06 -9.73 0.68
C THR A 119 11.09 -9.38 2.18
N PRO A 120 9.96 -8.94 2.77
CA PRO A 120 9.83 -8.82 4.21
C PRO A 120 9.73 -10.20 4.89
N TYR A 121 9.98 -10.23 6.20
CA TYR A 121 10.03 -11.42 7.09
C TYR A 121 9.19 -12.63 6.64
N GLN A 122 9.83 -13.57 5.92
CA GLN A 122 9.24 -14.81 5.39
C GLN A 122 7.86 -14.62 4.68
N VAL A 123 7.75 -13.57 3.86
CA VAL A 123 6.58 -13.22 3.01
C VAL A 123 6.79 -13.68 1.56
N ASP A 124 5.70 -13.73 0.78
CA ASP A 124 5.70 -13.87 -0.69
C ASP A 124 6.56 -12.79 -1.37
N LYS A 125 7.83 -13.11 -1.66
CA LYS A 125 8.79 -12.19 -2.29
C LYS A 125 8.22 -11.60 -3.59
N VAL A 126 8.40 -10.30 -3.81
CA VAL A 126 7.84 -9.59 -4.96
C VAL A 126 8.94 -8.91 -5.76
N ALA A 127 8.91 -9.12 -7.06
CA ALA A 127 9.84 -8.55 -8.02
C ALA A 127 9.08 -7.71 -9.05
N CYS A 128 9.58 -6.51 -9.33
CA CYS A 128 8.99 -5.58 -10.28
C CYS A 128 10.11 -4.91 -11.09
N LYS A 129 9.81 -4.60 -12.36
CA LYS A 129 10.74 -3.99 -13.32
C LYS A 129 10.38 -2.51 -13.50
N ASP A 130 11.37 -1.65 -13.34
CA ASP A 130 11.26 -0.18 -13.43
C ASP A 130 10.52 0.26 -14.70
N GLY A 131 9.26 0.67 -14.59
CA GLY A 131 8.39 1.01 -15.73
C GLY A 131 6.97 0.43 -15.63
N ASP A 132 6.80 -0.69 -14.93
CA ASP A 132 5.48 -1.13 -14.44
C ASP A 132 4.88 -0.12 -13.44
N ASP A 133 3.57 -0.16 -13.26
CA ASP A 133 2.85 0.66 -12.25
C ASP A 133 3.26 0.29 -10.80
N PHE A 134 2.82 1.06 -9.80
CA PHE A 134 3.10 0.76 -8.37
C PHE A 134 2.74 -0.70 -8.03
N VAL A 135 3.69 -1.40 -7.38
CA VAL A 135 3.47 -2.74 -6.83
C VAL A 135 2.84 -2.63 -5.45
N GLN A 136 2.10 -3.66 -5.02
CA GLN A 136 1.53 -3.75 -3.69
C GLN A 136 2.29 -4.83 -2.90
N LEU A 137 2.74 -4.50 -1.70
CA LEU A 137 3.47 -5.39 -0.79
C LEU A 137 2.58 -5.67 0.44
N PRO A 138 1.74 -6.73 0.42
CA PRO A 138 0.97 -7.12 1.59
C PRO A 138 1.85 -7.73 2.68
N ILE A 139 1.44 -7.54 3.93
CA ILE A 139 2.11 -7.97 5.16
C ILE A 139 1.07 -8.75 5.98
N PRO A 140 1.37 -9.98 6.44
CA PRO A 140 0.47 -10.79 7.26
C PRO A 140 0.29 -10.19 8.69
N LYS A 141 -0.44 -10.88 9.58
CA LYS A 141 -0.67 -10.45 10.98
C LYS A 141 0.65 -10.04 11.67
N LEU A 142 0.80 -8.74 11.95
CA LEU A 142 2.03 -8.14 12.49
C LEU A 142 1.70 -7.45 13.83
N THR A 143 1.54 -8.26 14.87
CA THR A 143 1.13 -7.80 16.22
C THR A 143 2.32 -7.88 17.19
N PRO A 144 2.61 -6.82 17.98
CA PRO A 144 1.96 -5.51 17.97
C PRO A 144 2.32 -4.70 16.70
N PRO A 145 1.46 -3.78 16.22
CA PRO A 145 1.71 -3.02 14.99
C PRO A 145 3.01 -2.20 15.03
N ASP A 146 3.28 -1.60 16.19
CA ASP A 146 4.49 -0.81 16.47
C ASP A 146 5.80 -1.63 16.53
N SER A 147 5.75 -2.97 16.39
CA SER A 147 6.95 -3.78 16.18
C SER A 147 7.65 -3.42 14.86
N GLU A 148 8.95 -3.72 14.74
CA GLU A 148 9.72 -3.50 13.52
C GLU A 148 9.95 -4.83 12.80
N ILE A 149 9.31 -5.00 11.65
CA ILE A 149 9.46 -6.17 10.77
C ILE A 149 10.77 -6.02 9.98
N VAL A 150 11.65 -7.01 10.13
CA VAL A 150 12.88 -7.12 9.31
C VAL A 150 12.53 -7.43 7.86
N SER A 151 13.23 -6.80 6.91
CA SER A 151 13.03 -7.03 5.48
C SER A 151 14.32 -6.88 4.68
N HIS A 152 14.34 -7.47 3.49
CA HIS A 152 15.50 -7.54 2.61
C HIS A 152 15.16 -6.93 1.25
N LEU A 153 16.06 -6.08 0.76
CA LEU A 153 15.97 -5.39 -0.52
C LEU A 153 17.22 -5.76 -1.33
N THR A 154 17.00 -6.28 -2.53
CA THR A 154 18.07 -6.58 -3.47
C THR A 154 17.62 -6.22 -4.88
N VAL A 155 18.51 -5.54 -5.59
CA VAL A 155 18.23 -5.02 -6.92
C VAL A 155 19.40 -5.34 -7.84
N ARG A 156 19.03 -5.90 -8.99
CA ARG A 156 19.94 -6.52 -9.95
C ARG A 156 19.44 -6.23 -11.37
N GLN A 157 20.36 -5.76 -12.21
CA GLN A 157 20.13 -5.53 -13.64
C GLN A 157 19.86 -6.88 -14.33
N THR A 158 18.85 -6.94 -15.19
CA THR A 158 18.49 -8.15 -15.98
C THR A 158 19.24 -8.25 -17.31
N HIS A 159 20.23 -7.39 -17.51
CA HIS A 159 21.02 -7.18 -18.72
C HIS A 159 22.50 -6.93 -18.34
N THR A 160 23.44 -7.39 -19.17
CA THR A 160 24.89 -7.25 -18.89
C THR A 160 25.32 -5.75 -18.86
N PRO A 161 26.13 -5.31 -17.87
CA PRO A 161 26.58 -6.07 -16.68
C PRO A 161 25.44 -6.25 -15.65
N TYR A 162 25.19 -7.52 -15.28
CA TYR A 162 24.05 -7.97 -14.46
C TYR A 162 24.42 -8.38 -13.01
N ASP A 163 25.53 -7.82 -12.49
CA ASP A 163 25.92 -7.95 -11.08
C ASP A 163 24.85 -7.36 -10.13
N TYR A 164 24.86 -7.76 -8.85
CA TYR A 164 24.03 -7.14 -7.79
C TYR A 164 24.33 -5.63 -7.67
N VAL A 165 23.40 -4.79 -8.13
CA VAL A 165 23.50 -3.32 -8.10
C VAL A 165 23.65 -2.84 -6.66
N VAL A 166 22.70 -3.25 -5.81
CA VAL A 166 22.81 -3.21 -4.35
C VAL A 166 22.04 -4.36 -3.72
N ASN A 167 22.56 -4.84 -2.60
CA ASN A 167 22.00 -5.90 -1.78
C ASN A 167 22.13 -5.47 -0.30
N GLY A 168 21.01 -5.36 0.40
CA GLY A 168 20.96 -4.86 1.77
C GLY A 168 19.66 -5.22 2.49
N SER A 169 19.49 -4.67 3.68
CA SER A 169 18.27 -4.82 4.47
C SER A 169 17.61 -3.47 4.71
N VAL A 170 16.34 -3.54 5.08
CA VAL A 170 15.43 -2.44 5.36
C VAL A 170 14.54 -2.89 6.53
N TYR A 171 13.84 -1.96 7.17
CA TYR A 171 12.91 -2.24 8.25
C TYR A 171 11.60 -1.48 7.98
N PHE A 172 10.46 -2.16 8.09
CA PHE A 172 9.14 -1.54 8.02
C PHE A 172 8.52 -1.50 9.43
N LYS A 173 7.63 -0.54 9.68
CA LYS A 173 6.88 -0.35 10.92
C LYS A 173 5.48 0.19 10.59
N TYR A 174 4.48 -0.20 11.39
CA TYR A 174 3.09 0.21 11.24
C TYR A 174 2.61 0.95 12.51
N SER A 175 1.64 1.84 12.35
CA SER A 175 1.02 2.61 13.44
C SER A 175 -0.50 2.69 13.24
N PRO A 176 -1.31 2.04 14.11
CA PRO A 176 -2.76 1.97 13.95
C PRO A 176 -3.45 3.30 14.32
N THR A 177 -2.72 4.18 15.02
CA THR A 177 -3.06 5.56 15.38
C THR A 177 -3.69 6.34 14.21
N THR A 178 -3.13 6.16 13.01
CA THR A 178 -3.67 6.71 11.73
C THR A 178 -3.43 5.77 10.53
N GLY A 179 -3.34 4.45 10.74
CA GLY A 179 -2.97 3.46 9.71
C GLY A 179 -1.77 3.88 8.85
N GLN A 180 -0.74 4.45 9.48
CA GLN A 180 0.49 4.94 8.84
C GLN A 180 1.49 3.78 8.75
N VAL A 181 2.18 3.66 7.61
CA VAL A 181 3.39 2.85 7.49
C VAL A 181 4.59 3.78 7.39
N THR A 182 5.68 3.39 8.03
CA THR A 182 6.94 4.13 8.14
C THR A 182 8.08 3.15 7.91
N VAL A 183 9.10 3.57 7.16
CA VAL A 183 10.29 2.74 6.86
C VAL A 183 11.52 3.33 7.53
N ILE A 184 12.30 2.44 8.14
CA ILE A 184 13.54 2.74 8.87
C ILE A 184 14.67 2.09 8.08
N LYS A 185 15.65 2.93 7.70
CA LYS A 185 16.77 2.59 6.83
C LYS A 185 18.02 3.27 7.41
N LYS A 186 19.06 2.50 7.67
CA LYS A 186 20.33 2.96 8.26
C LYS A 186 21.48 2.49 7.40
N ASP A 187 22.60 3.21 7.42
CA ASP A 187 23.79 2.89 6.62
C ASP A 187 24.40 1.51 6.97
N GLU A 188 24.05 0.95 8.14
CA GLU A 188 24.39 -0.41 8.58
C GLU A 188 23.64 -1.54 7.84
N THR A 189 22.53 -1.24 7.16
CA THR A 189 21.64 -2.21 6.47
C THR A 189 21.28 -1.78 5.06
N PHE A 190 20.80 -0.55 4.89
CA PHE A 190 20.41 0.04 3.62
C PHE A 190 21.65 0.63 2.91
N PRO A 191 21.75 0.52 1.58
CA PRO A 191 22.84 1.12 0.82
C PRO A 191 22.70 2.66 0.73
N LYS A 192 23.79 3.34 0.35
CA LYS A 192 23.82 4.80 0.12
C LYS A 192 23.58 5.19 -1.35
N ASN A 193 23.21 4.21 -2.18
CA ASN A 193 23.13 4.31 -3.64
C ASN A 193 21.69 4.38 -4.17
N MET A 194 20.75 3.83 -3.39
CA MET A 194 19.31 3.99 -3.54
C MET A 194 18.82 4.72 -2.30
N THR A 195 17.76 5.50 -2.44
CA THR A 195 16.96 6.02 -1.33
C THR A 195 15.48 5.81 -1.63
N VAL A 196 14.65 5.88 -0.60
CA VAL A 196 13.18 5.75 -0.73
C VAL A 196 12.53 6.91 -0.02
N THR A 197 11.68 7.63 -0.74
CA THR A 197 10.96 8.79 -0.22
C THR A 197 9.50 8.41 0.03
N GLN A 198 8.95 8.99 1.10
CA GLN A 198 7.57 8.79 1.50
C GLN A 198 6.65 9.71 0.69
N ASP A 199 6.36 9.30 -0.54
CA ASP A 199 5.53 10.04 -1.50
C ASP A 199 4.10 10.31 -0.96
N ASP A 200 3.53 9.36 -0.21
CA ASP A 200 2.28 9.49 0.55
C ASP A 200 2.27 8.55 1.80
N ASN A 201 1.25 8.66 2.68
CA ASN A 201 0.97 7.64 3.71
C ASN A 201 0.87 6.26 3.04
N THR A 202 1.59 5.27 3.56
CA THR A 202 1.59 3.89 3.04
C THR A 202 2.04 3.78 1.56
N SER A 203 2.83 4.75 1.08
CA SER A 203 3.35 4.80 -0.31
C SER A 203 4.81 5.25 -0.37
N PHE A 204 5.67 4.37 -0.90
CA PHE A 204 7.13 4.46 -0.85
C PHE A 204 7.74 4.34 -2.25
N ILE A 205 8.55 5.32 -2.66
CA ILE A 205 9.07 5.44 -4.02
C ILE A 205 10.60 5.39 -4.01
N PHE A 206 11.15 4.22 -4.32
CA PHE A 206 12.59 3.96 -4.35
C PHE A 206 13.22 4.57 -5.60
N ASN A 207 14.25 5.42 -5.46
CA ASN A 207 14.97 6.06 -6.56
C ASN A 207 16.48 5.72 -6.51
N LEU A 208 17.02 5.22 -7.64
CA LEU A 208 18.41 4.77 -7.76
C LEU A 208 19.32 5.89 -8.26
N ASN A 209 20.18 6.40 -7.39
CA ASN A 209 21.01 7.59 -7.60
C ASN A 209 22.52 7.29 -7.75
N SER A 210 22.90 6.01 -7.89
CA SER A 210 24.29 5.51 -8.01
C SER A 210 24.32 4.03 -8.45
N GLU A 211 24.74 3.69 -9.69
CA GLU A 211 24.69 2.29 -10.21
C GLU A 211 25.62 1.29 -9.45
N LYS A 212 26.68 1.79 -8.81
CA LYS A 212 27.64 1.04 -7.97
C LYS A 212 26.92 0.05 -7.03
N SER A 1 -25.59 -11.80 -1.67
CA SER A 1 -24.73 -11.41 -0.54
C SER A 1 -23.28 -11.05 -0.93
N VAL A 2 -22.53 -10.47 0.02
CA VAL A 2 -21.07 -10.35 -0.08
C VAL A 2 -20.43 -11.71 0.22
N ASP A 3 -19.60 -12.24 -0.69
CA ASP A 3 -18.83 -13.46 -0.45
C ASP A 3 -17.86 -13.27 0.72
N ALA A 4 -17.53 -14.33 1.46
CA ALA A 4 -16.47 -14.26 2.48
C ALA A 4 -15.11 -13.80 1.93
N ASN A 5 -14.87 -13.94 0.62
CA ASN A 5 -13.62 -13.62 -0.08
C ASN A 5 -13.76 -12.45 -1.10
N LYS A 6 -14.83 -11.66 -1.02
CA LYS A 6 -15.09 -10.53 -1.93
C LYS A 6 -15.68 -9.34 -1.14
N VAL A 7 -15.77 -8.17 -1.76
CA VAL A 7 -16.29 -6.95 -1.13
C VAL A 7 -17.32 -6.31 -2.06
N LYS A 8 -18.33 -5.64 -1.50
CA LYS A 8 -19.37 -4.94 -2.26
C LYS A 8 -19.54 -3.51 -1.76
N PHE A 9 -19.96 -2.63 -2.66
CA PHE A 9 -19.88 -1.19 -2.50
C PHE A 9 -21.10 -0.53 -3.15
N PHE A 10 -21.82 0.31 -2.40
CA PHE A 10 -23.12 0.84 -2.82
C PHE A 10 -23.24 2.35 -2.52
N PHE A 11 -23.84 3.07 -3.44
CA PHE A 11 -23.84 4.53 -3.49
C PHE A 11 -25.18 5.11 -2.98
N GLY A 12 -25.65 4.55 -1.86
CA GLY A 12 -26.86 4.96 -1.14
C GLY A 12 -27.01 4.15 0.15
N LYS A 13 -27.78 4.65 1.11
CA LYS A 13 -28.03 3.97 2.41
C LYS A 13 -28.72 2.62 2.20
N ASN A 14 -28.30 1.61 2.95
CA ASN A 14 -28.88 0.26 2.94
C ASN A 14 -29.00 -0.37 1.52
N CYS A 15 -28.01 -0.11 0.67
CA CYS A 15 -27.90 -0.62 -0.72
C CYS A 15 -29.05 -0.19 -1.66
N THR A 16 -29.17 1.12 -1.93
CA THR A 16 -30.33 1.73 -2.63
C THR A 16 -30.00 2.50 -3.91
N GLY A 17 -28.98 3.36 -3.95
CA GLY A 17 -28.73 4.31 -5.05
C GLY A 17 -28.10 3.66 -6.29
N GLU A 18 -26.84 3.26 -6.18
CA GLU A 18 -26.10 2.47 -7.19
C GLU A 18 -25.36 1.30 -6.51
N SER A 19 -24.82 0.37 -7.29
CA SER A 19 -24.14 -0.84 -6.82
C SER A 19 -22.84 -1.12 -7.58
N PHE A 20 -21.88 -1.74 -6.89
CA PHE A 20 -20.53 -2.04 -7.36
C PHE A 20 -19.94 -3.25 -6.62
N GLU A 21 -18.91 -3.84 -7.20
CA GLU A 21 -18.27 -5.07 -6.74
C GLU A 21 -16.73 -4.91 -6.75
N TYR A 22 -16.07 -5.46 -5.73
CA TYR A 22 -14.65 -5.26 -5.44
C TYR A 22 -13.99 -6.61 -5.11
N ASN A 23 -12.76 -6.81 -5.59
CA ASN A 23 -11.98 -8.02 -5.35
C ASN A 23 -11.04 -7.83 -4.14
N LYS A 24 -10.78 -8.90 -3.37
CA LYS A 24 -9.82 -8.85 -2.25
C LYS A 24 -8.39 -8.63 -2.77
N GLY A 25 -7.66 -7.69 -2.18
CA GLY A 25 -6.31 -7.33 -2.61
C GLY A 25 -6.29 -6.36 -3.80
N GLU A 26 -6.96 -5.22 -3.68
CA GLU A 26 -6.88 -4.11 -4.64
C GLU A 26 -6.71 -2.74 -3.96
N THR A 27 -6.18 -1.77 -4.70
CA THR A 27 -6.08 -0.36 -4.29
C THR A 27 -6.57 0.50 -5.44
N VAL A 28 -7.52 1.39 -5.15
CA VAL A 28 -8.06 2.36 -6.10
C VAL A 28 -8.14 3.73 -5.45
N ARG A 29 -7.86 4.76 -6.26
CA ARG A 29 -7.76 6.15 -5.81
C ARG A 29 -8.48 7.05 -6.80
N PHE A 30 -9.50 7.74 -6.31
CA PHE A 30 -10.44 8.56 -7.08
C PHE A 30 -10.66 9.86 -6.31
N ASN A 31 -10.58 11.01 -6.97
CA ASN A 31 -10.92 12.30 -6.37
C ASN A 31 -11.32 13.32 -7.45
N ASN A 32 -12.27 14.21 -7.11
CA ASN A 32 -12.81 15.21 -8.03
C ASN A 32 -13.50 16.40 -7.30
N GLY A 33 -13.11 16.68 -6.05
CA GLY A 33 -13.69 17.74 -5.22
C GLY A 33 -14.93 17.30 -4.43
N ASP A 34 -14.79 16.22 -3.63
CA ASP A 34 -15.82 15.66 -2.73
C ASP A 34 -17.22 15.47 -3.35
N LYS A 35 -17.30 14.58 -4.36
CA LYS A 35 -18.53 14.32 -5.14
C LYS A 35 -18.64 12.93 -5.80
N TRP A 36 -17.55 12.34 -6.30
CA TRP A 36 -17.51 10.95 -6.85
C TRP A 36 -16.80 9.95 -5.93
N ASN A 37 -15.84 10.43 -5.14
CA ASN A 37 -15.21 9.72 -4.02
C ASN A 37 -16.17 9.62 -2.83
N ASP A 38 -16.68 10.77 -2.39
CA ASP A 38 -17.71 10.84 -1.34
C ASP A 38 -19.08 10.28 -1.77
N LYS A 39 -19.32 10.03 -3.06
CA LYS A 39 -20.60 9.51 -3.58
C LYS A 39 -21.07 8.25 -2.83
N PHE A 40 -20.14 7.45 -2.32
CA PHE A 40 -20.42 6.30 -1.46
C PHE A 40 -21.27 6.64 -0.20
N MET A 41 -21.92 5.59 0.31
CA MET A 41 -22.78 5.68 1.49
C MET A 41 -22.90 4.35 2.25
N SER A 42 -22.96 3.20 1.57
CA SER A 42 -22.95 1.89 2.22
C SER A 42 -21.97 0.92 1.57
N CYS A 43 -21.41 0.01 2.36
CA CYS A 43 -20.47 -0.99 1.88
C CYS A 43 -20.52 -2.24 2.75
N LEU A 44 -20.35 -3.40 2.10
CA LEU A 44 -20.47 -4.72 2.70
C LEU A 44 -19.08 -5.39 2.64
N VAL A 45 -18.54 -5.70 3.81
CA VAL A 45 -17.19 -6.25 3.97
C VAL A 45 -17.31 -7.71 4.41
N GLY A 46 -16.91 -8.60 3.50
CA GLY A 46 -16.91 -10.05 3.73
C GLY A 46 -16.08 -10.49 4.95
N SER A 47 -16.26 -11.75 5.36
CA SER A 47 -15.68 -12.30 6.60
C SER A 47 -14.16 -12.48 6.57
N ASN A 48 -13.59 -12.70 5.39
CA ASN A 48 -12.16 -12.99 5.15
C ASN A 48 -11.53 -11.94 4.23
N VAL A 49 -11.96 -10.68 4.40
CA VAL A 49 -11.50 -9.48 3.67
C VAL A 49 -11.66 -8.24 4.54
N ARG A 50 -10.67 -7.34 4.59
CA ARG A 50 -10.69 -6.09 5.34
C ARG A 50 -10.75 -4.91 4.35
N CYS A 51 -11.35 -3.80 4.75
CA CYS A 51 -11.29 -2.56 3.99
C CYS A 51 -10.67 -1.43 4.83
N ASN A 52 -10.04 -0.48 4.16
CA ASN A 52 -9.30 0.61 4.77
C ASN A 52 -9.59 1.90 4.01
N ILE A 53 -10.10 2.91 4.72
CA ILE A 53 -10.55 4.18 4.13
C ILE A 53 -9.64 5.32 4.57
N TRP A 54 -9.17 6.06 3.58
CA TRP A 54 -8.26 7.18 3.75
C TRP A 54 -8.73 8.36 2.89
N GLU A 55 -9.17 9.43 3.54
CA GLU A 55 -9.65 10.67 2.91
C GLU A 55 -8.65 11.29 1.93
N HIS A 56 -7.37 11.26 2.27
CA HIS A 56 -6.26 11.71 1.43
C HIS A 56 -4.99 10.97 1.83
N ASN A 57 -3.91 11.19 1.08
CA ASN A 57 -2.61 10.63 1.38
C ASN A 57 -2.08 11.17 2.74
N GLU A 58 -1.77 12.47 2.83
CA GLU A 58 -1.16 13.18 3.98
C GLU A 58 0.15 12.57 4.58
N ILE A 59 0.84 13.30 5.47
CA ILE A 59 2.04 12.87 6.23
C ILE A 59 2.16 13.60 7.59
N ASP A 60 1.07 13.66 8.33
CA ASP A 60 0.93 14.28 9.68
C ASP A 60 1.07 15.81 9.60
N THR A 61 0.51 16.33 8.51
CA THR A 61 0.51 17.73 8.10
C THR A 61 -0.35 18.56 9.07
N PRO A 62 -0.25 19.90 9.06
CA PRO A 62 -1.11 20.78 9.88
C PRO A 62 -2.58 20.86 9.39
N THR A 63 -3.05 19.89 8.59
CA THR A 63 -4.43 19.80 8.06
C THR A 63 -4.89 18.33 7.85
N PRO A 64 -4.92 17.49 8.91
CA PRO A 64 -5.34 16.10 8.77
C PRO A 64 -6.83 15.97 8.43
N GLY A 65 -7.16 15.03 7.53
CA GLY A 65 -8.53 14.72 7.10
C GLY A 65 -9.18 13.67 7.99
N LYS A 66 -9.49 12.49 7.42
CA LYS A 66 -10.10 11.35 8.11
C LYS A 66 -9.51 10.01 7.67
N PHE A 67 -9.49 9.07 8.60
CA PHE A 67 -8.97 7.71 8.45
C PHE A 67 -9.80 6.75 9.31
N GLN A 68 -10.12 5.57 8.78
CA GLN A 68 -10.76 4.48 9.51
C GLN A 68 -10.46 3.13 8.83
N GLU A 69 -10.78 2.04 9.54
CA GLU A 69 -10.59 0.67 9.10
C GLU A 69 -11.91 -0.11 9.23
N LEU A 70 -12.54 -0.41 8.09
CA LEU A 70 -13.76 -1.21 7.99
C LEU A 70 -13.47 -2.66 8.38
N ALA A 71 -13.80 -2.97 9.64
CA ALA A 71 -13.58 -4.26 10.27
C ALA A 71 -14.18 -5.45 9.47
N GLN A 72 -13.46 -6.58 9.47
CA GLN A 72 -13.84 -7.82 8.82
C GLN A 72 -15.22 -8.35 9.27
N GLY A 73 -15.94 -9.01 8.35
CA GLY A 73 -17.21 -9.69 8.64
C GLY A 73 -18.33 -8.76 9.13
N SER A 74 -18.49 -7.61 8.46
CA SER A 74 -19.40 -6.53 8.88
C SER A 74 -19.90 -5.71 7.69
N THR A 75 -20.96 -4.94 7.91
CA THR A 75 -21.57 -4.05 6.89
C THR A 75 -21.91 -2.72 7.54
N ASN A 76 -21.72 -1.65 6.79
CA ASN A 76 -21.85 -0.27 7.27
C ASN A 76 -22.73 0.50 6.29
N ASN A 77 -23.76 1.21 6.79
CA ASN A 77 -24.77 1.92 5.98
C ASN A 77 -25.00 3.39 6.38
N ASP A 78 -24.58 3.78 7.58
CA ASP A 78 -24.76 5.11 8.18
C ASP A 78 -23.45 5.59 8.85
N LEU A 79 -22.42 5.66 8.00
CA LEU A 79 -21.04 6.05 8.29
C LEU A 79 -20.60 7.29 7.48
N THR A 80 -21.56 7.94 6.81
CA THR A 80 -21.34 9.16 6.01
C THR A 80 -20.67 10.29 6.79
N SER A 81 -20.67 10.24 8.13
CA SER A 81 -19.88 11.08 9.04
C SER A 81 -18.40 11.24 8.64
N ILE A 82 -17.80 10.23 8.00
CA ILE A 82 -16.42 10.30 7.47
C ILE A 82 -16.28 11.28 6.28
N ASN A 83 -17.37 11.44 5.49
CA ASN A 83 -17.48 12.09 4.18
C ASN A 83 -16.14 12.22 3.41
N GLY A 84 -15.48 11.08 3.16
CA GLY A 84 -14.07 11.07 2.78
C GLY A 84 -13.49 9.72 2.39
N LEU A 85 -13.70 9.31 1.13
CA LEU A 85 -13.24 8.04 0.55
C LEU A 85 -12.43 8.24 -0.74
N SER A 86 -11.48 9.18 -0.77
CA SER A 86 -10.66 9.38 -1.99
C SER A 86 -9.72 8.20 -2.28
N LYS A 87 -9.20 7.53 -1.24
CA LYS A 87 -8.36 6.33 -1.36
C LYS A 87 -9.07 5.17 -0.66
N PHE A 88 -9.19 4.05 -1.39
CA PHE A 88 -9.76 2.81 -0.90
C PHE A 88 -8.74 1.68 -1.04
N GLN A 89 -8.42 1.02 0.07
CA GLN A 89 -7.57 -0.16 0.12
C GLN A 89 -8.41 -1.35 0.54
N VAL A 90 -8.38 -2.41 -0.26
CA VAL A 90 -9.10 -3.67 -0.03
C VAL A 90 -8.08 -4.76 0.15
N LEU A 91 -8.11 -5.44 1.29
CA LEU A 91 -7.11 -6.43 1.70
C LEU A 91 -7.80 -7.76 2.04
N PRO A 92 -7.13 -8.92 1.86
CA PRO A 92 -7.67 -10.20 2.26
C PRO A 92 -7.54 -10.42 3.78
N GLY A 93 -8.20 -11.46 4.30
CA GLY A 93 -8.29 -11.82 5.72
C GLY A 93 -7.02 -12.45 6.31
N ALA A 94 -5.85 -11.93 5.92
CA ALA A 94 -4.52 -12.40 6.28
C ALA A 94 -3.51 -11.24 6.35
N PHE A 95 -3.55 -10.34 5.36
CA PHE A 95 -2.72 -9.13 5.31
C PHE A 95 -3.42 -7.99 6.07
N GLN A 96 -2.71 -7.33 6.98
CA GLN A 96 -3.27 -6.27 7.84
C GLN A 96 -3.23 -4.90 7.17
N TRP A 97 -2.15 -4.66 6.41
CA TRP A 97 -1.90 -3.48 5.61
C TRP A 97 -1.07 -3.90 4.38
N ALA A 98 -1.13 -3.13 3.30
CA ALA A 98 -0.31 -3.38 2.12
C ALA A 98 0.27 -2.07 1.60
N VAL A 99 1.58 -2.09 1.35
CA VAL A 99 2.35 -0.92 0.94
C VAL A 99 2.64 -0.96 -0.54
N ASP A 100 2.42 0.18 -1.20
CA ASP A 100 2.90 0.38 -2.55
C ASP A 100 4.39 0.73 -2.52
N VAL A 101 5.19 0.14 -3.41
CA VAL A 101 6.56 0.58 -3.67
C VAL A 101 6.77 0.85 -5.16
N LYS A 102 7.68 1.77 -5.50
CA LYS A 102 8.04 2.10 -6.88
C LYS A 102 9.54 2.32 -7.03
N ILE A 103 10.04 1.99 -8.22
CA ILE A 103 11.46 2.00 -8.59
C ILE A 103 11.70 3.17 -9.56
N VAL A 104 12.70 4.01 -9.26
CA VAL A 104 13.07 5.19 -10.04
C VAL A 104 14.58 5.18 -10.27
N ASN A 105 15.00 4.98 -11.53
CA ASN A 105 16.39 5.18 -11.94
C ASN A 105 16.79 6.66 -11.81
N LYS A 106 18.02 6.93 -11.37
CA LYS A 106 18.68 8.24 -11.42
C LYS A 106 20.14 8.14 -11.92
N VAL A 107 20.44 7.08 -12.68
CA VAL A 107 21.78 6.74 -13.23
C VAL A 107 21.74 6.51 -14.75
N ASN A 108 20.90 5.59 -15.22
CA ASN A 108 20.77 5.22 -16.64
C ASN A 108 19.28 5.25 -17.05
N SER A 109 18.93 6.25 -17.86
CA SER A 109 17.58 6.42 -18.43
C SER A 109 17.31 5.37 -19.51
N THR A 110 16.76 4.23 -19.09
CA THR A 110 16.37 3.11 -19.97
C THR A 110 15.16 2.34 -19.39
N ALA A 111 15.14 2.14 -18.06
CA ALA A 111 14.17 1.34 -17.33
C ALA A 111 14.03 -0.13 -17.85
N GLY A 112 13.26 -0.96 -17.13
CA GLY A 112 13.08 -2.40 -17.40
C GLY A 112 14.29 -3.29 -17.10
N SER A 113 15.50 -2.86 -17.47
CA SER A 113 16.78 -3.54 -17.22
C SER A 113 17.13 -3.65 -15.74
N TYR A 114 16.67 -2.72 -14.91
CA TYR A 114 16.72 -2.80 -13.45
C TYR A 114 15.46 -3.51 -12.93
N GLU A 115 15.64 -4.68 -12.31
CA GLU A 115 14.59 -5.46 -11.65
C GLU A 115 14.89 -5.49 -10.15
N MET A 116 13.93 -5.04 -9.34
CA MET A 116 14.04 -4.98 -7.90
C MET A 116 13.05 -5.96 -7.25
N THR A 117 13.56 -6.77 -6.32
CA THR A 117 12.82 -7.80 -5.61
C THR A 117 12.94 -7.53 -4.11
N ILE A 118 11.80 -7.59 -3.41
CA ILE A 118 11.72 -7.33 -1.97
C ILE A 118 11.04 -8.52 -1.32
N THR A 119 11.69 -9.05 -0.29
CA THR A 119 11.33 -10.26 0.44
C THR A 119 11.19 -9.91 1.93
N PRO A 120 10.01 -9.47 2.38
CA PRO A 120 9.73 -9.26 3.80
C PRO A 120 9.66 -10.59 4.58
N TYR A 121 9.74 -10.50 5.92
CA TYR A 121 9.75 -11.61 6.89
C TYR A 121 8.83 -12.78 6.51
N GLN A 122 9.37 -13.82 5.85
CA GLN A 122 8.64 -15.03 5.40
C GLN A 122 7.21 -14.76 4.85
N VAL A 123 7.11 -13.76 3.98
CA VAL A 123 5.87 -13.27 3.37
C VAL A 123 6.02 -13.29 1.85
N ASP A 124 4.89 -13.35 1.13
CA ASP A 124 4.76 -13.27 -0.33
C ASP A 124 5.62 -12.15 -0.96
N LYS A 125 6.85 -12.50 -1.37
CA LYS A 125 7.79 -11.58 -2.01
C LYS A 125 7.23 -11.06 -3.33
N VAL A 126 7.70 -9.90 -3.75
CA VAL A 126 7.25 -9.28 -5.01
C VAL A 126 8.46 -8.74 -5.78
N ALA A 127 8.34 -8.81 -7.10
CA ALA A 127 9.33 -8.30 -8.04
C ALA A 127 8.64 -7.28 -8.95
N CYS A 128 9.30 -6.16 -9.15
CA CYS A 128 8.88 -5.11 -10.06
C CYS A 128 10.11 -4.67 -10.86
N LYS A 129 9.88 -4.23 -12.10
CA LYS A 129 10.93 -3.66 -12.94
C LYS A 129 10.74 -2.16 -13.03
N ASP A 130 11.84 -1.43 -13.10
CA ASP A 130 11.87 0.02 -13.29
C ASP A 130 10.94 0.40 -14.46
N GLY A 131 10.01 1.34 -14.26
CA GLY A 131 9.01 1.69 -15.29
C GLY A 131 7.75 0.81 -15.29
N ASP A 132 7.13 0.59 -14.13
CA ASP A 132 5.81 -0.04 -13.97
C ASP A 132 4.94 0.75 -12.96
N ASP A 133 3.64 0.45 -12.91
CA ASP A 133 2.75 0.98 -11.87
C ASP A 133 3.22 0.56 -10.46
N PHE A 134 2.87 1.34 -9.43
CA PHE A 134 3.21 1.05 -8.02
C PHE A 134 2.88 -0.41 -7.67
N VAL A 135 3.86 -1.16 -7.14
CA VAL A 135 3.70 -2.59 -6.85
C VAL A 135 3.25 -2.78 -5.41
N GLN A 136 2.12 -3.47 -5.23
CA GLN A 136 1.53 -3.74 -3.91
C GLN A 136 2.32 -4.86 -3.21
N LEU A 137 2.70 -4.60 -1.96
CA LEU A 137 3.44 -5.51 -1.09
C LEU A 137 2.58 -5.80 0.16
N PRO A 138 2.00 -7.00 0.27
CA PRO A 138 1.16 -7.36 1.41
C PRO A 138 1.99 -7.57 2.67
N ILE A 139 1.48 -7.17 3.84
CA ILE A 139 2.15 -7.31 5.14
C ILE A 139 1.15 -7.86 6.18
N PRO A 140 1.46 -8.96 6.90
CA PRO A 140 0.58 -9.55 7.92
C PRO A 140 0.47 -8.68 9.18
N LYS A 141 -0.37 -9.08 10.16
CA LYS A 141 -0.42 -8.45 11.49
C LYS A 141 0.70 -8.94 12.40
N LEU A 142 1.23 -8.04 13.23
CA LEU A 142 2.28 -8.30 14.24
C LEU A 142 2.15 -7.34 15.45
N THR A 143 0.93 -7.21 15.99
CA THR A 143 0.59 -6.25 17.06
C THR A 143 1.59 -6.25 18.25
N PRO A 144 1.99 -5.07 18.79
CA PRO A 144 1.62 -3.73 18.34
C PRO A 144 2.27 -3.37 16.99
N PRO A 145 1.57 -2.63 16.11
CA PRO A 145 2.05 -2.37 14.75
C PRO A 145 3.30 -1.47 14.68
N ASP A 146 3.61 -0.75 15.78
CA ASP A 146 4.89 -0.03 15.96
C ASP A 146 6.12 -0.96 16.09
N SER A 147 5.95 -2.29 16.07
CA SER A 147 7.03 -3.25 15.84
C SER A 147 7.56 -3.14 14.40
N GLU A 148 8.87 -2.93 14.26
CA GLU A 148 9.59 -3.10 13.00
C GLU A 148 9.59 -4.58 12.54
N ILE A 149 9.28 -4.82 11.26
CA ILE A 149 9.43 -6.10 10.57
C ILE A 149 10.72 -6.07 9.73
N VAL A 150 11.55 -7.11 9.81
CA VAL A 150 12.77 -7.20 8.98
C VAL A 150 12.41 -7.64 7.55
N SER A 151 13.12 -7.07 6.57
CA SER A 151 12.94 -7.34 5.14
C SER A 151 14.29 -7.30 4.42
N HIS A 152 14.36 -7.93 3.25
CA HIS A 152 15.56 -7.94 2.41
C HIS A 152 15.23 -7.40 1.02
N LEU A 153 16.14 -6.62 0.45
CA LEU A 153 16.03 -5.96 -0.84
C LEU A 153 17.21 -6.37 -1.71
N THR A 154 16.89 -6.86 -2.91
CA THR A 154 17.84 -7.36 -3.89
C THR A 154 17.43 -6.89 -5.27
N VAL A 155 18.24 -6.02 -5.86
CA VAL A 155 18.06 -5.49 -7.21
C VAL A 155 19.20 -6.01 -8.08
N ARG A 156 18.83 -6.64 -9.21
CA ARG A 156 19.74 -7.30 -10.17
C ARG A 156 19.40 -6.82 -11.58
N GLN A 157 20.43 -6.58 -12.39
CA GLN A 157 20.24 -6.24 -13.80
C GLN A 157 19.74 -7.47 -14.58
N THR A 158 18.60 -7.34 -15.27
CA THR A 158 17.99 -8.40 -16.11
C THR A 158 18.77 -8.67 -17.40
N HIS A 159 19.66 -7.74 -17.76
CA HIS A 159 20.59 -7.81 -18.89
C HIS A 159 22.06 -7.80 -18.42
N THR A 160 23.00 -7.99 -19.35
CA THR A 160 24.45 -7.98 -19.09
C THR A 160 24.95 -6.71 -18.36
N PRO A 161 25.99 -6.81 -17.50
CA PRO A 161 26.78 -8.00 -17.17
C PRO A 161 26.08 -8.99 -16.21
N TYR A 162 24.80 -8.74 -15.88
CA TYR A 162 23.91 -9.66 -15.14
C TYR A 162 24.37 -9.93 -13.70
N ASP A 163 24.97 -8.92 -13.06
CA ASP A 163 25.45 -8.98 -11.67
C ASP A 163 24.39 -8.44 -10.69
N TYR A 164 24.38 -8.96 -9.45
CA TYR A 164 23.63 -8.39 -8.33
C TYR A 164 24.07 -6.93 -8.10
N VAL A 165 23.18 -5.98 -8.44
CA VAL A 165 23.47 -4.54 -8.39
C VAL A 165 23.68 -4.11 -6.94
N VAL A 166 22.70 -4.37 -6.07
CA VAL A 166 22.87 -4.30 -4.60
C VAL A 166 21.99 -5.31 -3.87
N ASN A 167 22.41 -5.70 -2.67
CA ASN A 167 21.83 -6.76 -1.84
C ASN A 167 21.87 -6.37 -0.35
N GLY A 168 20.94 -5.50 0.05
CA GLY A 168 20.83 -4.94 1.41
C GLY A 168 19.56 -5.37 2.14
N SER A 169 19.39 -4.85 3.36
CA SER A 169 18.24 -5.13 4.21
C SER A 169 17.60 -3.82 4.68
N VAL A 170 16.29 -3.86 4.88
CA VAL A 170 15.44 -2.74 5.27
C VAL A 170 14.39 -3.23 6.27
N TYR A 171 13.82 -2.31 7.03
CA TYR A 171 12.83 -2.61 8.05
C TYR A 171 11.61 -1.73 7.81
N PHE A 172 10.43 -2.31 7.94
CA PHE A 172 9.16 -1.63 7.70
C PHE A 172 8.37 -1.59 9.03
N LYS A 173 7.61 -0.53 9.28
CA LYS A 173 6.82 -0.33 10.51
C LYS A 173 5.47 0.31 10.15
N TYR A 174 4.46 0.16 11.00
CA TYR A 174 3.11 0.71 10.79
C TYR A 174 2.65 1.55 11.99
N SER A 175 2.43 2.85 11.81
CA SER A 175 1.97 3.70 12.92
C SER A 175 0.44 3.58 13.04
N PRO A 176 -0.11 3.10 14.17
CA PRO A 176 -1.55 2.93 14.34
C PRO A 176 -2.31 4.26 14.40
N THR A 177 -1.59 5.36 14.70
CA THR A 177 -2.10 6.74 14.83
C THR A 177 -3.03 7.12 13.69
N THR A 178 -2.61 6.92 12.43
CA THR A 178 -3.42 7.13 11.22
C THR A 178 -3.14 6.09 10.12
N GLY A 179 -2.84 4.84 10.51
CA GLY A 179 -2.54 3.74 9.58
C GLY A 179 -1.35 4.02 8.65
N GLN A 180 -0.28 4.61 9.19
CA GLN A 180 0.91 5.06 8.47
C GLN A 180 1.93 3.95 8.24
N VAL A 181 2.97 4.25 7.48
CA VAL A 181 4.16 3.39 7.34
C VAL A 181 5.44 4.19 7.58
N THR A 182 6.41 3.56 8.24
CA THR A 182 7.70 4.17 8.61
C THR A 182 8.79 3.15 8.35
N VAL A 183 9.61 3.38 7.32
CA VAL A 183 10.78 2.53 7.07
C VAL A 183 11.97 2.96 7.91
N ILE A 184 12.70 1.96 8.39
CA ILE A 184 13.94 2.07 9.14
C ILE A 184 15.02 1.33 8.37
N LYS A 185 16.19 1.97 8.24
CA LYS A 185 17.31 1.53 7.43
C LYS A 185 18.59 2.09 8.06
N LYS A 186 19.61 1.24 8.23
CA LYS A 186 20.83 1.54 8.98
C LYS A 186 22.03 1.55 8.03
N ASP A 187 23.07 2.31 8.37
CA ASP A 187 24.23 2.51 7.50
C ASP A 187 25.03 1.22 7.23
N GLU A 188 24.81 0.17 8.04
CA GLU A 188 25.33 -1.20 7.85
C GLU A 188 24.36 -2.16 7.13
N THR A 189 23.04 -2.00 7.30
CA THR A 189 22.02 -2.90 6.73
C THR A 189 21.63 -2.48 5.32
N PHE A 190 21.45 -1.18 5.12
CA PHE A 190 21.12 -0.51 3.88
C PHE A 190 22.40 -0.19 3.06
N PRO A 191 22.35 -0.19 1.71
CA PRO A 191 23.47 0.25 0.89
C PRO A 191 23.58 1.79 0.86
N LYS A 192 24.60 2.30 0.16
CA LYS A 192 24.96 3.73 0.05
C LYS A 192 24.90 4.20 -1.42
N ASN A 193 23.85 3.78 -2.11
CA ASN A 193 23.68 3.95 -3.57
C ASN A 193 22.22 4.21 -4.00
N MET A 194 21.27 3.71 -3.21
CA MET A 194 19.83 3.75 -3.44
C MET A 194 19.15 4.09 -2.12
N THR A 195 18.12 4.94 -2.16
CA THR A 195 17.40 5.40 -0.97
C THR A 195 15.89 5.35 -1.18
N VAL A 196 15.13 5.26 -0.09
CA VAL A 196 13.67 5.20 -0.11
C VAL A 196 13.07 6.18 0.88
N THR A 197 11.97 6.81 0.47
CA THR A 197 11.18 7.74 1.28
C THR A 197 9.69 7.53 1.04
N GLN A 198 8.85 8.04 1.94
CA GLN A 198 7.40 7.96 1.89
C GLN A 198 6.81 9.36 1.98
N ASP A 199 6.08 9.77 0.94
CA ASP A 199 5.50 11.11 0.83
C ASP A 199 4.00 11.08 0.46
N ASP A 200 3.39 9.88 0.48
CA ASP A 200 2.01 9.64 0.01
C ASP A 200 1.21 8.68 0.93
N ASN A 201 1.68 8.46 2.17
CA ASN A 201 1.12 7.55 3.20
C ASN A 201 0.77 6.14 2.69
N THR A 202 1.64 5.18 3.01
CA THR A 202 1.52 3.76 2.56
C THR A 202 2.05 3.57 1.12
N SER A 203 2.90 4.50 0.66
CA SER A 203 3.60 4.48 -0.65
C SER A 203 5.06 4.88 -0.52
N PHE A 204 5.97 4.07 -1.05
CA PHE A 204 7.42 4.21 -0.95
C PHE A 204 8.06 4.39 -2.33
N ILE A 205 8.97 5.35 -2.47
CA ILE A 205 9.62 5.68 -3.74
C ILE A 205 11.13 5.47 -3.60
N PHE A 206 11.64 4.39 -4.20
CA PHE A 206 13.06 4.04 -4.24
C PHE A 206 13.77 4.76 -5.40
N ASN A 207 14.86 5.48 -5.12
CA ASN A 207 15.66 6.23 -6.09
C ASN A 207 17.10 5.67 -6.14
N LEU A 208 17.55 5.21 -7.31
CA LEU A 208 18.90 4.70 -7.55
C LEU A 208 19.84 5.87 -7.93
N ASN A 209 20.62 6.40 -6.99
CA ASN A 209 21.57 7.52 -7.21
C ASN A 209 22.91 7.08 -7.86
N SER A 210 23.35 5.84 -7.59
CA SER A 210 24.60 5.25 -8.10
C SER A 210 24.38 3.77 -8.35
N GLU A 211 24.84 3.22 -9.49
CA GLU A 211 24.63 1.80 -9.81
C GLU A 211 25.23 0.87 -8.74
N LYS A 212 26.50 1.10 -8.38
CA LYS A 212 27.32 0.21 -7.54
C LYS A 212 28.22 1.00 -6.59
N SER A 1 -25.45 -12.29 -2.22
CA SER A 1 -24.70 -11.77 -1.06
C SER A 1 -23.28 -11.28 -1.40
N VAL A 2 -22.59 -10.67 -0.44
CA VAL A 2 -21.14 -10.47 -0.53
C VAL A 2 -20.43 -11.81 -0.35
N ASP A 3 -19.56 -12.17 -1.30
CA ASP A 3 -18.72 -13.37 -1.18
C ASP A 3 -17.75 -13.19 -0.01
N ALA A 4 -17.44 -14.26 0.75
CA ALA A 4 -16.50 -14.22 1.87
C ALA A 4 -15.11 -13.66 1.53
N ASN A 5 -14.75 -13.65 0.23
CA ASN A 5 -13.48 -13.19 -0.33
C ASN A 5 -13.63 -11.97 -1.27
N LYS A 6 -14.74 -11.22 -1.21
CA LYS A 6 -15.04 -10.03 -2.04
C LYS A 6 -15.62 -8.90 -1.18
N VAL A 7 -15.77 -7.71 -1.78
CA VAL A 7 -16.33 -6.51 -1.13
C VAL A 7 -17.18 -5.75 -2.15
N LYS A 8 -18.21 -5.04 -1.70
CA LYS A 8 -19.04 -4.16 -2.55
C LYS A 8 -19.55 -2.93 -1.81
N PHE A 9 -19.74 -1.85 -2.58
CA PHE A 9 -19.96 -0.50 -2.09
C PHE A 9 -21.21 0.08 -2.74
N PHE A 10 -22.11 0.65 -1.94
CA PHE A 10 -23.42 1.12 -2.39
C PHE A 10 -23.62 2.59 -1.96
N PHE A 11 -23.95 3.45 -2.93
CA PHE A 11 -24.07 4.90 -2.74
C PHE A 11 -25.47 5.30 -2.23
N GLY A 12 -25.87 4.69 -1.12
CA GLY A 12 -27.09 5.01 -0.38
C GLY A 12 -27.26 4.11 0.83
N LYS A 13 -27.87 4.64 1.89
CA LYS A 13 -28.10 3.92 3.16
C LYS A 13 -28.96 2.67 2.94
N ASN A 14 -28.54 1.55 3.53
CA ASN A 14 -29.21 0.23 3.47
C ASN A 14 -29.10 -0.46 2.08
N CYS A 15 -27.93 -0.40 1.43
CA CYS A 15 -27.69 -0.89 0.06
C CYS A 15 -28.67 -0.31 -0.99
N THR A 16 -28.65 1.02 -1.14
CA THR A 16 -29.53 1.79 -2.05
C THR A 16 -28.74 2.77 -2.94
N GLY A 17 -29.45 3.49 -3.82
CA GLY A 17 -28.89 4.54 -4.70
C GLY A 17 -28.13 4.00 -5.91
N GLU A 18 -26.84 3.68 -5.73
CA GLU A 18 -25.97 3.05 -6.74
C GLU A 18 -25.21 1.86 -6.13
N SER A 19 -24.54 1.07 -6.98
CA SER A 19 -23.84 -0.18 -6.59
C SER A 19 -22.49 -0.31 -7.30
N PHE A 20 -21.52 -0.94 -6.64
CA PHE A 20 -20.14 -1.11 -7.09
C PHE A 20 -19.53 -2.40 -6.51
N GLU A 21 -18.65 -3.05 -7.26
CA GLU A 21 -18.07 -4.36 -6.91
C GLU A 21 -16.53 -4.29 -6.90
N TYR A 22 -15.91 -4.80 -5.84
CA TYR A 22 -14.48 -4.67 -5.56
C TYR A 22 -13.83 -6.03 -5.26
N ASN A 23 -12.69 -6.25 -5.90
CA ASN A 23 -11.79 -7.37 -5.64
C ASN A 23 -11.01 -7.17 -4.32
N LYS A 24 -10.87 -8.26 -3.56
CA LYS A 24 -9.97 -8.35 -2.41
C LYS A 24 -8.50 -8.25 -2.83
N GLY A 25 -7.66 -7.69 -1.96
CA GLY A 25 -6.20 -7.63 -2.13
C GLY A 25 -5.78 -6.69 -3.25
N GLU A 26 -6.43 -5.53 -3.34
CA GLU A 26 -6.25 -4.54 -4.41
C GLU A 26 -6.38 -3.10 -3.90
N THR A 27 -5.85 -2.18 -4.69
CA THR A 27 -5.81 -0.74 -4.41
C THR A 27 -6.53 -0.02 -5.55
N VAL A 28 -7.44 0.89 -5.22
CA VAL A 28 -8.24 1.66 -6.20
C VAL A 28 -8.15 3.14 -5.85
N ARG A 29 -8.06 3.97 -6.88
CA ARG A 29 -7.98 5.43 -6.77
C ARG A 29 -9.04 6.11 -7.61
N PHE A 30 -9.44 7.29 -7.15
CA PHE A 30 -10.43 8.15 -7.78
C PHE A 30 -9.82 9.55 -8.00
N ASN A 31 -10.54 10.40 -8.73
CA ASN A 31 -10.17 11.78 -9.05
C ASN A 31 -9.77 12.59 -7.81
N ASN A 32 -8.47 12.88 -7.64
CA ASN A 32 -7.94 13.71 -6.55
C ASN A 32 -8.47 15.16 -6.55
N GLY A 33 -9.06 15.61 -7.66
CA GLY A 33 -9.69 16.92 -7.85
C GLY A 33 -10.95 17.17 -7.02
N ASP A 34 -11.49 16.14 -6.35
CA ASP A 34 -12.55 16.22 -5.34
C ASP A 34 -13.92 16.64 -5.84
N LYS A 35 -14.71 15.64 -6.27
CA LYS A 35 -15.99 15.84 -6.96
C LYS A 35 -17.08 14.84 -6.55
N TRP A 36 -16.78 13.54 -6.65
CA TRP A 36 -17.68 12.43 -6.25
C TRP A 36 -16.90 11.18 -5.81
N ASN A 37 -15.61 11.32 -5.47
CA ASN A 37 -14.74 10.23 -5.04
C ASN A 37 -15.16 9.54 -3.73
N ASP A 38 -15.89 10.25 -2.86
CA ASP A 38 -16.57 9.69 -1.67
C ASP A 38 -17.50 8.53 -2.05
N LYS A 39 -18.63 8.83 -2.73
CA LYS A 39 -19.73 7.92 -3.14
C LYS A 39 -19.94 6.68 -2.22
N PHE A 40 -19.98 6.93 -0.92
CA PHE A 40 -20.03 5.94 0.17
C PHE A 40 -21.14 6.31 1.14
N MET A 41 -21.94 5.31 1.53
CA MET A 41 -23.02 5.37 2.53
C MET A 41 -23.27 4.00 3.17
N SER A 42 -23.35 2.95 2.35
CA SER A 42 -23.56 1.57 2.79
C SER A 42 -22.61 0.64 2.02
N CYS A 43 -21.89 -0.22 2.73
CA CYS A 43 -20.91 -1.12 2.15
C CYS A 43 -20.96 -2.48 2.84
N LEU A 44 -20.72 -3.53 2.07
CA LEU A 44 -20.76 -4.92 2.53
C LEU A 44 -19.41 -5.56 2.22
N VAL A 45 -18.78 -6.04 3.30
CA VAL A 45 -17.48 -6.71 3.31
C VAL A 45 -17.77 -8.19 3.53
N GLY A 46 -17.00 -9.08 2.88
CA GLY A 46 -17.19 -10.54 2.83
C GLY A 46 -17.31 -11.28 4.17
N SER A 47 -16.19 -11.86 4.62
CA SER A 47 -16.07 -12.58 5.91
C SER A 47 -14.62 -12.72 6.34
N ASN A 48 -13.74 -13.04 5.39
CA ASN A 48 -12.30 -13.24 5.59
C ASN A 48 -11.50 -12.15 4.86
N VAL A 49 -12.06 -10.93 4.79
CA VAL A 49 -11.53 -9.73 4.12
C VAL A 49 -11.94 -8.48 4.90
N ARG A 50 -11.20 -7.38 4.75
CA ARG A 50 -11.36 -6.11 5.48
C ARG A 50 -11.24 -4.92 4.52
N CYS A 51 -11.84 -3.78 4.84
CA CYS A 51 -11.82 -2.62 3.95
C CYS A 51 -11.24 -1.39 4.66
N ASN A 52 -10.49 -0.57 3.94
CA ASN A 52 -9.74 0.54 4.49
C ASN A 52 -9.95 1.78 3.63
N ILE A 53 -10.11 2.91 4.32
CA ILE A 53 -10.58 4.17 3.76
C ILE A 53 -9.56 5.24 4.10
N TRP A 54 -8.99 5.86 3.07
CA TRP A 54 -8.04 6.96 3.18
C TRP A 54 -8.49 8.13 2.33
N GLU A 55 -8.42 9.33 2.90
CA GLU A 55 -8.81 10.53 2.17
C GLU A 55 -7.86 10.79 0.99
N HIS A 56 -6.58 10.99 1.26
CA HIS A 56 -5.58 11.31 0.24
C HIS A 56 -4.16 11.01 0.73
N ASN A 57 -3.18 11.30 -0.14
CA ASN A 57 -1.76 11.26 0.21
C ASN A 57 -1.36 12.33 1.24
N GLU A 58 -0.66 11.93 2.30
CA GLU A 58 -0.11 12.77 3.37
C GLU A 58 0.99 12.02 4.15
N ILE A 59 1.58 12.63 5.19
CA ILE A 59 2.59 12.03 6.08
C ILE A 59 2.45 12.45 7.56
N ASP A 60 1.21 12.47 8.08
CA ASP A 60 0.86 13.02 9.41
C ASP A 60 1.26 14.50 9.53
N THR A 61 0.86 15.26 8.50
CA THR A 61 1.01 16.71 8.40
C THR A 61 0.17 17.43 9.49
N PRO A 62 0.36 18.73 9.72
CA PRO A 62 -0.50 19.52 10.62
C PRO A 62 -1.91 19.81 10.04
N THR A 63 -2.29 19.18 8.92
CA THR A 63 -3.61 19.31 8.27
C THR A 63 -4.05 17.99 7.59
N PRO A 64 -4.14 16.86 8.34
CA PRO A 64 -4.56 15.60 7.75
C PRO A 64 -6.04 15.65 7.33
N GLY A 65 -6.40 14.82 6.34
CA GLY A 65 -7.77 14.70 5.86
C GLY A 65 -8.61 13.82 6.79
N LYS A 66 -8.88 12.59 6.33
CA LYS A 66 -9.69 11.58 7.03
C LYS A 66 -9.10 10.18 6.79
N PHE A 67 -9.29 9.29 7.76
CA PHE A 67 -8.84 7.90 7.74
C PHE A 67 -9.79 7.04 8.58
N GLN A 68 -10.09 5.82 8.13
CA GLN A 68 -10.86 4.83 8.90
C GLN A 68 -10.64 3.43 8.33
N GLU A 69 -10.85 2.40 9.16
CA GLU A 69 -10.70 0.99 8.76
C GLU A 69 -12.01 0.25 9.02
N LEU A 70 -12.81 0.09 7.97
CA LEU A 70 -14.02 -0.73 7.95
C LEU A 70 -13.67 -2.15 8.42
N ALA A 71 -14.39 -2.60 9.46
CA ALA A 71 -14.24 -3.91 10.06
C ALA A 71 -14.33 -5.06 9.03
N GLN A 72 -13.87 -6.24 9.45
CA GLN A 72 -14.04 -7.48 8.69
C GLN A 72 -15.52 -7.78 8.41
N GLY A 73 -15.77 -8.72 7.49
CA GLY A 73 -17.08 -9.06 6.91
C GLY A 73 -18.33 -8.69 7.70
N SER A 74 -19.08 -7.69 7.21
CA SER A 74 -20.23 -7.08 7.91
C SER A 74 -21.08 -6.18 6.99
N THR A 75 -22.17 -5.64 7.55
CA THR A 75 -23.09 -4.69 6.92
C THR A 75 -22.90 -3.30 7.55
N ASN A 76 -22.12 -2.44 6.89
CA ASN A 76 -21.96 -1.04 7.25
C ASN A 76 -23.03 -0.20 6.54
N ASN A 77 -23.79 0.62 7.28
CA ASN A 77 -24.85 1.51 6.76
C ASN A 77 -24.70 2.97 7.25
N ASP A 78 -23.55 3.33 7.85
CA ASP A 78 -23.34 4.65 8.47
C ASP A 78 -21.85 5.07 8.49
N LEU A 79 -21.11 4.75 7.42
CA LEU A 79 -19.69 5.07 7.24
C LEU A 79 -19.44 6.49 6.67
N THR A 80 -20.51 7.24 6.36
CA THR A 80 -20.49 8.64 5.90
C THR A 80 -19.78 9.61 6.86
N SER A 81 -19.48 9.20 8.10
CA SER A 81 -18.56 9.88 9.02
C SER A 81 -17.22 10.30 8.36
N ILE A 82 -16.72 9.54 7.37
CA ILE A 82 -15.52 9.89 6.61
C ILE A 82 -15.73 11.09 5.66
N ASN A 83 -16.91 11.23 5.06
CA ASN A 83 -17.32 12.21 4.04
C ASN A 83 -16.19 12.68 3.09
N GLY A 84 -15.42 11.71 2.58
CA GLY A 84 -14.21 11.97 1.80
C GLY A 84 -13.26 10.77 1.78
N LEU A 85 -13.17 10.08 0.62
CA LEU A 85 -12.19 9.02 0.41
C LEU A 85 -11.71 8.93 -1.06
N SER A 86 -10.70 9.71 -1.41
CA SER A 86 -10.08 9.67 -2.75
C SER A 86 -9.17 8.44 -2.97
N LYS A 87 -8.93 7.64 -1.91
CA LYS A 87 -8.10 6.43 -1.88
C LYS A 87 -8.85 5.26 -1.23
N PHE A 88 -8.72 4.08 -1.82
CA PHE A 88 -9.42 2.85 -1.41
C PHE A 88 -8.41 1.70 -1.32
N GLN A 89 -8.39 0.99 -0.19
CA GLN A 89 -7.54 -0.18 0.02
C GLN A 89 -8.41 -1.34 0.50
N VAL A 90 -8.43 -2.44 -0.26
CA VAL A 90 -9.21 -3.63 0.06
C VAL A 90 -8.22 -4.77 0.28
N LEU A 91 -8.21 -5.35 1.48
CA LEU A 91 -7.21 -6.32 1.91
C LEU A 91 -7.90 -7.60 2.44
N PRO A 92 -7.30 -8.80 2.33
CA PRO A 92 -7.84 -10.02 2.92
C PRO A 92 -7.73 -10.04 4.46
N GLY A 93 -8.08 -11.17 5.06
CA GLY A 93 -7.96 -11.43 6.50
C GLY A 93 -6.60 -12.04 6.90
N ALA A 94 -5.95 -12.77 5.98
CA ALA A 94 -4.59 -13.27 6.16
C ALA A 94 -3.55 -12.13 6.23
N PHE A 95 -3.67 -11.13 5.36
CA PHE A 95 -2.82 -9.93 5.32
C PHE A 95 -3.47 -8.83 6.16
N GLN A 96 -2.76 -8.25 7.13
CA GLN A 96 -3.34 -7.30 8.08
C GLN A 96 -3.37 -5.88 7.49
N TRP A 97 -2.23 -5.47 6.92
CA TRP A 97 -2.03 -4.24 6.18
C TRP A 97 -1.08 -4.52 4.99
N ALA A 98 -1.09 -3.65 3.99
CA ALA A 98 -0.23 -3.77 2.81
C ALA A 98 0.27 -2.38 2.41
N VAL A 99 1.44 -2.33 1.79
CA VAL A 99 2.12 -1.08 1.43
C VAL A 99 2.38 -1.00 -0.07
N ASP A 100 2.20 0.17 -0.65
CA ASP A 100 2.59 0.44 -2.03
C ASP A 100 4.11 0.67 -2.12
N VAL A 101 4.74 0.11 -3.16
CA VAL A 101 6.15 0.32 -3.50
C VAL A 101 6.26 0.66 -4.99
N LYS A 102 7.22 1.56 -5.31
CA LYS A 102 7.40 2.13 -6.64
C LYS A 102 8.88 2.44 -6.86
N ILE A 103 9.42 2.04 -8.02
CA ILE A 103 10.81 2.25 -8.40
C ILE A 103 10.90 3.52 -9.26
N VAL A 104 11.92 4.35 -9.00
CA VAL A 104 12.21 5.63 -9.66
C VAL A 104 13.73 5.74 -9.85
N ASN A 105 14.23 5.36 -11.02
CA ASN A 105 15.64 5.56 -11.35
C ASN A 105 15.93 7.05 -11.62
N LYS A 106 16.88 7.62 -10.86
CA LYS A 106 17.36 9.01 -10.98
C LYS A 106 18.75 9.10 -11.64
N VAL A 107 19.23 8.01 -12.24
CA VAL A 107 20.53 7.88 -12.91
C VAL A 107 20.36 7.35 -14.34
N ASN A 108 19.94 6.09 -14.50
CA ASN A 108 19.68 5.49 -15.81
C ASN A 108 18.20 5.69 -16.22
N SER A 109 17.95 6.22 -17.42
CA SER A 109 16.60 6.53 -17.91
C SER A 109 16.11 5.46 -18.90
N THR A 110 16.15 4.20 -18.45
CA THR A 110 15.87 3.00 -19.27
C THR A 110 15.07 1.97 -18.46
N ALA A 111 13.86 2.37 -18.09
CA ALA A 111 12.91 1.56 -17.33
C ALA A 111 12.64 0.18 -17.98
N GLY A 112 12.46 -0.84 -17.14
CA GLY A 112 12.20 -2.24 -17.54
C GLY A 112 13.37 -3.21 -17.29
N SER A 113 14.62 -2.72 -17.33
CA SER A 113 15.83 -3.52 -17.08
C SER A 113 16.22 -3.62 -15.61
N TYR A 114 16.01 -2.55 -14.84
CA TYR A 114 16.12 -2.55 -13.39
C TYR A 114 15.00 -3.38 -12.78
N GLU A 115 15.34 -4.34 -11.94
CA GLU A 115 14.42 -5.21 -11.20
C GLU A 115 14.79 -5.18 -9.71
N MET A 116 13.84 -4.85 -8.86
CA MET A 116 13.96 -4.88 -7.40
C MET A 116 13.03 -5.96 -6.83
N THR A 117 13.56 -6.73 -5.90
CA THR A 117 12.86 -7.78 -5.17
C THR A 117 12.96 -7.48 -3.68
N ILE A 118 11.84 -7.61 -2.98
CA ILE A 118 11.74 -7.36 -1.54
C ILE A 118 11.04 -8.52 -0.84
N THR A 119 11.60 -8.91 0.31
CA THR A 119 11.20 -10.11 1.07
C THR A 119 11.15 -9.77 2.56
N PRO A 120 9.97 -9.40 3.11
CA PRO A 120 9.78 -9.28 4.55
C PRO A 120 9.74 -10.66 5.24
N TYR A 121 9.87 -10.64 6.57
CA TYR A 121 9.88 -11.76 7.53
C TYR A 121 9.13 -13.03 7.09
N GLN A 122 9.81 -13.90 6.31
CA GLN A 122 9.26 -15.13 5.73
C GLN A 122 7.82 -14.98 5.14
N VAL A 123 7.62 -13.90 4.38
CA VAL A 123 6.36 -13.52 3.71
C VAL A 123 6.50 -13.65 2.19
N ASP A 124 5.36 -13.75 1.49
CA ASP A 124 5.20 -13.81 0.03
C ASP A 124 6.09 -12.79 -0.71
N LYS A 125 7.27 -13.23 -1.16
CA LYS A 125 8.25 -12.38 -1.85
C LYS A 125 7.66 -11.84 -3.16
N VAL A 126 7.99 -10.60 -3.50
CA VAL A 126 7.52 -9.93 -4.72
C VAL A 126 8.66 -9.18 -5.38
N ALA A 127 8.61 -9.17 -6.71
CA ALA A 127 9.60 -8.57 -7.59
C ALA A 127 8.89 -7.67 -8.61
N CYS A 128 9.47 -6.50 -8.86
CA CYS A 128 8.96 -5.49 -9.76
C CYS A 128 10.11 -4.79 -10.48
N LYS A 129 9.79 -4.15 -11.60
CA LYS A 129 10.77 -3.52 -12.49
C LYS A 129 10.48 -2.02 -12.60
N ASP A 130 11.50 -1.23 -12.92
CA ASP A 130 11.34 0.21 -13.08
C ASP A 130 10.30 0.52 -14.19
N GLY A 131 9.51 1.57 -14.01
CA GLY A 131 8.45 1.97 -14.95
C GLY A 131 7.24 1.02 -14.99
N ASP A 132 6.71 0.65 -13.83
CA ASP A 132 5.46 -0.11 -13.67
C ASP A 132 4.47 0.64 -12.75
N ASP A 133 3.18 0.27 -12.81
CA ASP A 133 2.15 0.72 -11.86
C ASP A 133 2.55 0.43 -10.40
N PHE A 134 2.03 1.23 -9.45
CA PHE A 134 2.27 1.07 -8.01
C PHE A 134 1.98 -0.37 -7.55
N VAL A 135 3.02 -1.03 -7.03
CA VAL A 135 3.02 -2.46 -6.66
C VAL A 135 2.62 -2.59 -5.18
N GLN A 136 1.83 -3.59 -4.81
CA GLN A 136 1.41 -3.79 -3.41
C GLN A 136 2.19 -4.94 -2.76
N LEU A 137 2.65 -4.74 -1.52
CA LEU A 137 3.33 -5.71 -0.67
C LEU A 137 2.45 -5.96 0.57
N PRO A 138 1.72 -7.08 0.62
CA PRO A 138 0.94 -7.46 1.81
C PRO A 138 1.83 -7.96 2.94
N ILE A 139 1.41 -7.70 4.19
CA ILE A 139 2.16 -8.04 5.42
C ILE A 139 1.18 -8.62 6.46
N PRO A 140 1.48 -9.75 7.13
CA PRO A 140 0.64 -10.37 8.15
C PRO A 140 0.64 -9.60 9.48
N LYS A 141 -0.19 -10.03 10.44
CA LYS A 141 -0.31 -9.39 11.75
C LYS A 141 0.99 -9.46 12.57
N LEU A 142 1.23 -8.42 13.36
CA LEU A 142 2.41 -8.22 14.21
C LEU A 142 2.06 -7.30 15.41
N THR A 143 2.85 -7.36 16.48
CA THR A 143 2.64 -6.58 17.70
C THR A 143 3.96 -6.22 18.40
N PRO A 144 4.11 -4.99 18.95
CA PRO A 144 3.20 -3.86 18.79
C PRO A 144 3.10 -3.39 17.32
N PRO A 145 2.00 -2.73 16.92
CA PRO A 145 1.84 -2.25 15.55
C PRO A 145 2.90 -1.20 15.18
N ASP A 146 3.22 -0.30 16.12
CA ASP A 146 4.31 0.69 16.04
C ASP A 146 5.73 0.06 16.17
N SER A 147 5.84 -1.27 16.17
CA SER A 147 7.12 -1.97 16.01
C SER A 147 7.57 -2.01 14.54
N GLU A 148 8.70 -2.66 14.28
CA GLU A 148 9.25 -2.90 12.95
C GLU A 148 9.36 -4.40 12.62
N ILE A 149 9.46 -4.72 11.33
CA ILE A 149 9.57 -6.08 10.79
C ILE A 149 10.85 -6.20 9.96
N VAL A 150 11.59 -7.28 10.19
CA VAL A 150 12.81 -7.61 9.44
C VAL A 150 12.47 -7.88 7.96
N SER A 151 13.22 -7.27 7.05
CA SER A 151 13.05 -7.44 5.60
C SER A 151 14.39 -7.37 4.87
N HIS A 152 14.40 -7.77 3.61
CA HIS A 152 15.57 -7.71 2.73
C HIS A 152 15.20 -7.14 1.36
N LEU A 153 16.15 -6.42 0.76
CA LEU A 153 16.03 -5.77 -0.54
C LEU A 153 17.24 -6.14 -1.40
N THR A 154 16.93 -6.56 -2.63
CA THR A 154 17.92 -6.96 -3.62
C THR A 154 17.44 -6.50 -4.99
N VAL A 155 18.23 -5.62 -5.61
CA VAL A 155 17.97 -5.05 -6.95
C VAL A 155 19.14 -5.36 -7.86
N ARG A 156 18.83 -5.85 -9.05
CA ARG A 156 19.79 -6.37 -10.03
C ARG A 156 19.30 -6.11 -11.45
N GLN A 157 20.21 -5.84 -12.38
CA GLN A 157 19.88 -5.61 -13.79
C GLN A 157 19.61 -6.94 -14.52
N THR A 158 18.45 -7.05 -15.17
CA THR A 158 18.02 -8.25 -15.92
C THR A 158 18.87 -8.51 -17.18
N HIS A 159 19.41 -7.46 -17.78
CA HIS A 159 20.38 -7.52 -18.89
C HIS A 159 21.81 -7.27 -18.40
N THR A 160 22.79 -7.41 -19.31
CA THR A 160 24.23 -7.16 -19.07
C THR A 160 24.51 -5.76 -18.48
N PRO A 161 25.55 -5.60 -17.63
CA PRO A 161 26.54 -6.62 -17.22
C PRO A 161 26.05 -7.61 -16.14
N TYR A 162 24.73 -7.63 -15.84
CA TYR A 162 24.07 -8.63 -14.98
C TYR A 162 24.52 -8.54 -13.50
N ASP A 163 24.99 -7.36 -13.08
CA ASP A 163 25.57 -7.13 -11.74
C ASP A 163 24.48 -6.74 -10.71
N TYR A 164 24.53 -7.33 -9.51
CA TYR A 164 23.70 -6.91 -8.37
C TYR A 164 23.96 -5.44 -8.06
N VAL A 165 22.97 -4.58 -8.30
CA VAL A 165 23.03 -3.13 -8.08
C VAL A 165 23.22 -2.85 -6.60
N VAL A 166 22.30 -3.33 -5.77
CA VAL A 166 22.46 -3.34 -4.31
C VAL A 166 21.77 -4.53 -3.67
N ASN A 167 22.30 -4.93 -2.51
CA ASN A 167 21.87 -6.07 -1.71
C ASN A 167 22.04 -5.73 -0.22
N GLY A 168 20.94 -5.48 0.47
CA GLY A 168 20.95 -5.04 1.88
C GLY A 168 19.61 -5.25 2.58
N SER A 169 19.65 -5.33 3.90
CA SER A 169 18.45 -5.41 4.72
C SER A 169 17.73 -4.06 4.80
N VAL A 170 16.42 -4.12 4.97
CA VAL A 170 15.49 -3.00 5.14
C VAL A 170 14.52 -3.34 6.26
N TYR A 171 13.87 -2.34 6.83
CA TYR A 171 12.90 -2.53 7.89
C TYR A 171 11.64 -1.73 7.58
N PHE A 172 10.50 -2.39 7.72
CA PHE A 172 9.18 -1.79 7.54
C PHE A 172 8.53 -1.63 8.91
N LYS A 173 7.64 -0.65 9.05
CA LYS A 173 6.85 -0.34 10.26
C LYS A 173 5.48 0.16 9.82
N TYR A 174 4.46 -0.04 10.63
CA TYR A 174 3.11 0.47 10.41
C TYR A 174 2.78 1.48 11.53
N SER A 175 2.24 2.63 11.17
CA SER A 175 1.86 3.68 12.12
C SER A 175 0.38 3.50 12.48
N PRO A 176 0.04 2.96 13.66
CA PRO A 176 -1.35 2.66 14.03
C PRO A 176 -2.20 3.92 14.22
N THR A 177 -1.56 5.07 14.40
CA THR A 177 -2.15 6.39 14.61
C THR A 177 -3.18 6.76 13.53
N THR A 178 -2.86 6.48 12.27
CA THR A 178 -3.70 6.76 11.08
C THR A 178 -3.59 5.67 10.00
N GLY A 179 -3.08 4.49 10.40
CA GLY A 179 -2.79 3.36 9.53
C GLY A 179 -1.71 3.63 8.46
N GLN A 180 -0.76 4.53 8.72
CA GLN A 180 0.37 4.77 7.81
C GLN A 180 1.38 3.61 7.83
N VAL A 181 2.51 3.86 7.18
CA VAL A 181 3.69 3.04 7.12
C VAL A 181 4.91 3.95 7.33
N THR A 182 6.00 3.37 7.80
CA THR A 182 7.31 4.01 7.99
C THR A 182 8.39 3.00 7.58
N VAL A 183 9.52 3.49 7.11
CA VAL A 183 10.65 2.65 6.72
C VAL A 183 11.88 3.06 7.53
N ILE A 184 12.66 2.07 7.94
CA ILE A 184 13.87 2.23 8.74
C ILE A 184 15.02 1.59 7.96
N LYS A 185 16.10 2.36 7.82
CA LYS A 185 17.30 2.03 7.05
C LYS A 185 18.52 2.53 7.81
N LYS A 186 19.59 1.73 7.81
CA LYS A 186 20.77 1.91 8.67
C LYS A 186 22.04 1.58 7.89
N ASP A 187 23.13 2.28 8.14
CA ASP A 187 24.36 2.20 7.31
C ASP A 187 24.97 0.77 7.24
N GLU A 188 24.76 -0.03 8.28
CA GLU A 188 25.15 -1.44 8.39
C GLU A 188 24.22 -2.43 7.65
N THR A 189 22.92 -2.14 7.53
CA THR A 189 21.92 -3.03 6.93
C THR A 189 21.58 -2.62 5.49
N PHE A 190 21.21 -1.35 5.31
CA PHE A 190 20.86 -0.72 4.05
C PHE A 190 22.12 -0.21 3.33
N PRO A 191 22.17 -0.18 1.98
CA PRO A 191 23.25 0.42 1.21
C PRO A 191 23.13 1.96 1.18
N LYS A 192 24.01 2.63 0.42
CA LYS A 192 24.15 4.10 0.33
C LYS A 192 23.97 4.60 -1.13
N ASN A 193 23.17 3.88 -1.90
CA ASN A 193 23.09 3.94 -3.37
C ASN A 193 21.66 4.06 -3.90
N MET A 194 20.72 3.33 -3.27
CA MET A 194 19.27 3.48 -3.41
C MET A 194 18.74 4.00 -2.08
N THR A 195 17.70 4.84 -2.09
CA THR A 195 17.03 5.32 -0.87
C THR A 195 15.51 5.38 -1.09
N VAL A 196 14.73 5.19 -0.03
CA VAL A 196 13.26 5.15 -0.10
C VAL A 196 12.63 5.99 1.00
N THR A 197 11.53 6.66 0.66
CA THR A 197 10.77 7.54 1.57
C THR A 197 9.27 7.37 1.36
N GLN A 198 8.50 7.71 2.41
CA GLN A 198 7.04 7.76 2.38
C GLN A 198 6.54 8.97 1.56
N ASP A 199 6.48 8.84 0.23
CA ASP A 199 5.96 9.89 -0.67
C ASP A 199 4.48 10.22 -0.37
N ASP A 200 3.72 9.22 0.08
CA ASP A 200 2.30 9.29 0.41
C ASP A 200 1.97 8.39 1.62
N ASN A 201 0.73 8.45 2.12
CA ASN A 201 0.28 7.55 3.19
C ASN A 201 0.32 6.11 2.68
N THR A 202 1.13 5.25 3.32
CA THR A 202 1.24 3.82 2.96
C THR A 202 1.81 3.61 1.54
N SER A 203 2.63 4.55 1.05
CA SER A 203 3.26 4.49 -0.28
C SER A 203 4.73 4.91 -0.25
N PHE A 204 5.60 4.02 -0.74
CA PHE A 204 7.04 4.18 -0.77
C PHE A 204 7.57 4.41 -2.18
N ILE A 205 8.47 5.39 -2.31
CA ILE A 205 9.13 5.76 -3.57
C ILE A 205 10.64 5.49 -3.45
N PHE A 206 11.11 4.44 -4.14
CA PHE A 206 12.52 4.04 -4.17
C PHE A 206 13.27 4.84 -5.25
N ASN A 207 14.13 5.77 -4.82
CA ASN A 207 15.00 6.57 -5.68
C ASN A 207 16.36 5.89 -5.84
N LEU A 208 16.89 5.86 -7.06
CA LEU A 208 18.24 5.34 -7.34
C LEU A 208 19.22 6.50 -7.60
N ASN A 209 20.28 6.60 -6.79
CA ASN A 209 21.35 7.62 -6.88
C ASN A 209 22.70 7.06 -7.40
N SER A 210 22.81 5.74 -7.57
CA SER A 210 23.97 5.02 -8.13
C SER A 210 23.60 4.20 -9.38
N GLU A 211 24.49 3.35 -9.87
CA GLU A 211 24.23 2.47 -11.04
C GLU A 211 25.07 1.17 -11.06
N LYS A 212 25.50 0.67 -9.89
CA LYS A 212 26.35 -0.53 -9.71
C LYS A 212 26.00 -1.68 -10.65
N SER A 1 -23.45 -10.87 3.61
CA SER A 1 -23.62 -10.57 2.18
C SER A 1 -22.28 -10.75 1.42
N VAL A 2 -22.30 -10.53 0.09
CA VAL A 2 -21.19 -10.79 -0.87
C VAL A 2 -20.55 -12.20 -0.72
N ASP A 3 -19.52 -12.51 -1.49
CA ASP A 3 -18.70 -13.70 -1.27
C ASP A 3 -17.77 -13.49 -0.07
N ALA A 4 -17.45 -14.54 0.69
CA ALA A 4 -16.48 -14.48 1.79
C ALA A 4 -15.08 -13.95 1.37
N ASN A 5 -14.78 -13.99 0.07
CA ASN A 5 -13.52 -13.57 -0.57
C ASN A 5 -13.68 -12.34 -1.51
N LYS A 6 -14.79 -11.59 -1.47
CA LYS A 6 -15.08 -10.44 -2.37
C LYS A 6 -15.71 -9.28 -1.59
N VAL A 7 -15.97 -8.16 -2.27
CA VAL A 7 -16.60 -6.94 -1.70
C VAL A 7 -17.56 -6.29 -2.70
N LYS A 8 -18.51 -5.51 -2.17
CA LYS A 8 -19.54 -4.81 -2.94
C LYS A 8 -19.83 -3.43 -2.35
N PHE A 9 -20.13 -2.50 -3.25
CA PHE A 9 -20.24 -1.07 -2.96
C PHE A 9 -21.45 -0.51 -3.73
N PHE A 10 -22.24 0.34 -3.08
CA PHE A 10 -23.46 0.92 -3.62
C PHE A 10 -23.49 2.44 -3.37
N PHE A 11 -23.65 3.21 -4.45
CA PHE A 11 -23.72 4.68 -4.44
C PHE A 11 -25.14 5.18 -4.03
N GLY A 12 -25.56 4.79 -2.83
CA GLY A 12 -26.77 5.31 -2.20
C GLY A 12 -27.00 4.62 -0.87
N LYS A 13 -27.24 5.40 0.18
CA LYS A 13 -27.51 4.91 1.54
C LYS A 13 -28.61 3.84 1.54
N ASN A 14 -28.45 2.80 2.36
CA ASN A 14 -29.37 1.65 2.44
C ASN A 14 -29.51 0.82 1.12
N CYS A 15 -28.39 0.58 0.42
CA CYS A 15 -28.28 -0.21 -0.83
C CYS A 15 -29.15 0.36 -1.98
N THR A 16 -28.86 1.60 -2.35
CA THR A 16 -29.67 2.42 -3.27
C THR A 16 -28.79 3.13 -4.33
N GLY A 17 -29.37 3.92 -5.23
CA GLY A 17 -28.67 4.70 -6.27
C GLY A 17 -28.04 3.84 -7.37
N GLU A 18 -26.72 3.67 -7.36
CA GLU A 18 -25.98 2.78 -8.28
C GLU A 18 -25.33 1.61 -7.52
N SER A 19 -24.90 0.57 -8.25
CA SER A 19 -24.28 -0.63 -7.69
C SER A 19 -22.98 -0.99 -8.42
N PHE A 20 -22.02 -1.52 -7.65
CA PHE A 20 -20.68 -1.87 -8.10
C PHE A 20 -20.15 -3.08 -7.31
N GLU A 21 -19.14 -3.75 -7.87
CA GLU A 21 -18.45 -4.87 -7.25
C GLU A 21 -16.94 -4.65 -7.24
N TYR A 22 -16.26 -5.29 -6.30
CA TYR A 22 -14.82 -5.18 -6.08
C TYR A 22 -14.18 -6.56 -5.90
N ASN A 23 -13.03 -6.73 -6.54
CA ASN A 23 -12.23 -7.94 -6.49
C ASN A 23 -11.17 -7.84 -5.37
N LYS A 24 -10.83 -8.97 -4.74
CA LYS A 24 -9.75 -9.04 -3.74
C LYS A 24 -8.39 -8.67 -4.33
N GLY A 25 -7.58 -7.91 -3.60
CA GLY A 25 -6.24 -7.48 -4.01
C GLY A 25 -6.27 -6.39 -5.08
N GLU A 26 -7.13 -5.37 -4.91
CA GLU A 26 -7.34 -4.30 -5.87
C GLU A 26 -7.35 -2.93 -5.17
N THR A 27 -6.45 -2.05 -5.60
CA THR A 27 -6.36 -0.65 -5.14
C THR A 27 -6.86 0.28 -6.24
N VAL A 28 -7.76 1.19 -5.89
CA VAL A 28 -8.38 2.16 -6.79
C VAL A 28 -8.36 3.56 -6.15
N ARG A 29 -7.94 4.54 -6.94
CA ARG A 29 -7.69 5.93 -6.49
C ARG A 29 -8.54 6.88 -7.32
N PHE A 30 -9.09 7.90 -6.66
CA PHE A 30 -10.04 8.85 -7.23
C PHE A 30 -9.70 10.26 -6.71
N ASN A 31 -9.65 11.28 -7.57
CA ASN A 31 -9.57 12.70 -7.16
C ASN A 31 -9.93 13.65 -8.30
N ASN A 32 -11.14 13.50 -8.87
CA ASN A 32 -11.67 14.27 -9.99
C ASN A 32 -12.04 15.75 -9.62
N GLY A 33 -11.08 16.50 -9.05
CA GLY A 33 -11.24 17.88 -8.59
C GLY A 33 -11.88 18.01 -7.20
N ASP A 34 -11.70 17.00 -6.35
CA ASP A 34 -12.23 16.88 -4.97
C ASP A 34 -13.75 17.17 -4.79
N LYS A 35 -14.62 16.23 -5.23
CA LYS A 35 -16.09 16.38 -5.30
C LYS A 35 -16.90 15.07 -5.38
N TRP A 36 -16.44 14.10 -6.17
CA TRP A 36 -17.11 12.79 -6.39
C TRP A 36 -16.17 11.61 -6.09
N ASN A 37 -15.09 11.88 -5.34
CA ASN A 37 -14.04 10.90 -5.01
C ASN A 37 -14.53 9.88 -4.00
N ASP A 38 -15.30 10.38 -3.02
CA ASP A 38 -15.93 9.56 -1.99
C ASP A 38 -16.78 8.47 -2.66
N LYS A 39 -17.81 8.90 -3.40
CA LYS A 39 -18.76 8.04 -4.14
C LYS A 39 -19.19 6.78 -3.36
N PHE A 40 -19.25 6.85 -2.03
CA PHE A 40 -19.48 5.74 -1.09
C PHE A 40 -20.58 6.17 -0.12
N MET A 41 -21.62 5.33 0.02
CA MET A 41 -22.75 5.60 0.92
C MET A 41 -23.18 4.35 1.68
N SER A 42 -23.38 3.24 0.97
CA SER A 42 -23.56 1.94 1.59
C SER A 42 -22.71 0.88 0.90
N CYS A 43 -21.86 0.21 1.66
CA CYS A 43 -20.92 -0.79 1.15
C CYS A 43 -20.76 -1.89 2.18
N LEU A 44 -20.40 -3.08 1.72
CA LEU A 44 -20.34 -4.26 2.56
C LEU A 44 -19.10 -5.10 2.26
N VAL A 45 -18.62 -5.78 3.29
CA VAL A 45 -17.40 -6.57 3.30
C VAL A 45 -17.72 -8.01 3.71
N GLY A 46 -17.14 -8.99 3.01
CA GLY A 46 -17.54 -10.41 3.08
C GLY A 46 -17.41 -11.05 4.47
N SER A 47 -16.21 -11.58 4.76
CA SER A 47 -15.87 -12.19 6.07
C SER A 47 -14.39 -12.57 6.23
N ASN A 48 -13.65 -12.73 5.12
CA ASN A 48 -12.20 -13.03 5.09
C ASN A 48 -11.45 -12.01 4.21
N VAL A 49 -11.93 -10.77 4.19
CA VAL A 49 -11.38 -9.63 3.44
C VAL A 49 -11.50 -8.36 4.30
N ARG A 50 -10.55 -7.43 4.22
CA ARG A 50 -10.63 -6.10 4.84
C ARG A 50 -10.69 -5.05 3.73
N CYS A 51 -11.45 -3.97 3.94
CA CYS A 51 -11.42 -2.81 3.04
C CYS A 51 -10.81 -1.62 3.77
N ASN A 52 -9.86 -0.96 3.12
CA ASN A 52 -9.01 0.08 3.69
C ASN A 52 -9.28 1.39 2.96
N ILE A 53 -9.66 2.44 3.70
CA ILE A 53 -10.18 3.68 3.12
C ILE A 53 -9.50 4.93 3.73
N TRP A 54 -8.85 5.71 2.87
CA TRP A 54 -8.02 6.87 3.24
C TRP A 54 -8.38 8.07 2.36
N GLU A 55 -8.85 9.14 3.00
CA GLU A 55 -9.14 10.44 2.36
C GLU A 55 -7.84 11.12 1.91
N HIS A 56 -6.94 11.28 2.86
CA HIS A 56 -5.79 12.18 2.76
C HIS A 56 -4.56 11.39 3.16
N ASN A 57 -3.60 11.33 2.26
CA ASN A 57 -2.32 10.61 2.42
C ASN A 57 -1.27 11.46 3.20
N GLU A 58 -1.75 12.30 4.13
CA GLU A 58 -1.01 13.20 5.01
C GLU A 58 -0.04 12.49 5.98
N ILE A 59 0.89 13.25 6.58
CA ILE A 59 2.04 12.72 7.37
C ILE A 59 1.90 13.07 8.88
N ASP A 60 0.68 12.98 9.42
CA ASP A 60 0.30 13.38 10.80
C ASP A 60 0.62 14.84 11.11
N THR A 61 0.17 15.68 10.18
CA THR A 61 0.23 17.15 10.19
C THR A 61 -0.79 17.74 11.20
N PRO A 62 -0.86 19.08 11.42
CA PRO A 62 -1.89 19.69 12.25
C PRO A 62 -3.30 19.72 11.59
N THR A 63 -3.46 19.14 10.40
CA THR A 63 -4.73 19.00 9.67
C THR A 63 -4.86 17.59 9.07
N PRO A 64 -4.94 16.55 9.93
CA PRO A 64 -5.21 15.19 9.45
C PRO A 64 -6.62 15.14 8.83
N GLY A 65 -6.76 14.45 7.70
CA GLY A 65 -8.03 14.28 7.00
C GLY A 65 -8.90 13.21 7.68
N LYS A 66 -9.27 12.17 6.92
CA LYS A 66 -10.13 11.08 7.39
C LYS A 66 -9.56 9.71 6.97
N PHE A 67 -9.65 8.73 7.87
CA PHE A 67 -9.15 7.37 7.68
C PHE A 67 -10.04 6.37 8.42
N GLN A 68 -10.31 5.22 7.81
CA GLN A 68 -11.07 4.14 8.44
C GLN A 68 -10.77 2.79 7.79
N GLU A 69 -11.17 1.72 8.47
CA GLU A 69 -10.92 0.33 8.09
C GLU A 69 -12.24 -0.43 8.20
N LEU A 70 -12.87 -0.73 7.07
CA LEU A 70 -14.10 -1.55 7.03
C LEU A 70 -13.74 -2.96 7.51
N ALA A 71 -14.35 -3.34 8.64
CA ALA A 71 -14.14 -4.59 9.38
C ALA A 71 -14.23 -5.86 8.51
N GLN A 72 -13.67 -6.98 9.01
CA GLN A 72 -13.55 -8.26 8.30
C GLN A 72 -14.83 -8.76 7.59
N GLY A 73 -15.99 -8.48 8.17
CA GLY A 73 -17.27 -8.60 7.48
C GLY A 73 -18.40 -7.90 8.22
N SER A 74 -19.21 -7.16 7.47
CA SER A 74 -20.30 -6.29 7.94
C SER A 74 -20.96 -5.55 6.78
N THR A 75 -22.11 -4.93 7.04
CA THR A 75 -22.88 -4.12 6.07
C THR A 75 -23.09 -2.72 6.62
N ASN A 76 -22.34 -1.77 6.07
CA ASN A 76 -22.48 -0.35 6.37
C ASN A 76 -23.61 0.24 5.51
N ASN A 77 -24.81 0.42 6.07
CA ASN A 77 -25.90 1.11 5.37
C ASN A 77 -25.65 2.63 5.22
N ASP A 78 -24.77 3.19 6.04
CA ASP A 78 -24.40 4.61 6.07
C ASP A 78 -22.97 4.81 6.64
N LEU A 79 -21.93 4.47 5.84
CA LEU A 79 -20.52 4.73 6.20
C LEU A 79 -20.09 6.21 6.04
N THR A 80 -21.02 7.09 5.65
CA THR A 80 -20.88 8.56 5.58
C THR A 80 -20.38 9.24 6.88
N SER A 81 -20.32 8.54 8.01
CA SER A 81 -19.55 8.95 9.21
C SER A 81 -18.10 9.37 8.90
N ILE A 82 -17.47 8.75 7.89
CA ILE A 82 -16.11 9.11 7.46
C ILE A 82 -16.09 10.24 6.42
N ASN A 83 -17.11 10.31 5.56
CA ASN A 83 -17.31 11.26 4.45
C ASN A 83 -16.05 11.66 3.65
N GLY A 84 -15.09 10.73 3.58
CA GLY A 84 -13.70 11.00 3.25
C GLY A 84 -12.94 9.70 3.05
N LEU A 85 -12.58 9.45 1.79
CA LEU A 85 -12.03 8.22 1.25
C LEU A 85 -11.80 8.35 -0.26
N SER A 86 -11.06 9.37 -0.69
CA SER A 86 -10.62 9.51 -2.09
C SER A 86 -9.79 8.31 -2.60
N LYS A 87 -9.16 7.52 -1.72
CA LYS A 87 -8.44 6.27 -2.07
C LYS A 87 -9.01 5.09 -1.27
N PHE A 88 -9.25 3.98 -1.97
CA PHE A 88 -9.87 2.76 -1.45
C PHE A 88 -9.14 1.52 -1.98
N GLN A 89 -8.88 0.56 -1.09
CA GLN A 89 -8.14 -0.66 -1.42
C GLN A 89 -8.71 -1.89 -0.72
N VAL A 90 -8.69 -3.02 -1.45
CA VAL A 90 -9.35 -4.28 -1.08
C VAL A 90 -8.28 -5.34 -0.84
N LEU A 91 -8.28 -5.93 0.35
CA LEU A 91 -7.20 -6.80 0.84
C LEU A 91 -7.75 -8.02 1.61
N PRO A 92 -7.00 -9.13 1.74
CA PRO A 92 -7.47 -10.31 2.50
C PRO A 92 -7.44 -10.11 4.01
N GLY A 93 -8.20 -10.93 4.76
CA GLY A 93 -8.12 -10.99 6.22
C GLY A 93 -6.81 -11.55 6.79
N ALA A 94 -6.02 -12.23 5.95
CA ALA A 94 -4.64 -12.60 6.25
C ALA A 94 -3.70 -11.38 6.38
N PHE A 95 -4.01 -10.27 5.69
CA PHE A 95 -3.32 -8.98 5.81
C PHE A 95 -3.67 -8.27 7.14
N GLN A 96 -2.86 -7.28 7.50
CA GLN A 96 -3.12 -6.33 8.60
C GLN A 96 -2.85 -4.88 8.17
N TRP A 97 -1.83 -4.68 7.34
CA TRP A 97 -1.45 -3.41 6.72
C TRP A 97 -0.71 -3.68 5.42
N ALA A 98 -0.62 -2.68 4.54
CA ALA A 98 0.01 -2.80 3.24
C ALA A 98 0.74 -1.50 2.88
N VAL A 99 1.65 -1.62 1.93
CA VAL A 99 2.49 -0.51 1.47
C VAL A 99 2.53 -0.49 -0.05
N ASP A 100 2.60 0.72 -0.58
CA ASP A 100 2.91 1.01 -1.98
C ASP A 100 4.39 1.39 -2.08
N VAL A 101 5.13 0.73 -2.97
CA VAL A 101 6.54 1.09 -3.25
C VAL A 101 6.76 1.27 -4.75
N LYS A 102 7.47 2.34 -5.13
CA LYS A 102 7.78 2.71 -6.51
C LYS A 102 9.28 2.83 -6.68
N ILE A 103 9.77 2.41 -7.85
CA ILE A 103 11.19 2.43 -8.21
C ILE A 103 11.37 3.47 -9.32
N VAL A 104 12.35 4.36 -9.17
CA VAL A 104 12.61 5.47 -10.10
C VAL A 104 14.12 5.59 -10.40
N ASN A 105 14.49 5.11 -11.57
CA ASN A 105 15.83 5.13 -12.14
C ASN A 105 16.25 6.57 -12.50
N LYS A 106 17.48 6.95 -12.12
CA LYS A 106 18.11 8.23 -12.52
C LYS A 106 19.39 8.05 -13.35
N VAL A 107 20.06 6.88 -13.27
CA VAL A 107 21.21 6.53 -14.14
C VAL A 107 20.72 6.02 -15.50
N ASN A 108 19.87 4.99 -15.50
CA ASN A 108 19.40 4.30 -16.70
C ASN A 108 17.92 4.62 -16.92
N SER A 109 17.63 5.64 -17.73
CA SER A 109 16.27 6.10 -18.08
C SER A 109 15.57 5.15 -19.08
N THR A 110 15.61 3.85 -18.76
CA THR A 110 15.13 2.70 -19.55
C THR A 110 14.51 1.65 -18.61
N ALA A 111 13.59 2.14 -17.77
CA ALA A 111 12.87 1.36 -16.78
C ALA A 111 12.18 0.12 -17.42
N GLY A 112 12.41 -1.06 -16.83
CA GLY A 112 11.99 -2.37 -17.33
C GLY A 112 13.15 -3.38 -17.39
N SER A 113 14.37 -2.88 -17.64
CA SER A 113 15.62 -3.66 -17.70
C SER A 113 16.21 -3.99 -16.32
N TYR A 114 15.79 -3.28 -15.28
CA TYR A 114 16.14 -3.53 -13.88
C TYR A 114 14.97 -4.28 -13.22
N GLU A 115 15.27 -5.30 -12.40
CA GLU A 115 14.31 -6.14 -11.70
C GLU A 115 14.60 -6.12 -10.20
N MET A 116 13.62 -5.69 -9.41
CA MET A 116 13.72 -5.59 -7.95
C MET A 116 12.77 -6.59 -7.29
N THR A 117 13.30 -7.31 -6.30
CA THR A 117 12.58 -8.28 -5.48
C THR A 117 12.71 -7.87 -4.02
N ILE A 118 11.58 -7.85 -3.31
CA ILE A 118 11.49 -7.50 -1.89
C ILE A 118 10.96 -8.74 -1.16
N THR A 119 11.74 -9.18 -0.18
CA THR A 119 11.53 -10.42 0.58
C THR A 119 11.37 -10.08 2.07
N PRO A 120 10.15 -9.76 2.53
CA PRO A 120 9.85 -9.53 3.94
C PRO A 120 9.92 -10.81 4.78
N TYR A 121 10.14 -10.65 6.10
CA TYR A 121 10.36 -11.67 7.13
C TYR A 121 9.49 -12.94 6.98
N GLN A 122 9.95 -13.92 6.19
CA GLN A 122 9.17 -15.09 5.74
C GLN A 122 7.69 -14.79 5.39
N VAL A 123 7.46 -13.67 4.69
CA VAL A 123 6.15 -13.19 4.21
C VAL A 123 6.13 -13.20 2.67
N ASP A 124 4.93 -13.20 2.08
CA ASP A 124 4.65 -13.17 0.64
C ASP A 124 5.51 -12.15 -0.13
N LYS A 125 6.67 -12.60 -0.64
CA LYS A 125 7.59 -11.76 -1.41
C LYS A 125 6.98 -11.37 -2.76
N VAL A 126 7.37 -10.20 -3.24
CA VAL A 126 6.93 -9.65 -4.54
C VAL A 126 8.11 -9.07 -5.28
N ALA A 127 8.03 -9.19 -6.60
CA ALA A 127 9.02 -8.68 -7.53
C ALA A 127 8.31 -7.84 -8.59
N CYS A 128 8.92 -6.70 -8.90
CA CYS A 128 8.48 -5.78 -9.93
C CYS A 128 9.70 -5.28 -10.71
N LYS A 129 9.57 -5.22 -12.03
CA LYS A 129 10.52 -4.51 -12.87
C LYS A 129 10.20 -3.02 -12.85
N ASP A 130 11.25 -2.21 -12.84
CA ASP A 130 11.18 -0.76 -12.77
C ASP A 130 10.26 -0.19 -13.87
N GLY A 131 9.63 0.96 -13.64
CA GLY A 131 8.74 1.56 -14.66
C GLY A 131 7.34 0.91 -14.69
N ASP A 132 6.78 0.67 -13.50
CA ASP A 132 5.42 0.22 -13.27
C ASP A 132 4.76 1.14 -12.22
N ASP A 133 3.43 1.15 -12.14
CA ASP A 133 2.72 1.76 -11.00
C ASP A 133 3.18 1.12 -9.67
N PHE A 134 3.11 1.90 -8.58
CA PHE A 134 3.46 1.49 -7.22
C PHE A 134 3.03 0.04 -6.92
N VAL A 135 3.98 -0.87 -6.69
CA VAL A 135 3.65 -2.27 -6.39
C VAL A 135 3.06 -2.36 -4.99
N GLN A 136 1.91 -3.04 -4.88
CA GLN A 136 1.24 -3.28 -3.60
C GLN A 136 1.90 -4.45 -2.87
N LEU A 137 2.36 -4.22 -1.64
CA LEU A 137 2.96 -5.21 -0.75
C LEU A 137 2.09 -5.31 0.52
N PRO A 138 1.16 -6.29 0.61
CA PRO A 138 0.46 -6.57 1.86
C PRO A 138 1.38 -7.28 2.86
N ILE A 139 1.16 -7.01 4.15
CA ILE A 139 1.93 -7.51 5.30
C ILE A 139 0.92 -8.10 6.31
N PRO A 140 1.16 -9.31 6.84
CA PRO A 140 0.25 -9.97 7.78
C PRO A 140 0.27 -9.33 9.18
N LYS A 141 -0.60 -9.82 10.07
CA LYS A 141 -0.63 -9.43 11.49
C LYS A 141 0.71 -9.68 12.20
N LEU A 142 0.92 -8.93 13.28
CA LEU A 142 2.11 -8.97 14.13
C LEU A 142 1.87 -8.10 15.38
N THR A 143 2.61 -8.37 16.46
CA THR A 143 2.48 -7.68 17.75
C THR A 143 3.85 -7.34 18.36
N PRO A 144 4.05 -6.13 18.95
CA PRO A 144 3.12 -5.00 18.93
C PRO A 144 2.91 -4.45 17.51
N PRO A 145 1.80 -3.75 17.21
CA PRO A 145 1.54 -3.23 15.87
C PRO A 145 2.59 -2.17 15.46
N ASP A 146 3.05 -1.35 16.41
CA ASP A 146 4.16 -0.40 16.23
C ASP A 146 5.57 -1.05 16.20
N SER A 147 5.68 -2.39 16.17
CA SER A 147 6.96 -3.07 15.97
C SER A 147 7.56 -2.84 14.57
N GLU A 148 8.77 -3.35 14.36
CA GLU A 148 9.49 -3.28 13.09
C GLU A 148 9.76 -4.70 12.54
N ILE A 149 9.47 -4.90 11.25
CA ILE A 149 9.67 -6.15 10.51
C ILE A 149 10.83 -5.97 9.54
N VAL A 150 11.91 -6.72 9.75
CA VAL A 150 13.10 -6.69 8.89
C VAL A 150 12.80 -7.41 7.56
N SER A 151 13.15 -6.81 6.44
CA SER A 151 13.04 -7.39 5.11
C SER A 151 14.35 -7.21 4.34
N HIS A 152 14.54 -8.02 3.30
CA HIS A 152 15.69 -7.95 2.41
C HIS A 152 15.24 -7.52 1.02
N LEU A 153 16.00 -6.62 0.40
CA LEU A 153 15.81 -6.13 -0.96
C LEU A 153 17.01 -6.61 -1.79
N THR A 154 16.71 -7.04 -3.00
CA THR A 154 17.68 -7.48 -4.02
C THR A 154 17.19 -7.00 -5.38
N VAL A 155 17.90 -6.05 -5.97
CA VAL A 155 17.67 -5.54 -7.34
C VAL A 155 18.91 -5.76 -8.19
N ARG A 156 18.67 -6.33 -9.36
CA ARG A 156 19.68 -6.74 -10.35
C ARG A 156 19.15 -6.50 -11.76
N GLN A 157 20.03 -6.06 -12.65
CA GLN A 157 19.69 -5.89 -14.07
C GLN A 157 19.48 -7.25 -14.76
N THR A 158 18.46 -7.37 -15.62
CA THR A 158 18.09 -8.62 -16.33
C THR A 158 19.00 -8.93 -17.54
N HIS A 159 19.91 -8.01 -17.85
CA HIS A 159 20.92 -8.06 -18.90
C HIS A 159 22.33 -7.75 -18.34
N THR A 160 23.37 -7.76 -19.16
CA THR A 160 24.76 -7.45 -18.74
C THR A 160 24.88 -6.06 -18.06
N PRO A 161 25.84 -5.86 -17.12
CA PRO A 161 26.82 -6.83 -16.62
C PRO A 161 26.26 -7.84 -15.60
N TYR A 162 24.94 -7.86 -15.38
CA TYR A 162 24.22 -8.87 -14.57
C TYR A 162 24.72 -8.97 -13.12
N ASP A 163 25.11 -7.84 -12.52
CA ASP A 163 25.73 -7.74 -11.20
C ASP A 163 24.71 -7.27 -10.14
N TYR A 164 24.93 -7.57 -8.85
CA TYR A 164 24.07 -7.09 -7.75
C TYR A 164 24.13 -5.56 -7.60
N VAL A 165 23.28 -4.86 -8.36
CA VAL A 165 23.15 -3.39 -8.42
C VAL A 165 22.97 -2.80 -7.02
N VAL A 166 21.96 -3.31 -6.29
CA VAL A 166 21.69 -2.97 -4.89
C VAL A 166 21.13 -4.21 -4.17
N ASN A 167 21.73 -4.56 -3.04
CA ASN A 167 21.28 -5.61 -2.16
C ASN A 167 21.56 -5.22 -0.69
N GLY A 168 20.60 -5.46 0.20
CA GLY A 168 20.65 -5.02 1.59
C GLY A 168 19.32 -5.23 2.32
N SER A 169 19.28 -4.89 3.60
CA SER A 169 18.07 -5.01 4.42
C SER A 169 17.48 -3.63 4.77
N VAL A 170 16.15 -3.59 4.93
CA VAL A 170 15.33 -2.43 5.26
C VAL A 170 14.26 -2.87 6.27
N TYR A 171 13.87 -1.99 7.18
CA TYR A 171 12.88 -2.28 8.22
C TYR A 171 11.60 -1.48 7.95
N PHE A 172 10.46 -2.17 8.02
CA PHE A 172 9.13 -1.58 7.88
C PHE A 172 8.44 -1.56 9.25
N LYS A 173 7.70 -0.50 9.56
CA LYS A 173 6.93 -0.32 10.81
C LYS A 173 5.56 0.25 10.49
N TYR A 174 4.52 -0.17 11.22
CA TYR A 174 3.15 0.31 11.02
C TYR A 174 2.66 1.08 12.25
N SER A 175 2.40 2.38 12.08
CA SER A 175 1.84 3.24 13.12
C SER A 175 0.33 2.97 13.26
N PRO A 176 -0.13 2.32 14.36
CA PRO A 176 -1.53 1.95 14.52
C PRO A 176 -2.44 3.18 14.79
N THR A 177 -1.84 4.33 15.12
CA THR A 177 -2.48 5.62 15.42
C THR A 177 -3.45 6.09 14.31
N THR A 178 -3.02 5.99 13.05
CA THR A 178 -3.82 6.35 11.85
C THR A 178 -3.61 5.40 10.66
N GLY A 179 -3.16 4.17 10.96
CA GLY A 179 -2.71 3.16 10.01
C GLY A 179 -1.63 3.64 9.04
N GLN A 180 -0.68 4.45 9.51
CA GLN A 180 0.48 4.91 8.74
C GLN A 180 1.57 3.82 8.70
N VAL A 181 2.56 3.94 7.81
CA VAL A 181 3.76 3.09 7.79
C VAL A 181 4.99 3.99 7.78
N THR A 182 6.08 3.52 8.37
CA THR A 182 7.37 4.20 8.55
C THR A 182 8.48 3.26 8.07
N VAL A 183 9.53 3.84 7.47
CA VAL A 183 10.70 3.12 6.96
C VAL A 183 11.92 3.47 7.79
N ILE A 184 12.61 2.43 8.25
CA ILE A 184 13.82 2.50 9.06
C ILE A 184 14.93 1.80 8.27
N LYS A 185 15.98 2.56 7.98
CA LYS A 185 17.16 2.13 7.23
C LYS A 185 18.38 2.73 7.91
N LYS A 186 19.46 1.94 7.97
CA LYS A 186 20.65 2.25 8.77
C LYS A 186 21.87 1.91 7.90
N ASP A 187 22.83 2.82 7.79
CA ASP A 187 23.99 2.69 6.87
C ASP A 187 24.84 1.42 7.13
N GLU A 188 24.67 0.80 8.30
CA GLU A 188 25.23 -0.49 8.72
C GLU A 188 24.65 -1.71 7.96
N THR A 189 23.53 -1.54 7.24
CA THR A 189 22.80 -2.60 6.52
C THR A 189 22.23 -2.13 5.17
N PHE A 190 21.77 -0.87 5.11
CA PHE A 190 21.28 -0.21 3.91
C PHE A 190 22.47 0.34 3.09
N PRO A 191 22.45 0.22 1.76
CA PRO A 191 23.49 0.73 0.87
C PRO A 191 23.43 2.26 0.72
N LYS A 192 24.38 2.82 -0.05
CA LYS A 192 24.50 4.26 -0.37
C LYS A 192 24.32 4.53 -1.88
N ASN A 193 23.54 3.67 -2.54
CA ASN A 193 23.28 3.71 -3.99
C ASN A 193 21.81 4.05 -4.31
N MET A 194 20.90 3.55 -3.49
CA MET A 194 19.45 3.74 -3.54
C MET A 194 19.01 4.37 -2.24
N THR A 195 18.03 5.28 -2.27
CA THR A 195 17.47 5.94 -1.08
C THR A 195 15.96 6.04 -1.18
N VAL A 196 15.28 5.64 -0.10
CA VAL A 196 13.82 5.66 -0.01
C VAL A 196 13.35 6.77 0.94
N THR A 197 12.31 7.48 0.52
CA THR A 197 11.65 8.54 1.29
C THR A 197 10.15 8.32 1.38
N GLN A 198 9.53 8.96 2.38
CA GLN A 198 8.12 8.86 2.71
C GLN A 198 7.27 9.75 1.78
N ASP A 199 6.93 9.20 0.61
CA ASP A 199 6.18 9.90 -0.45
C ASP A 199 4.76 10.29 0.00
N ASP A 200 4.09 9.39 0.73
CA ASP A 200 2.78 9.55 1.37
C ASP A 200 2.69 8.78 2.71
N ASN A 201 1.51 8.76 3.36
CA ASN A 201 1.15 7.97 4.55
C ASN A 201 1.66 6.51 4.48
N THR A 202 1.34 5.78 3.41
CA THR A 202 1.72 4.36 3.21
C THR A 202 2.28 4.09 1.81
N SER A 203 2.91 5.12 1.23
CA SER A 203 3.53 5.07 -0.09
C SER A 203 4.95 5.61 -0.01
N PHE A 204 5.89 4.85 -0.56
CA PHE A 204 7.33 5.10 -0.50
C PHE A 204 7.94 5.05 -1.89
N ILE A 205 9.02 5.79 -2.11
CA ILE A 205 9.64 5.94 -3.43
C ILE A 205 11.15 5.74 -3.35
N PHE A 206 11.60 4.61 -3.91
CA PHE A 206 12.99 4.15 -3.97
C PHE A 206 13.70 4.81 -5.16
N ASN A 207 14.50 5.82 -4.86
CA ASN A 207 15.33 6.58 -5.80
C ASN A 207 16.65 5.85 -6.03
N LEU A 208 17.02 5.55 -7.28
CA LEU A 208 18.29 4.87 -7.62
C LEU A 208 19.08 5.67 -8.66
N ASN A 209 20.20 6.26 -8.20
CA ASN A 209 21.04 7.20 -8.95
C ASN A 209 22.54 6.77 -8.98
N SER A 210 22.82 5.49 -8.72
CA SER A 210 24.17 4.92 -8.58
C SER A 210 24.19 3.43 -8.99
N GLU A 211 24.84 3.11 -10.10
CA GLU A 211 24.91 1.76 -10.69
C GLU A 211 25.57 0.72 -9.75
N LYS A 212 26.65 1.13 -9.05
CA LYS A 212 27.40 0.37 -8.03
C LYS A 212 26.49 -0.46 -7.11
N SER A 1 -25.88 -12.07 -1.58
CA SER A 1 -24.89 -11.70 -0.55
C SER A 1 -23.53 -11.31 -1.16
N VAL A 2 -22.69 -10.65 -0.36
CA VAL A 2 -21.28 -10.40 -0.68
C VAL A 2 -20.44 -11.69 -0.59
N ASP A 3 -19.50 -11.86 -1.53
CA ASP A 3 -18.56 -12.98 -1.51
C ASP A 3 -17.60 -12.84 -0.31
N ALA A 4 -17.27 -13.93 0.38
CA ALA A 4 -16.26 -13.87 1.46
C ALA A 4 -14.86 -13.46 0.95
N ASN A 5 -14.65 -13.47 -0.38
CA ASN A 5 -13.39 -13.15 -1.06
C ASN A 5 -13.47 -11.87 -1.92
N LYS A 6 -14.54 -11.08 -1.82
CA LYS A 6 -14.76 -9.81 -2.56
C LYS A 6 -15.52 -8.81 -1.70
N VAL A 7 -15.74 -7.60 -2.19
CA VAL A 7 -16.40 -6.51 -1.47
C VAL A 7 -17.42 -5.84 -2.39
N LYS A 8 -18.67 -5.70 -1.93
CA LYS A 8 -19.71 -4.98 -2.69
C LYS A 8 -19.77 -3.53 -2.23
N PHE A 9 -20.17 -2.65 -3.16
CA PHE A 9 -20.18 -1.20 -2.97
C PHE A 9 -21.39 -0.62 -3.73
N PHE A 10 -22.21 0.18 -3.06
CA PHE A 10 -23.44 0.77 -3.59
C PHE A 10 -23.46 2.29 -3.33
N PHE A 11 -23.85 3.05 -4.35
CA PHE A 11 -23.90 4.52 -4.38
C PHE A 11 -25.15 5.08 -3.66
N GLY A 12 -25.46 4.55 -2.47
CA GLY A 12 -26.60 4.96 -1.67
C GLY A 12 -26.73 4.15 -0.39
N LYS A 13 -27.28 4.78 0.66
CA LYS A 13 -27.46 4.15 1.98
C LYS A 13 -28.33 2.89 1.90
N ASN A 14 -28.05 1.88 2.74
CA ASN A 14 -28.80 0.61 2.78
C ASN A 14 -28.96 -0.09 1.39
N CYS A 15 -27.89 -0.08 0.58
CA CYS A 15 -27.85 -0.65 -0.78
C CYS A 15 -28.87 -0.02 -1.75
N THR A 16 -28.70 1.28 -2.02
CA THR A 16 -29.57 2.08 -2.90
C THR A 16 -28.78 2.89 -3.94
N GLY A 17 -29.47 3.60 -4.83
CA GLY A 17 -28.88 4.43 -5.89
C GLY A 17 -28.32 3.64 -7.06
N GLU A 18 -27.06 3.21 -6.97
CA GLU A 18 -26.34 2.41 -7.98
C GLU A 18 -25.56 1.27 -7.31
N SER A 19 -25.09 0.29 -8.09
CA SER A 19 -24.42 -0.92 -7.59
C SER A 19 -23.08 -1.16 -8.30
N PHE A 20 -22.13 -1.69 -7.54
CA PHE A 20 -20.74 -1.91 -7.92
C PHE A 20 -20.12 -3.05 -7.09
N GLU A 21 -19.02 -3.58 -7.59
CA GLU A 21 -18.26 -4.68 -6.98
C GLU A 21 -16.76 -4.37 -7.05
N TYR A 22 -16.04 -4.71 -5.99
CA TYR A 22 -14.61 -4.51 -5.82
C TYR A 22 -13.94 -5.88 -5.60
N ASN A 23 -12.79 -6.04 -6.24
CA ASN A 23 -11.87 -7.16 -6.07
C ASN A 23 -11.04 -7.02 -4.77
N LYS A 24 -10.79 -8.15 -4.11
CA LYS A 24 -9.84 -8.26 -2.99
C LYS A 24 -8.39 -7.97 -3.46
N GLY A 25 -7.59 -7.36 -2.60
CA GLY A 25 -6.14 -7.20 -2.83
C GLY A 25 -5.83 -6.16 -3.91
N GLU A 26 -6.43 -4.97 -3.79
CA GLU A 26 -6.40 -3.93 -4.82
C GLU A 26 -6.37 -2.52 -4.18
N THR A 27 -5.94 -1.52 -4.94
CA THR A 27 -5.70 -0.14 -4.49
C THR A 27 -6.16 0.83 -5.56
N VAL A 28 -7.14 1.68 -5.23
CA VAL A 28 -7.71 2.69 -6.14
C VAL A 28 -7.68 4.07 -5.50
N ARG A 29 -7.50 5.09 -6.34
CA ARG A 29 -7.36 6.49 -5.94
C ARG A 29 -8.21 7.38 -6.86
N PHE A 30 -8.93 8.31 -6.27
CA PHE A 30 -9.91 9.16 -6.95
C PHE A 30 -9.91 10.54 -6.27
N ASN A 31 -9.90 11.64 -7.04
CA ASN A 31 -9.91 13.02 -6.52
C ASN A 31 -10.69 13.95 -7.47
N ASN A 32 -11.51 14.86 -6.92
CA ASN A 32 -12.38 15.79 -7.67
C ASN A 32 -13.06 16.84 -6.74
N GLY A 33 -12.27 17.65 -6.02
CA GLY A 33 -12.78 18.75 -5.18
C GLY A 33 -13.85 18.36 -4.15
N ASP A 34 -13.69 17.18 -3.51
CA ASP A 34 -14.63 16.57 -2.56
C ASP A 34 -16.10 16.42 -3.04
N LYS A 35 -16.35 15.46 -3.95
CA LYS A 35 -17.69 15.11 -4.48
C LYS A 35 -17.78 13.75 -5.21
N TRP A 36 -16.82 13.37 -6.08
CA TRP A 36 -16.78 12.04 -6.75
C TRP A 36 -15.88 11.00 -6.09
N ASN A 37 -14.95 11.45 -5.25
CA ASN A 37 -14.01 10.63 -4.50
C ASN A 37 -14.68 10.03 -3.25
N ASP A 38 -15.44 10.84 -2.53
CA ASP A 38 -16.37 10.43 -1.48
C ASP A 38 -17.68 9.83 -2.05
N LYS A 39 -17.57 8.85 -2.95
CA LYS A 39 -18.75 8.15 -3.51
C LYS A 39 -19.19 6.92 -2.73
N PHE A 40 -18.56 6.65 -1.59
CA PHE A 40 -18.96 5.60 -0.65
C PHE A 40 -20.16 6.04 0.21
N MET A 41 -21.11 5.11 0.38
CA MET A 41 -22.30 5.22 1.23
C MET A 41 -22.65 3.89 1.91
N SER A 42 -22.94 2.86 1.11
CA SER A 42 -23.20 1.49 1.59
C SER A 42 -22.23 0.53 0.94
N CYS A 43 -21.49 -0.22 1.74
CA CYS A 43 -20.64 -1.30 1.25
C CYS A 43 -20.65 -2.47 2.23
N LEU A 44 -20.32 -3.66 1.71
CA LEU A 44 -20.38 -4.92 2.43
C LEU A 44 -19.00 -5.56 2.38
N VAL A 45 -18.48 -5.93 3.55
CA VAL A 45 -17.16 -6.50 3.76
C VAL A 45 -17.29 -7.98 4.06
N GLY A 46 -16.91 -8.80 3.08
CA GLY A 46 -16.85 -10.26 3.21
C GLY A 46 -16.02 -10.75 4.40
N SER A 47 -16.23 -12.01 4.79
CA SER A 47 -15.62 -12.59 6.00
C SER A 47 -14.11 -12.86 5.90
N ASN A 48 -13.54 -12.81 4.70
CA ASN A 48 -12.12 -13.10 4.41
C ASN A 48 -11.47 -11.99 3.55
N VAL A 49 -11.93 -10.74 3.77
CA VAL A 49 -11.47 -9.48 3.17
C VAL A 49 -11.67 -8.32 4.15
N ARG A 50 -10.92 -7.23 3.98
CA ARG A 50 -10.99 -6.02 4.82
C ARG A 50 -10.92 -4.77 3.96
N CYS A 51 -11.56 -3.69 4.40
CA CYS A 51 -11.61 -2.44 3.67
C CYS A 51 -10.91 -1.33 4.47
N ASN A 52 -10.06 -0.56 3.78
CA ASN A 52 -9.26 0.50 4.36
C ASN A 52 -9.58 1.82 3.66
N ILE A 53 -10.11 2.77 4.43
CA ILE A 53 -10.54 4.10 3.97
C ILE A 53 -9.61 5.15 4.56
N TRP A 54 -8.85 5.82 3.70
CA TRP A 54 -7.91 6.88 4.06
C TRP A 54 -8.24 8.11 3.19
N GLU A 55 -8.49 9.26 3.82
CA GLU A 55 -8.85 10.49 3.09
C GLU A 55 -7.82 10.83 2.01
N HIS A 56 -6.58 11.00 2.43
CA HIS A 56 -5.49 11.45 1.58
C HIS A 56 -4.17 10.91 2.10
N ASN A 57 -3.09 11.26 1.40
CA ASN A 57 -1.73 11.12 1.89
C ASN A 57 -1.46 12.07 3.06
N GLU A 58 -2.05 11.80 4.23
CA GLU A 58 -1.84 12.64 5.42
C GLU A 58 -0.36 12.73 5.83
N ILE A 59 0.46 11.68 5.72
CA ILE A 59 1.91 11.70 5.98
C ILE A 59 2.38 12.49 7.24
N ASP A 60 1.53 12.55 8.28
CA ASP A 60 1.74 13.29 9.55
C ASP A 60 1.65 14.81 9.39
N THR A 61 0.96 15.25 8.33
CA THR A 61 0.65 16.65 8.01
C THR A 61 -0.23 17.28 9.11
N PRO A 62 -0.04 18.58 9.44
CA PRO A 62 -0.89 19.33 10.38
C PRO A 62 -2.29 19.67 9.82
N THR A 63 -2.87 18.78 9.00
CA THR A 63 -4.21 18.88 8.39
C THR A 63 -4.79 17.48 8.03
N PRO A 64 -4.81 16.49 8.95
CA PRO A 64 -5.38 15.18 8.65
C PRO A 64 -6.89 15.30 8.44
N GLY A 65 -7.42 14.65 7.41
CA GLY A 65 -8.86 14.64 7.15
C GLY A 65 -9.58 13.60 8.02
N LYS A 66 -9.74 12.38 7.50
CA LYS A 66 -10.31 11.22 8.20
C LYS A 66 -9.58 9.92 7.80
N PHE A 67 -9.72 8.90 8.64
CA PHE A 67 -9.23 7.53 8.41
C PHE A 67 -10.17 6.54 9.13
N GLN A 68 -10.45 5.39 8.51
CA GLN A 68 -11.27 4.33 9.09
C GLN A 68 -10.90 2.96 8.50
N GLU A 69 -11.03 1.94 9.33
CA GLU A 69 -10.74 0.54 9.00
C GLU A 69 -12.03 -0.29 9.15
N LEU A 70 -12.64 -0.62 8.01
CA LEU A 70 -13.82 -1.46 7.92
C LEU A 70 -13.43 -2.92 8.21
N ALA A 71 -13.62 -3.32 9.47
CA ALA A 71 -13.32 -4.64 10.00
C ALA A 71 -13.93 -5.78 9.17
N GLN A 72 -13.21 -6.90 9.08
CA GLN A 72 -13.59 -8.13 8.36
C GLN A 72 -14.96 -8.67 8.80
N GLY A 73 -15.70 -9.28 7.87
CA GLY A 73 -17.00 -9.93 8.16
C GLY A 73 -18.05 -8.97 8.74
N SER A 74 -18.28 -7.83 8.08
CA SER A 74 -19.15 -6.75 8.56
C SER A 74 -19.80 -5.97 7.40
N THR A 75 -20.75 -5.10 7.72
CA THR A 75 -21.51 -4.30 6.74
C THR A 75 -21.72 -2.88 7.26
N ASN A 76 -21.66 -1.90 6.36
CA ASN A 76 -21.75 -0.49 6.68
C ASN A 76 -22.73 0.20 5.73
N ASN A 77 -23.91 0.54 6.24
CA ASN A 77 -25.04 1.07 5.48
C ASN A 77 -24.98 2.60 5.31
N ASP A 78 -24.36 3.30 6.27
CA ASP A 78 -24.24 4.76 6.34
C ASP A 78 -22.91 5.15 7.03
N LEU A 79 -21.79 4.77 6.41
CA LEU A 79 -20.42 5.13 6.86
C LEU A 79 -20.00 6.57 6.52
N THR A 80 -20.93 7.45 6.14
CA THR A 80 -20.69 8.86 5.78
C THR A 80 -19.93 9.70 6.83
N SER A 81 -19.72 9.18 8.05
CA SER A 81 -18.68 9.59 9.00
C SER A 81 -17.29 9.78 8.37
N ILE A 82 -16.99 9.09 7.26
CA ILE A 82 -15.76 9.27 6.47
C ILE A 82 -16.04 9.93 5.10
N ASN A 83 -16.85 11.00 5.12
CA ASN A 83 -17.01 11.95 4.02
C ASN A 83 -15.67 12.48 3.46
N GLY A 84 -14.60 12.43 4.24
CA GLY A 84 -13.22 12.48 3.74
C GLY A 84 -12.70 11.10 3.29
N LEU A 85 -12.99 10.71 2.04
CA LEU A 85 -12.33 9.61 1.32
C LEU A 85 -11.77 10.11 -0.02
N SER A 86 -10.59 9.61 -0.42
CA SER A 86 -10.03 9.69 -1.79
C SER A 86 -9.21 8.46 -2.18
N LYS A 87 -8.52 7.83 -1.23
CA LYS A 87 -7.68 6.64 -1.45
C LYS A 87 -8.32 5.44 -0.73
N PHE A 88 -8.55 4.36 -1.46
CA PHE A 88 -9.15 3.14 -0.94
C PHE A 88 -8.23 1.95 -1.21
N GLN A 89 -8.06 1.12 -0.18
CA GLN A 89 -7.26 -0.10 -0.23
C GLN A 89 -8.11 -1.27 0.25
N VAL A 90 -8.19 -2.32 -0.57
CA VAL A 90 -8.88 -3.57 -0.21
C VAL A 90 -7.81 -4.60 0.11
N LEU A 91 -7.86 -5.12 1.33
CA LEU A 91 -6.88 -6.06 1.86
C LEU A 91 -7.53 -7.45 2.02
N PRO A 92 -6.76 -8.54 1.91
CA PRO A 92 -7.29 -9.89 2.10
C PRO A 92 -7.42 -10.26 3.58
N GLY A 93 -8.11 -11.36 3.86
CA GLY A 93 -8.34 -11.92 5.20
C GLY A 93 -7.14 -12.65 5.82
N ALA A 94 -5.92 -12.21 5.49
CA ALA A 94 -4.65 -12.82 5.91
C ALA A 94 -3.61 -11.74 6.29
N PHE A 95 -3.43 -10.73 5.44
CA PHE A 95 -2.53 -9.60 5.68
C PHE A 95 -3.23 -8.57 6.57
N GLN A 96 -2.54 -8.02 7.58
CA GLN A 96 -3.12 -7.01 8.48
C GLN A 96 -3.18 -5.62 7.82
N TRP A 97 -2.19 -5.33 6.97
CA TRP A 97 -2.05 -4.11 6.18
C TRP A 97 -1.19 -4.40 4.93
N ALA A 98 -1.18 -3.45 3.99
CA ALA A 98 -0.26 -3.47 2.85
C ALA A 98 0.36 -2.09 2.62
N VAL A 99 1.43 -2.08 1.83
CA VAL A 99 2.27 -0.90 1.57
C VAL A 99 2.47 -0.76 0.07
N ASP A 100 2.46 0.46 -0.44
CA ASP A 100 2.82 0.74 -1.83
C ASP A 100 4.33 0.93 -1.91
N VAL A 101 4.97 0.23 -2.84
CA VAL A 101 6.37 0.44 -3.20
C VAL A 101 6.50 0.69 -4.69
N LYS A 102 7.48 1.49 -5.10
CA LYS A 102 7.81 1.74 -6.51
C LYS A 102 9.30 2.02 -6.66
N ILE A 103 9.80 1.81 -7.87
CA ILE A 103 11.19 2.01 -8.25
C ILE A 103 11.22 3.21 -9.21
N VAL A 104 12.11 4.18 -8.97
CA VAL A 104 12.29 5.36 -9.83
C VAL A 104 13.78 5.56 -10.10
N ASN A 105 14.20 5.34 -11.34
CA ASN A 105 15.58 5.62 -11.72
C ASN A 105 15.84 7.11 -11.88
N LYS A 106 16.87 7.60 -11.19
CA LYS A 106 17.36 8.99 -11.26
C LYS A 106 18.76 9.07 -11.90
N VAL A 107 19.17 8.01 -12.60
CA VAL A 107 20.48 7.85 -13.27
C VAL A 107 20.29 7.50 -14.75
N ASN A 108 19.58 6.40 -15.04
CA ASN A 108 19.41 5.83 -16.38
C ASN A 108 18.10 5.03 -16.48
N SER A 109 17.38 5.17 -17.60
CA SER A 109 16.00 4.68 -17.81
C SER A 109 15.76 3.21 -17.42
N THR A 110 16.50 2.28 -18.04
CA THR A 110 16.57 0.83 -17.73
C THR A 110 15.24 0.25 -17.19
N ALA A 111 14.16 0.27 -17.98
CA ALA A 111 12.81 0.02 -17.49
C ALA A 111 12.55 -1.45 -17.02
N GLY A 112 11.95 -2.29 -17.86
CA GLY A 112 11.83 -3.74 -17.59
C GLY A 112 13.19 -4.45 -17.42
N SER A 113 14.27 -3.81 -17.89
CA SER A 113 15.67 -4.16 -17.66
C SER A 113 16.12 -4.15 -16.19
N TYR A 114 15.39 -3.45 -15.31
CA TYR A 114 15.56 -3.51 -13.86
C TYR A 114 14.59 -4.53 -13.26
N GLU A 115 15.10 -5.46 -12.46
CA GLU A 115 14.26 -6.42 -11.71
C GLU A 115 14.63 -6.44 -10.23
N MET A 116 13.64 -6.27 -9.38
CA MET A 116 13.74 -6.24 -7.93
C MET A 116 12.77 -7.23 -7.31
N THR A 117 13.12 -7.72 -6.12
CA THR A 117 12.31 -8.62 -5.31
C THR A 117 12.40 -8.14 -3.86
N ILE A 118 11.24 -8.01 -3.22
CA ILE A 118 11.10 -7.52 -1.84
C ILE A 118 10.42 -8.62 -1.04
N THR A 119 10.97 -8.92 0.12
CA THR A 119 10.57 -10.05 0.97
C THR A 119 10.39 -9.59 2.42
N PRO A 120 9.20 -9.08 2.78
CA PRO A 120 8.93 -8.65 4.15
C PRO A 120 8.91 -9.89 5.05
N TYR A 121 9.90 -9.99 5.94
CA TYR A 121 10.12 -11.10 6.87
C TYR A 121 9.86 -12.48 6.23
N GLN A 122 10.53 -12.76 5.09
CA GLN A 122 10.44 -14.02 4.33
C GLN A 122 9.00 -14.56 4.11
N VAL A 123 8.02 -13.65 4.00
CA VAL A 123 6.57 -13.91 3.86
C VAL A 123 6.08 -13.26 2.58
N ASP A 124 5.30 -14.01 1.80
CA ASP A 124 4.72 -13.61 0.49
C ASP A 124 5.69 -12.76 -0.37
N LYS A 125 6.74 -13.42 -0.88
CA LYS A 125 7.73 -12.81 -1.78
C LYS A 125 7.03 -12.18 -2.99
N VAL A 126 7.47 -11.00 -3.41
CA VAL A 126 6.90 -10.26 -4.55
C VAL A 126 8.00 -9.66 -5.40
N ALA A 127 7.80 -9.72 -6.72
CA ALA A 127 8.72 -9.17 -7.71
C ALA A 127 8.15 -7.90 -8.33
N CYS A 128 9.01 -6.93 -8.55
CA CYS A 128 8.72 -5.59 -9.03
C CYS A 128 9.81 -5.14 -10.02
N LYS A 129 9.43 -4.42 -11.07
CA LYS A 129 10.33 -3.98 -12.16
C LYS A 129 10.12 -2.50 -12.41
N ASP A 130 11.20 -1.78 -12.73
CA ASP A 130 11.15 -0.32 -12.93
C ASP A 130 10.27 0.07 -14.13
N GLY A 131 8.99 0.30 -13.88
CA GLY A 131 8.00 0.56 -14.92
C GLY A 131 6.58 0.12 -14.54
N ASP A 132 6.46 -0.82 -13.59
CA ASP A 132 5.16 -1.12 -12.97
C ASP A 132 4.55 0.11 -12.25
N ASP A 133 3.22 0.16 -12.19
CA ASP A 133 2.48 1.28 -11.58
C ASP A 133 2.30 1.05 -10.07
N PHE A 134 3.42 1.07 -9.34
CA PHE A 134 3.54 0.68 -7.93
C PHE A 134 3.22 -0.82 -7.71
N VAL A 135 3.58 -1.35 -6.52
CA VAL A 135 3.36 -2.75 -6.11
C VAL A 135 2.88 -2.79 -4.67
N GLN A 136 1.91 -3.66 -4.37
CA GLN A 136 1.42 -3.89 -3.01
C GLN A 136 2.33 -4.90 -2.29
N LEU A 137 2.90 -4.49 -1.14
CA LEU A 137 3.65 -5.33 -0.22
C LEU A 137 2.73 -5.78 0.91
N PRO A 138 2.38 -7.07 0.98
CA PRO A 138 1.51 -7.59 2.04
C PRO A 138 2.30 -7.78 3.33
N ILE A 139 1.70 -7.38 4.46
CA ILE A 139 2.35 -7.44 5.77
C ILE A 139 1.42 -8.15 6.77
N PRO A 140 1.89 -9.23 7.44
CA PRO A 140 1.09 -9.99 8.40
C PRO A 140 0.83 -9.20 9.69
N LYS A 141 0.05 -9.78 10.62
CA LYS A 141 -0.11 -9.24 11.98
C LYS A 141 1.20 -9.28 12.78
N LEU A 142 1.42 -8.23 13.57
CA LEU A 142 2.46 -8.10 14.58
C LEU A 142 2.01 -7.11 15.66
N THR A 143 2.23 -7.45 16.94
CA THR A 143 1.82 -6.64 18.11
C THR A 143 3.04 -6.38 19.02
N PRO A 144 3.25 -5.14 19.51
CA PRO A 144 2.45 -3.95 19.23
C PRO A 144 2.59 -3.49 17.76
N PRO A 145 1.59 -2.79 17.20
CA PRO A 145 1.65 -2.32 15.83
C PRO A 145 2.78 -1.30 15.62
N ASP A 146 3.19 -0.55 16.65
CA ASP A 146 4.37 0.33 16.61
C ASP A 146 5.73 -0.40 16.42
N SER A 147 5.76 -1.74 16.52
CA SER A 147 6.93 -2.55 16.18
C SER A 147 7.37 -2.44 14.72
N GLU A 148 8.57 -2.92 14.45
CA GLU A 148 9.15 -3.02 13.10
C GLU A 148 9.29 -4.49 12.65
N ILE A 149 9.26 -4.68 11.33
CA ILE A 149 9.41 -5.93 10.60
C ILE A 149 10.63 -5.81 9.69
N VAL A 150 11.50 -6.81 9.74
CA VAL A 150 12.69 -6.91 8.89
C VAL A 150 12.28 -7.26 7.46
N SER A 151 12.82 -6.57 6.45
CA SER A 151 12.50 -6.83 5.04
C SER A 151 13.77 -6.82 4.21
N HIS A 152 13.97 -7.84 3.37
CA HIS A 152 15.11 -7.90 2.46
C HIS A 152 14.70 -7.37 1.07
N LEU A 153 15.65 -6.74 0.38
CA LEU A 153 15.50 -6.20 -0.96
C LEU A 153 16.73 -6.60 -1.79
N THR A 154 16.44 -7.10 -2.98
CA THR A 154 17.46 -7.55 -3.92
C THR A 154 17.03 -7.15 -5.33
N VAL A 155 17.85 -6.32 -5.96
CA VAL A 155 17.64 -5.80 -7.32
C VAL A 155 18.89 -5.98 -8.14
N ARG A 156 18.68 -6.48 -9.36
CA ARG A 156 19.70 -6.85 -10.33
C ARG A 156 19.22 -6.50 -11.74
N GLN A 157 20.16 -6.18 -12.62
CA GLN A 157 19.82 -5.94 -14.03
C GLN A 157 19.47 -7.30 -14.69
N THR A 158 18.56 -7.32 -15.66
CA THR A 158 18.23 -8.54 -16.43
C THR A 158 19.31 -8.91 -17.46
N HIS A 159 20.35 -8.09 -17.60
CA HIS A 159 21.46 -8.20 -18.56
C HIS A 159 22.79 -7.72 -17.94
N THR A 160 23.93 -8.21 -18.45
CA THR A 160 25.27 -7.95 -17.91
C THR A 160 25.62 -6.45 -17.81
N PRO A 161 26.48 -6.01 -16.87
CA PRO A 161 27.24 -6.82 -15.91
C PRO A 161 26.42 -7.39 -14.75
N TYR A 162 25.11 -7.08 -14.66
CA TYR A 162 24.14 -7.59 -13.67
C TYR A 162 24.68 -7.72 -12.22
N ASP A 163 25.52 -6.78 -11.80
CA ASP A 163 26.37 -6.90 -10.62
C ASP A 163 25.63 -6.57 -9.30
N TYR A 164 24.42 -7.12 -9.13
CA TYR A 164 23.51 -6.90 -8.01
C TYR A 164 23.45 -5.42 -7.56
N VAL A 165 22.77 -4.60 -8.38
CA VAL A 165 22.63 -3.13 -8.21
C VAL A 165 22.49 -2.73 -6.75
N VAL A 166 21.55 -3.38 -6.05
CA VAL A 166 21.41 -3.32 -4.59
C VAL A 166 21.10 -4.71 -4.08
N ASN A 167 21.86 -5.16 -3.09
CA ASN A 167 21.62 -6.38 -2.35
C ASN A 167 21.84 -6.08 -0.86
N GLY A 168 20.74 -6.07 -0.10
CA GLY A 168 20.73 -5.63 1.29
C GLY A 168 19.36 -5.78 1.93
N SER A 169 19.17 -5.14 3.09
CA SER A 169 17.90 -5.20 3.82
C SER A 169 17.52 -3.82 4.35
N VAL A 170 16.26 -3.67 4.74
CA VAL A 170 15.68 -2.42 5.25
C VAL A 170 14.64 -2.75 6.34
N TYR A 171 14.47 -1.85 7.30
CA TYR A 171 13.46 -2.01 8.34
C TYR A 171 12.17 -1.29 7.94
N PHE A 172 11.03 -1.95 8.15
CA PHE A 172 9.69 -1.40 7.95
C PHE A 172 9.01 -1.30 9.32
N LYS A 173 8.40 -0.17 9.65
CA LYS A 173 7.66 0.07 10.90
C LYS A 173 6.24 0.51 10.56
N TYR A 174 5.28 0.33 11.46
CA TYR A 174 3.90 0.79 11.26
C TYR A 174 3.51 1.78 12.36
N SER A 175 2.91 2.90 11.99
CA SER A 175 2.48 3.95 12.94
C SER A 175 0.99 3.77 13.23
N PRO A 176 0.60 3.19 14.39
CA PRO A 176 -0.81 2.91 14.68
C PRO A 176 -1.64 4.18 14.89
N THR A 177 -0.99 5.32 15.11
CA THR A 177 -1.58 6.67 15.20
C THR A 177 -2.56 6.97 14.07
N THR A 178 -2.22 6.55 12.84
CA THR A 178 -3.02 6.77 11.62
C THR A 178 -2.95 5.60 10.63
N GLY A 179 -2.56 4.40 11.12
CA GLY A 179 -2.28 3.21 10.32
C GLY A 179 -1.26 3.38 9.20
N GLN A 180 -0.22 4.18 9.44
CA GLN A 180 0.87 4.40 8.48
C GLN A 180 1.92 3.26 8.50
N VAL A 181 2.92 3.39 7.64
CA VAL A 181 4.17 2.66 7.60
C VAL A 181 5.31 3.68 7.47
N THR A 182 6.45 3.42 8.11
CA THR A 182 7.68 4.23 8.12
C THR A 182 8.87 3.30 7.90
N VAL A 183 9.68 3.55 6.88
CA VAL A 183 10.84 2.69 6.54
C VAL A 183 12.15 3.31 7.03
N ILE A 184 12.79 2.60 7.96
CA ILE A 184 14.11 2.93 8.49
C ILE A 184 15.17 2.23 7.62
N LYS A 185 16.00 3.06 6.99
CA LYS A 185 17.15 2.69 6.18
C LYS A 185 18.38 3.43 6.68
N LYS A 186 19.52 2.75 6.66
CA LYS A 186 20.84 3.27 7.09
C LYS A 186 21.95 2.33 6.65
N ASP A 187 23.17 2.86 6.60
CA ASP A 187 24.39 2.17 6.15
C ASP A 187 24.65 0.83 6.87
N GLU A 188 24.05 0.64 8.06
CA GLU A 188 24.01 -0.62 8.80
C GLU A 188 23.45 -1.83 8.02
N THR A 189 22.55 -1.60 7.06
CA THR A 189 21.84 -2.65 6.29
C THR A 189 21.49 -2.23 4.85
N PHE A 190 20.99 -1.00 4.68
CA PHE A 190 20.62 -0.43 3.38
C PHE A 190 21.78 0.44 2.83
N PRO A 191 22.12 0.35 1.54
CA PRO A 191 23.17 1.18 0.94
C PRO A 191 22.69 2.63 0.64
N LYS A 192 23.55 3.39 -0.07
CA LYS A 192 23.36 4.82 -0.42
C LYS A 192 23.07 5.09 -1.91
N ASN A 193 23.40 4.12 -2.75
CA ASN A 193 23.08 4.07 -4.19
C ASN A 193 21.57 3.88 -4.46
N MET A 194 20.80 3.54 -3.43
CA MET A 194 19.34 3.62 -3.40
C MET A 194 18.92 4.33 -2.11
N THR A 195 17.84 5.09 -2.17
CA THR A 195 17.25 5.81 -1.03
C THR A 195 15.73 5.66 -1.07
N VAL A 196 15.07 5.80 0.07
CA VAL A 196 13.61 5.63 0.16
C VAL A 196 12.95 6.93 0.57
N THR A 197 11.98 7.37 -0.23
CA THR A 197 11.28 8.64 -0.07
C THR A 197 9.80 8.37 0.20
N GLN A 198 9.26 9.00 1.25
CA GLN A 198 7.88 8.87 1.72
C GLN A 198 6.92 9.67 0.81
N ASP A 199 6.72 9.18 -0.41
CA ASP A 199 5.94 9.86 -1.47
C ASP A 199 4.50 10.19 -1.04
N ASP A 200 3.84 9.25 -0.35
CA ASP A 200 2.48 9.35 0.20
C ASP A 200 2.39 8.51 1.50
N ASN A 201 1.23 8.52 2.17
CA ASN A 201 1.01 7.72 3.38
C ASN A 201 0.98 6.23 2.98
N THR A 202 1.76 5.39 3.68
CA THR A 202 1.99 3.97 3.35
C THR A 202 2.54 3.73 1.93
N SER A 203 3.31 4.70 1.41
CA SER A 203 3.85 4.68 0.04
C SER A 203 5.31 5.10 0.01
N PHE A 204 6.15 4.23 -0.54
CA PHE A 204 7.59 4.36 -0.57
C PHE A 204 8.11 4.28 -2.00
N ILE A 205 9.02 5.18 -2.34
CA ILE A 205 9.64 5.23 -3.66
C ILE A 205 11.15 5.06 -3.49
N PHE A 206 11.65 3.96 -4.05
CA PHE A 206 13.04 3.61 -4.15
C PHE A 206 13.72 4.41 -5.27
N ASN A 207 14.32 5.53 -4.91
CA ASN A 207 15.13 6.37 -5.81
C ASN A 207 16.47 5.69 -6.09
N LEU A 208 16.77 5.43 -7.36
CA LEU A 208 18.05 4.88 -7.81
C LEU A 208 19.07 6.02 -7.99
N ASN A 209 19.98 6.18 -7.03
CA ASN A 209 20.98 7.26 -7.01
C ASN A 209 22.24 6.95 -7.85
N SER A 210 22.59 5.66 -8.01
CA SER A 210 23.66 5.12 -8.87
C SER A 210 23.43 3.62 -9.16
N GLU A 211 23.53 3.15 -10.40
CA GLU A 211 23.30 1.72 -10.77
C GLU A 211 24.40 0.71 -10.30
N LYS A 212 25.28 1.11 -9.36
CA LYS A 212 26.56 0.44 -9.05
C LYS A 212 26.46 -1.08 -8.89
N SER A 1 -25.55 -10.86 -1.89
CA SER A 1 -24.64 -10.82 -0.75
C SER A 1 -23.19 -10.61 -1.18
N VAL A 2 -22.32 -10.21 -0.25
CA VAL A 2 -20.87 -10.19 -0.43
C VAL A 2 -20.28 -11.60 -0.21
N ASP A 3 -19.33 -12.01 -1.07
CA ASP A 3 -18.60 -13.27 -0.92
C ASP A 3 -17.54 -13.15 0.19
N ALA A 4 -17.25 -14.22 0.94
CA ALA A 4 -16.26 -14.18 2.03
C ALA A 4 -14.83 -13.76 1.59
N ASN A 5 -14.55 -13.83 0.28
CA ASN A 5 -13.29 -13.50 -0.40
C ASN A 5 -13.39 -12.26 -1.32
N LYS A 6 -14.48 -11.48 -1.24
CA LYS A 6 -14.68 -10.23 -2.02
C LYS A 6 -15.31 -9.15 -1.13
N VAL A 7 -15.44 -7.95 -1.65
CA VAL A 7 -16.03 -6.80 -0.94
C VAL A 7 -16.90 -6.00 -1.93
N LYS A 8 -17.97 -5.39 -1.42
CA LYS A 8 -18.91 -4.57 -2.21
C LYS A 8 -19.19 -3.23 -1.51
N PHE A 9 -19.34 -2.18 -2.31
CA PHE A 9 -19.70 -0.83 -1.87
C PHE A 9 -20.85 -0.33 -2.75
N PHE A 10 -21.83 0.30 -2.13
CA PHE A 10 -23.00 0.88 -2.76
C PHE A 10 -23.12 2.37 -2.38
N PHE A 11 -23.70 3.14 -3.29
CA PHE A 11 -23.92 4.57 -3.17
C PHE A 11 -25.41 4.87 -3.11
N GLY A 12 -25.95 4.93 -1.89
CA GLY A 12 -27.23 5.56 -1.61
C GLY A 12 -27.61 5.46 -0.13
N LYS A 13 -27.78 4.21 0.32
CA LYS A 13 -28.13 3.72 1.67
C LYS A 13 -28.63 2.27 1.56
N ASN A 14 -28.15 1.37 2.41
CA ASN A 14 -28.53 -0.06 2.48
C ASN A 14 -28.80 -0.73 1.10
N CYS A 15 -27.79 -0.71 0.21
CA CYS A 15 -27.84 -1.24 -1.17
C CYS A 15 -29.04 -0.75 -2.04
N THR A 16 -29.09 0.56 -2.33
CA THR A 16 -30.24 1.20 -3.02
C THR A 16 -29.89 1.95 -4.32
N GLY A 17 -28.78 2.70 -4.37
CA GLY A 17 -28.41 3.51 -5.55
C GLY A 17 -27.41 2.80 -6.46
N GLU A 18 -26.22 3.38 -6.69
CA GLU A 18 -25.17 2.69 -7.47
C GLU A 18 -24.55 1.52 -6.68
N SER A 19 -23.80 0.67 -7.38
CA SER A 19 -23.09 -0.47 -6.80
C SER A 19 -21.67 -0.60 -7.37
N PHE A 20 -20.80 -1.29 -6.63
CA PHE A 20 -19.38 -1.47 -6.92
C PHE A 20 -18.96 -2.84 -6.34
N GLU A 21 -18.27 -3.64 -7.15
CA GLU A 21 -17.93 -5.04 -6.86
C GLU A 21 -16.44 -5.26 -7.17
N TYR A 22 -15.66 -5.66 -6.18
CA TYR A 22 -14.20 -5.70 -6.26
C TYR A 22 -13.63 -6.87 -5.45
N ASN A 23 -12.63 -7.52 -6.04
CA ASN A 23 -11.90 -8.62 -5.43
C ASN A 23 -11.01 -8.10 -4.29
N LYS A 24 -10.70 -8.94 -3.30
CA LYS A 24 -9.73 -8.64 -2.24
C LYS A 24 -8.31 -8.43 -2.79
N GLY A 25 -7.44 -7.79 -2.01
CA GLY A 25 -6.04 -7.55 -2.38
C GLY A 25 -5.91 -6.55 -3.55
N GLU A 26 -6.64 -5.44 -3.49
CA GLU A 26 -6.77 -4.41 -4.52
C GLU A 26 -6.76 -3.01 -3.90
N THR A 27 -6.41 -2.01 -4.72
CA THR A 27 -6.28 -0.61 -4.32
C THR A 27 -6.97 0.26 -5.36
N VAL A 28 -8.00 0.99 -4.93
CA VAL A 28 -8.91 1.77 -5.80
C VAL A 28 -9.10 3.17 -5.20
N ARG A 29 -9.10 4.18 -6.06
CA ARG A 29 -8.96 5.60 -5.69
C ARG A 29 -9.82 6.44 -6.62
N PHE A 30 -11.00 6.86 -6.15
CA PHE A 30 -12.02 7.52 -6.98
C PHE A 30 -12.52 8.80 -6.30
N ASN A 31 -12.43 9.92 -7.03
CA ASN A 31 -12.91 11.24 -6.60
C ASN A 31 -13.27 12.13 -7.81
N ASN A 32 -13.99 13.23 -7.53
CA ASN A 32 -14.29 14.31 -8.47
C ASN A 32 -14.50 15.62 -7.68
N GLY A 33 -13.56 16.57 -7.78
CA GLY A 33 -13.61 17.89 -7.14
C GLY A 33 -13.87 17.88 -5.62
N ASP A 34 -13.35 16.87 -4.93
CA ASP A 34 -13.62 16.53 -3.53
C ASP A 34 -15.12 16.49 -3.13
N LYS A 35 -15.98 15.93 -3.99
CA LYS A 35 -17.39 15.62 -3.65
C LYS A 35 -17.89 14.23 -4.11
N TRP A 36 -17.72 13.78 -5.36
CA TRP A 36 -18.28 12.46 -5.78
C TRP A 36 -17.65 11.24 -5.09
N ASN A 37 -16.44 11.34 -4.54
CA ASN A 37 -15.87 10.32 -3.63
C ASN A 37 -16.81 9.98 -2.47
N ASP A 38 -17.65 10.93 -2.05
CA ASP A 38 -18.66 10.74 -1.02
C ASP A 38 -19.80 9.78 -1.43
N LYS A 39 -19.75 9.26 -2.68
CA LYS A 39 -20.56 8.12 -3.14
C LYS A 39 -20.62 6.98 -2.12
N PHE A 40 -19.53 6.68 -1.43
CA PHE A 40 -19.51 5.67 -0.37
C PHE A 40 -20.49 6.02 0.78
N MET A 41 -21.39 5.08 1.05
CA MET A 41 -22.44 5.17 2.07
C MET A 41 -22.82 3.82 2.68
N SER A 42 -22.82 2.74 1.90
CA SER A 42 -23.17 1.41 2.41
C SER A 42 -22.28 0.33 1.80
N CYS A 43 -21.62 -0.47 2.64
CA CYS A 43 -20.66 -1.48 2.21
C CYS A 43 -20.78 -2.76 3.03
N LEU A 44 -20.27 -3.83 2.44
CA LEU A 44 -20.39 -5.19 2.95
C LEU A 44 -19.02 -5.85 2.77
N VAL A 45 -18.46 -6.31 3.90
CA VAL A 45 -17.13 -6.92 4.01
C VAL A 45 -17.32 -8.42 4.24
N GLY A 46 -16.91 -9.21 3.24
CA GLY A 46 -17.10 -10.65 3.11
C GLY A 46 -17.12 -11.46 4.40
N SER A 47 -15.91 -11.80 4.89
CA SER A 47 -15.64 -12.53 6.16
C SER A 47 -14.15 -12.78 6.39
N ASN A 48 -13.39 -13.01 5.31
CA ASN A 48 -11.96 -13.32 5.34
C ASN A 48 -11.17 -12.27 4.54
N VAL A 49 -11.61 -11.01 4.66
CA VAL A 49 -11.14 -9.80 3.96
C VAL A 49 -11.39 -8.59 4.86
N ARG A 50 -10.49 -7.60 4.84
CA ARG A 50 -10.57 -6.33 5.60
C ARG A 50 -10.58 -5.16 4.62
N CYS A 51 -11.26 -4.07 4.97
CA CYS A 51 -11.29 -2.87 4.12
C CYS A 51 -10.83 -1.66 4.94
N ASN A 52 -10.06 -0.78 4.30
CA ASN A 52 -9.43 0.38 4.95
C ASN A 52 -9.70 1.62 4.11
N ILE A 53 -10.15 2.68 4.76
CA ILE A 53 -10.63 3.90 4.09
C ILE A 53 -9.81 5.10 4.57
N TRP A 54 -9.27 5.83 3.59
CA TRP A 54 -8.38 6.97 3.81
C TRP A 54 -8.85 8.16 2.96
N GLU A 55 -8.99 9.32 3.59
CA GLU A 55 -9.33 10.58 2.92
C GLU A 55 -8.38 10.93 1.77
N HIS A 56 -7.12 11.13 2.10
CA HIS A 56 -6.06 11.57 1.20
C HIS A 56 -4.72 10.99 1.64
N ASN A 57 -3.68 11.18 0.85
CA ASN A 57 -2.33 10.75 1.21
C ASN A 57 -1.47 11.95 1.64
N GLU A 58 -0.66 11.76 2.68
CA GLU A 58 0.10 12.81 3.38
C GLU A 58 1.08 12.18 4.43
N ILE A 59 1.75 13.00 5.23
CA ILE A 59 2.81 12.61 6.18
C ILE A 59 2.51 13.10 7.62
N ASP A 60 1.23 13.04 8.00
CA ASP A 60 0.65 13.69 9.21
C ASP A 60 0.90 15.20 9.18
N THR A 61 0.59 15.76 8.01
CA THR A 61 0.50 17.20 7.74
C THR A 61 -0.50 17.86 8.71
N PRO A 62 -0.38 19.16 9.02
CA PRO A 62 -1.22 19.86 10.02
C PRO A 62 -2.68 20.13 9.57
N THR A 63 -3.23 19.32 8.66
CA THR A 63 -4.63 19.29 8.23
C THR A 63 -5.04 17.86 7.77
N PRO A 64 -4.94 16.84 8.65
CA PRO A 64 -5.33 15.48 8.29
C PRO A 64 -6.85 15.39 8.13
N GLY A 65 -7.29 14.56 7.20
CA GLY A 65 -8.69 14.24 6.94
C GLY A 65 -9.29 13.26 7.94
N LYS A 66 -9.93 12.21 7.42
CA LYS A 66 -10.49 11.09 8.20
C LYS A 66 -9.91 9.75 7.71
N PHE A 67 -9.98 8.76 8.60
CA PHE A 67 -9.58 7.38 8.36
C PHE A 67 -10.47 6.43 9.19
N GLN A 68 -10.63 5.19 8.74
CA GLN A 68 -11.34 4.14 9.47
C GLN A 68 -10.94 2.74 8.95
N GLU A 69 -11.22 1.71 9.74
CA GLU A 69 -10.95 0.30 9.42
C GLU A 69 -12.25 -0.53 9.49
N LEU A 70 -12.79 -0.88 8.31
CA LEU A 70 -13.99 -1.70 8.16
C LEU A 70 -13.66 -3.18 8.49
N ALA A 71 -14.05 -3.58 9.70
CA ALA A 71 -13.78 -4.90 10.29
C ALA A 71 -14.31 -6.07 9.45
N GLN A 72 -13.60 -7.20 9.51
CA GLN A 72 -13.93 -8.48 8.86
C GLN A 72 -15.35 -8.99 9.21
N GLY A 73 -16.05 -9.56 8.22
CA GLY A 73 -17.36 -10.19 8.38
C GLY A 73 -18.46 -9.27 8.90
N SER A 74 -18.69 -8.14 8.22
CA SER A 74 -19.62 -7.09 8.67
C SER A 74 -20.29 -6.34 7.52
N THR A 75 -21.37 -5.62 7.85
CA THR A 75 -22.17 -4.80 6.93
C THR A 75 -22.42 -3.44 7.58
N ASN A 76 -22.15 -2.38 6.84
CA ASN A 76 -22.15 -1.00 7.31
C ASN A 76 -23.05 -0.19 6.36
N ASN A 77 -23.98 0.61 6.89
CA ASN A 77 -25.00 1.31 6.09
C ASN A 77 -25.30 2.76 6.54
N ASP A 78 -24.76 3.18 7.68
CA ASP A 78 -24.84 4.54 8.23
C ASP A 78 -23.50 4.95 8.88
N LEU A 79 -22.49 5.11 8.02
CA LEU A 79 -21.09 5.43 8.33
C LEU A 79 -20.64 6.76 7.68
N THR A 80 -21.60 7.61 7.31
CA THR A 80 -21.38 8.96 6.73
C THR A 80 -20.50 9.89 7.59
N SER A 81 -20.23 9.53 8.85
CA SER A 81 -19.18 10.14 9.68
C SER A 81 -17.78 10.18 9.01
N ILE A 82 -17.56 9.36 7.98
CA ILE A 82 -16.31 9.25 7.19
C ILE A 82 -16.49 9.85 5.76
N ASN A 83 -17.29 10.92 5.62
CA ASN A 83 -17.43 11.66 4.34
C ASN A 83 -16.08 12.05 3.70
N GLY A 84 -15.05 12.25 4.53
CA GLY A 84 -13.65 12.32 4.13
C GLY A 84 -13.06 10.95 3.71
N LEU A 85 -13.46 10.42 2.56
CA LEU A 85 -12.79 9.31 1.86
C LEU A 85 -12.41 9.76 0.44
N SER A 86 -11.30 9.25 -0.12
CA SER A 86 -11.05 9.23 -1.57
C SER A 86 -10.22 8.02 -2.04
N LYS A 87 -9.56 7.28 -1.13
CA LYS A 87 -8.62 6.18 -1.44
C LYS A 87 -8.94 4.98 -0.56
N PHE A 88 -9.12 3.82 -1.19
CA PHE A 88 -9.71 2.61 -0.57
C PHE A 88 -8.77 1.42 -0.80
N GLN A 89 -8.38 0.78 0.29
CA GLN A 89 -7.40 -0.32 0.34
C GLN A 89 -8.11 -1.57 0.85
N VAL A 90 -8.18 -2.58 -0.02
CA VAL A 90 -9.00 -3.78 0.16
C VAL A 90 -8.05 -4.97 0.27
N LEU A 91 -8.03 -5.65 1.39
CA LEU A 91 -7.01 -6.64 1.75
C LEU A 91 -7.69 -7.97 2.16
N PRO A 92 -7.05 -9.13 1.98
CA PRO A 92 -7.54 -10.41 2.51
C PRO A 92 -7.37 -10.49 4.04
N GLY A 93 -7.76 -11.61 4.65
CA GLY A 93 -7.59 -11.86 6.09
C GLY A 93 -6.16 -12.24 6.50
N ALA A 94 -5.36 -12.74 5.56
CA ALA A 94 -3.94 -13.03 5.76
C ALA A 94 -3.10 -11.75 5.94
N PHE A 95 -3.34 -10.74 5.09
CA PHE A 95 -2.63 -9.46 5.09
C PHE A 95 -3.39 -8.45 5.98
N GLN A 96 -2.71 -7.50 6.63
CA GLN A 96 -3.35 -6.55 7.55
C GLN A 96 -3.18 -5.08 7.12
N TRP A 97 -2.07 -4.78 6.47
CA TRP A 97 -1.81 -3.54 5.75
C TRP A 97 -0.92 -3.86 4.55
N ALA A 98 -1.08 -3.11 3.47
CA ALA A 98 -0.20 -3.19 2.30
C ALA A 98 0.47 -1.84 2.06
N VAL A 99 1.63 -1.89 1.42
CA VAL A 99 2.46 -0.74 1.06
C VAL A 99 2.68 -0.73 -0.43
N ASP A 100 2.85 0.45 -1.00
CA ASP A 100 3.12 0.62 -2.41
C ASP A 100 4.62 0.95 -2.57
N VAL A 101 5.35 0.21 -3.40
CA VAL A 101 6.78 0.44 -3.64
C VAL A 101 7.04 0.66 -5.12
N LYS A 102 7.87 1.66 -5.46
CA LYS A 102 8.20 1.99 -6.85
C LYS A 102 9.66 2.36 -7.00
N ILE A 103 10.29 1.79 -8.03
CA ILE A 103 11.70 1.99 -8.38
C ILE A 103 11.82 3.25 -9.27
N VAL A 104 12.93 3.98 -9.12
CA VAL A 104 13.31 5.15 -9.92
C VAL A 104 14.78 5.04 -10.30
N ASN A 105 15.03 4.66 -11.54
CA ASN A 105 16.32 4.79 -12.20
C ASN A 105 16.78 6.27 -12.24
N LYS A 106 17.94 6.57 -11.63
CA LYS A 106 18.62 7.87 -11.75
C LYS A 106 19.95 7.74 -12.51
N VAL A 107 20.67 6.63 -12.33
CA VAL A 107 21.94 6.34 -13.02
C VAL A 107 21.77 5.56 -14.34
N ASN A 108 20.80 4.63 -14.40
CA ASN A 108 20.49 3.84 -15.60
C ASN A 108 19.40 4.54 -16.44
N SER A 109 19.77 5.38 -17.41
CA SER A 109 18.84 6.09 -18.32
C SER A 109 17.99 5.19 -19.27
N THR A 110 17.89 3.89 -18.96
CA THR A 110 17.20 2.83 -19.71
C THR A 110 16.36 1.99 -18.75
N ALA A 111 15.16 2.50 -18.43
CA ALA A 111 14.18 1.81 -17.58
C ALA A 111 13.73 0.47 -18.22
N GLY A 112 13.74 -0.61 -17.43
CA GLY A 112 13.24 -1.95 -17.80
C GLY A 112 14.25 -3.07 -17.57
N SER A 113 15.54 -2.80 -17.85
CA SER A 113 16.66 -3.70 -17.53
C SER A 113 16.97 -3.77 -16.03
N TYR A 114 16.66 -2.71 -15.30
CA TYR A 114 16.70 -2.66 -13.83
C TYR A 114 15.49 -3.43 -13.25
N GLU A 115 15.76 -4.37 -12.35
CA GLU A 115 14.76 -5.10 -11.55
C GLU A 115 15.17 -5.05 -10.07
N MET A 116 14.18 -4.90 -9.19
CA MET A 116 14.34 -5.05 -7.74
C MET A 116 13.20 -5.87 -7.16
N THR A 117 13.56 -6.75 -6.23
CA THR A 117 12.66 -7.63 -5.49
C THR A 117 12.86 -7.37 -4.01
N ILE A 118 11.76 -7.32 -3.27
CA ILE A 118 11.77 -7.19 -1.80
C ILE A 118 10.96 -8.32 -1.16
N THR A 119 11.41 -8.77 0.01
CA THR A 119 10.78 -9.86 0.76
C THR A 119 10.89 -9.61 2.28
N PRO A 120 9.85 -9.01 2.90
CA PRO A 120 9.71 -8.96 4.36
C PRO A 120 9.51 -10.35 4.98
N TYR A 121 9.67 -10.44 6.31
CA TYR A 121 9.54 -11.65 7.16
C TYR A 121 8.54 -12.69 6.62
N GLN A 122 9.03 -13.68 5.89
CA GLN A 122 8.25 -14.78 5.29
C GLN A 122 6.96 -14.34 4.54
N VAL A 123 7.03 -13.20 3.84
CA VAL A 123 5.94 -12.63 3.01
C VAL A 123 6.06 -13.09 1.55
N ASP A 124 4.93 -13.09 0.83
CA ASP A 124 4.87 -13.29 -0.64
C ASP A 124 5.71 -12.23 -1.38
N LYS A 125 6.95 -12.59 -1.79
CA LYS A 125 7.86 -11.66 -2.49
C LYS A 125 7.23 -11.13 -3.78
N VAL A 126 7.63 -9.92 -4.17
CA VAL A 126 7.16 -9.27 -5.40
C VAL A 126 8.32 -8.69 -6.19
N ALA A 127 8.36 -8.99 -7.48
CA ALA A 127 9.29 -8.38 -8.42
C ALA A 127 8.71 -7.06 -8.93
N CYS A 128 9.55 -6.02 -8.99
CA CYS A 128 9.27 -4.76 -9.64
C CYS A 128 10.37 -4.48 -10.68
N LYS A 129 9.97 -3.91 -11.82
CA LYS A 129 10.85 -3.56 -12.95
C LYS A 129 10.58 -2.10 -13.29
N ASP A 130 11.65 -1.36 -13.55
CA ASP A 130 11.61 0.09 -13.77
C ASP A 130 10.65 0.45 -14.91
N GLY A 131 9.49 1.05 -14.57
CA GLY A 131 8.41 1.36 -15.49
C GLY A 131 7.03 0.85 -15.03
N ASP A 132 6.98 -0.20 -14.21
CA ASP A 132 5.75 -0.63 -13.52
C ASP A 132 5.29 0.45 -12.52
N ASP A 133 3.98 0.61 -12.35
CA ASP A 133 3.40 1.49 -11.32
C ASP A 133 3.66 0.94 -9.90
N PHE A 134 3.43 1.74 -8.85
CA PHE A 134 3.67 1.38 -7.44
C PHE A 134 3.13 -0.02 -7.08
N VAL A 135 4.03 -0.99 -6.95
CA VAL A 135 3.70 -2.41 -6.76
C VAL A 135 3.19 -2.63 -5.34
N GLN A 136 2.00 -3.23 -5.21
CA GLN A 136 1.43 -3.57 -3.91
C GLN A 136 2.27 -4.67 -3.23
N LEU A 137 2.74 -4.39 -2.02
CA LEU A 137 3.45 -5.31 -1.13
C LEU A 137 2.60 -5.47 0.14
N PRO A 138 1.77 -6.52 0.23
CA PRO A 138 0.99 -6.80 1.43
C PRO A 138 1.86 -7.37 2.58
N ILE A 139 1.55 -6.99 3.81
CA ILE A 139 2.24 -7.42 5.04
C ILE A 139 1.19 -8.09 5.98
N PRO A 140 1.47 -9.27 6.57
CA PRO A 140 0.58 -9.91 7.55
C PRO A 140 0.44 -9.12 8.85
N LYS A 141 -0.51 -9.52 9.71
CA LYS A 141 -0.72 -8.88 11.02
C LYS A 141 0.58 -8.73 11.84
N LEU A 142 0.73 -7.59 12.49
CA LEU A 142 1.96 -7.23 13.20
C LEU A 142 1.62 -6.35 14.43
N THR A 143 2.05 -6.82 15.60
CA THR A 143 1.71 -6.20 16.89
C THR A 143 2.96 -6.09 17.79
N PRO A 144 3.22 -4.92 18.40
CA PRO A 144 2.49 -3.67 18.20
C PRO A 144 2.69 -3.09 16.78
N PRO A 145 1.74 -2.30 16.24
CA PRO A 145 1.88 -1.67 14.93
C PRO A 145 3.08 -0.72 14.87
N ASP A 146 3.34 0.00 15.97
CA ASP A 146 4.51 0.85 16.18
C ASP A 146 5.87 0.10 16.22
N SER A 147 5.86 -1.24 16.21
CA SER A 147 7.06 -2.07 16.00
C SER A 147 7.53 -2.06 14.54
N GLU A 148 8.60 -2.80 14.26
CA GLU A 148 9.23 -2.89 12.93
C GLU A 148 9.47 -4.35 12.50
N ILE A 149 9.53 -4.57 11.18
CA ILE A 149 9.66 -5.87 10.52
C ILE A 149 10.92 -5.87 9.64
N VAL A 150 11.73 -6.92 9.79
CA VAL A 150 12.91 -7.17 8.93
C VAL A 150 12.47 -7.55 7.52
N SER A 151 13.22 -7.06 6.53
CA SER A 151 13.03 -7.34 5.10
C SER A 151 14.38 -7.32 4.37
N HIS A 152 14.41 -7.98 3.21
CA HIS A 152 15.59 -8.05 2.36
C HIS A 152 15.27 -7.42 1.01
N LEU A 153 16.20 -6.61 0.50
CA LEU A 153 16.13 -5.89 -0.76
C LEU A 153 17.31 -6.29 -1.62
N THR A 154 17.01 -6.72 -2.84
CA THR A 154 18.01 -7.10 -3.84
C THR A 154 17.65 -6.48 -5.19
N VAL A 155 18.66 -5.84 -5.79
CA VAL A 155 18.60 -5.22 -7.12
C VAL A 155 19.57 -5.97 -8.02
N ARG A 156 19.08 -6.44 -9.17
CA ARG A 156 19.82 -7.20 -10.18
C ARG A 156 19.34 -6.80 -11.57
N GLN A 157 20.21 -6.90 -12.57
CA GLN A 157 19.82 -6.59 -13.95
C GLN A 157 19.19 -7.81 -14.65
N THR A 158 18.17 -7.57 -15.48
CA THR A 158 17.48 -8.57 -16.32
C THR A 158 18.18 -8.81 -17.68
N HIS A 159 19.36 -8.22 -17.85
CA HIS A 159 20.20 -8.29 -19.04
C HIS A 159 21.69 -8.23 -18.67
N THR A 160 22.58 -8.47 -19.64
CA THR A 160 24.05 -8.45 -19.46
C THR A 160 24.57 -7.16 -18.79
N PRO A 161 25.55 -7.26 -17.87
CA PRO A 161 26.30 -8.46 -17.45
C PRO A 161 25.54 -9.38 -16.46
N TYR A 162 24.23 -9.15 -16.25
CA TYR A 162 23.32 -9.96 -15.40
C TYR A 162 23.72 -9.98 -13.91
N ASP A 163 24.57 -9.06 -13.50
CA ASP A 163 25.19 -8.99 -12.17
C ASP A 163 24.28 -8.29 -11.13
N TYR A 164 24.59 -8.46 -9.85
CA TYR A 164 23.95 -7.72 -8.77
C TYR A 164 24.34 -6.22 -8.78
N VAL A 165 23.46 -5.40 -8.22
CA VAL A 165 23.59 -3.93 -8.12
C VAL A 165 23.46 -3.48 -6.66
N VAL A 166 22.56 -4.10 -5.90
CA VAL A 166 22.36 -3.86 -4.45
C VAL A 166 21.97 -5.16 -3.75
N ASN A 167 22.50 -5.38 -2.54
CA ASN A 167 22.18 -6.51 -1.67
C ASN A 167 22.20 -6.02 -0.21
N GLY A 168 21.04 -5.86 0.43
CA GLY A 168 20.93 -5.32 1.80
C GLY A 168 19.59 -5.57 2.47
N SER A 169 19.44 -5.10 3.71
CA SER A 169 18.22 -5.24 4.53
C SER A 169 17.54 -3.89 4.79
N VAL A 170 16.23 -3.89 4.65
CA VAL A 170 15.31 -2.74 4.83
C VAL A 170 14.32 -3.11 5.92
N TYR A 171 13.82 -2.13 6.68
CA TYR A 171 12.91 -2.36 7.79
C TYR A 171 11.65 -1.53 7.55
N PHE A 172 10.47 -2.10 7.76
CA PHE A 172 9.20 -1.37 7.67
C PHE A 172 8.59 -1.25 9.07
N LYS A 173 7.84 -0.18 9.33
CA LYS A 173 7.10 0.11 10.57
C LYS A 173 5.74 0.69 10.21
N TYR A 174 4.75 0.52 11.07
CA TYR A 174 3.42 1.10 10.93
C TYR A 174 3.16 2.10 12.06
N SER A 175 2.14 2.94 11.92
CA SER A 175 1.80 4.00 12.87
C SER A 175 0.29 4.04 13.10
N PRO A 176 -0.22 3.55 14.25
CA PRO A 176 -1.65 3.40 14.52
C PRO A 176 -2.38 4.75 14.66
N THR A 177 -1.62 5.84 14.82
CA THR A 177 -2.08 7.24 14.94
C THR A 177 -3.13 7.62 13.89
N THR A 178 -2.89 7.26 12.63
CA THR A 178 -3.84 7.43 11.51
C THR A 178 -3.76 6.30 10.47
N GLY A 179 -3.07 5.20 10.75
CA GLY A 179 -2.75 4.16 9.76
C GLY A 179 -1.74 4.64 8.71
N GLN A 180 -0.70 5.36 9.14
CA GLN A 180 0.47 5.70 8.32
C GLN A 180 1.46 4.51 8.34
N VAL A 181 2.31 4.41 7.32
CA VAL A 181 3.50 3.54 7.34
C VAL A 181 4.78 4.38 7.35
N THR A 182 5.88 3.83 7.86
CA THR A 182 7.18 4.49 8.00
C THR A 182 8.28 3.46 7.72
N VAL A 183 9.05 3.62 6.66
CA VAL A 183 10.23 2.76 6.40
C VAL A 183 11.42 3.27 7.20
N ILE A 184 12.26 2.35 7.64
CA ILE A 184 13.45 2.58 8.46
C ILE A 184 14.63 1.87 7.79
N LYS A 185 15.73 2.60 7.68
CA LYS A 185 16.97 2.16 7.03
C LYS A 185 18.16 2.68 7.84
N LYS A 186 19.18 1.84 8.01
CA LYS A 186 20.35 2.10 8.85
C LYS A 186 21.60 1.86 8.02
N ASP A 187 22.66 2.64 8.23
CA ASP A 187 23.93 2.52 7.47
C ASP A 187 24.58 1.13 7.56
N GLU A 188 24.19 0.32 8.56
CA GLU A 188 24.68 -1.04 8.80
C GLU A 188 23.84 -2.13 8.08
N THR A 189 22.52 -1.91 7.94
CA THR A 189 21.56 -2.89 7.40
C THR A 189 21.27 -2.58 5.93
N PHE A 190 20.87 -1.35 5.65
CA PHE A 190 20.59 -0.83 4.32
C PHE A 190 21.91 -0.32 3.68
N PRO A 191 22.05 -0.40 2.35
CA PRO A 191 23.18 0.18 1.65
C PRO A 191 23.08 1.72 1.57
N LYS A 192 24.12 2.37 1.03
CA LYS A 192 24.16 3.82 0.74
C LYS A 192 23.87 4.15 -0.74
N ASN A 193 23.45 3.14 -1.51
CA ASN A 193 23.42 3.13 -2.97
C ASN A 193 22.03 3.49 -3.52
N MET A 194 21.01 3.00 -2.80
CA MET A 194 19.58 3.16 -3.01
C MET A 194 19.04 3.96 -1.83
N THR A 195 18.03 4.81 -2.02
CA THR A 195 17.39 5.58 -0.95
C THR A 195 15.88 5.64 -1.13
N VAL A 196 15.13 5.79 -0.04
CA VAL A 196 13.66 5.85 -0.06
C VAL A 196 13.17 7.20 0.42
N THR A 197 12.17 7.72 -0.28
CA THR A 197 11.51 9.01 -0.02
C THR A 197 10.01 8.77 0.24
N GLN A 198 9.45 9.51 1.20
CA GLN A 198 8.01 9.57 1.49
C GLN A 198 7.26 10.26 0.35
N ASP A 199 6.80 9.49 -0.63
CA ASP A 199 5.93 9.99 -1.69
C ASP A 199 4.49 10.23 -1.17
N ASP A 200 3.91 9.23 -0.48
CA ASP A 200 2.53 9.23 0.03
C ASP A 200 2.44 8.62 1.46
N ASN A 201 1.22 8.53 2.03
CA ASN A 201 0.96 7.97 3.39
C ASN A 201 1.41 6.51 3.57
N THR A 202 1.30 5.70 2.50
CA THR A 202 1.67 4.28 2.45
C THR A 202 2.40 3.92 1.14
N SER A 203 3.03 4.91 0.50
CA SER A 203 3.80 4.74 -0.74
C SER A 203 5.23 5.24 -0.58
N PHE A 204 6.15 4.44 -1.09
CA PHE A 204 7.58 4.66 -1.02
C PHE A 204 8.20 4.64 -2.40
N ILE A 205 9.05 5.64 -2.65
CA ILE A 205 9.73 5.81 -3.91
C ILE A 205 11.23 5.65 -3.71
N PHE A 206 11.74 4.57 -4.28
CA PHE A 206 13.09 4.03 -4.15
C PHE A 206 13.93 4.57 -5.31
N ASN A 207 15.09 5.21 -5.05
CA ASN A 207 15.91 5.90 -6.05
C ASN A 207 17.37 5.38 -6.02
N LEU A 208 17.95 5.02 -7.18
CA LEU A 208 19.35 4.55 -7.30
C LEU A 208 20.16 5.42 -8.25
N ASN A 209 21.16 6.11 -7.69
CA ASN A 209 22.06 7.04 -8.38
C ASN A 209 23.57 6.68 -8.26
N SER A 210 23.89 5.51 -7.67
CA SER A 210 25.27 5.08 -7.32
C SER A 210 25.83 3.89 -8.13
N GLU A 211 25.01 3.22 -8.95
CA GLU A 211 25.26 1.96 -9.72
C GLU A 211 26.06 0.81 -9.04
N LYS A 212 26.21 0.83 -7.71
CA LYS A 212 27.06 -0.11 -6.94
C LYS A 212 26.76 -1.58 -7.23
N SER A 1 -25.45 -13.05 -1.67
CA SER A 1 -24.42 -12.44 -0.82
C SER A 1 -23.17 -12.09 -1.63
N VAL A 2 -22.34 -11.19 -1.09
CA VAL A 2 -20.97 -10.96 -1.60
C VAL A 2 -20.14 -12.24 -1.59
N ASP A 3 -19.16 -12.35 -2.48
CA ASP A 3 -18.19 -13.45 -2.46
C ASP A 3 -17.30 -13.38 -1.20
N ALA A 4 -16.94 -14.52 -0.61
CA ALA A 4 -16.02 -14.58 0.53
C ALA A 4 -14.61 -13.99 0.23
N ASN A 5 -14.24 -13.89 -1.05
CA ASN A 5 -12.98 -13.35 -1.56
C ASN A 5 -13.14 -12.00 -2.29
N LYS A 6 -14.31 -11.34 -2.26
CA LYS A 6 -14.57 -10.04 -2.92
C LYS A 6 -15.36 -9.11 -2.00
N VAL A 7 -15.70 -7.91 -2.48
CA VAL A 7 -16.43 -6.88 -1.72
C VAL A 7 -17.53 -6.26 -2.58
N LYS A 8 -18.63 -5.83 -1.94
CA LYS A 8 -19.81 -5.25 -2.63
C LYS A 8 -20.05 -3.84 -2.09
N PHE A 9 -20.45 -2.95 -2.98
CA PHE A 9 -20.49 -1.50 -2.76
C PHE A 9 -21.81 -0.96 -3.30
N PHE A 10 -22.55 -0.21 -2.49
CA PHE A 10 -23.88 0.31 -2.81
C PHE A 10 -23.98 1.80 -2.46
N PHE A 11 -24.47 2.60 -3.42
CA PHE A 11 -24.57 4.06 -3.32
C PHE A 11 -25.89 4.49 -2.66
N GLY A 12 -26.11 4.01 -1.44
CA GLY A 12 -27.23 4.42 -0.58
C GLY A 12 -27.24 3.63 0.71
N LYS A 13 -27.55 4.29 1.84
CA LYS A 13 -27.60 3.65 3.16
C LYS A 13 -28.62 2.51 3.16
N ASN A 14 -28.29 1.38 3.81
CA ASN A 14 -29.13 0.18 3.91
C ASN A 14 -29.27 -0.61 2.59
N CYS A 15 -28.20 -0.69 1.78
CA CYS A 15 -28.15 -1.29 0.45
C CYS A 15 -29.21 -0.72 -0.54
N THR A 16 -29.09 0.58 -0.85
CA THR A 16 -30.04 1.33 -1.71
C THR A 16 -29.33 2.17 -2.79
N GLY A 17 -30.11 2.86 -3.62
CA GLY A 17 -29.62 3.81 -4.66
C GLY A 17 -29.07 3.15 -5.92
N GLU A 18 -27.81 2.70 -5.88
CA GLU A 18 -27.10 1.99 -6.96
C GLU A 18 -26.27 0.84 -6.38
N SER A 19 -25.79 -0.08 -7.22
CA SER A 19 -24.99 -1.25 -6.83
C SER A 19 -23.72 -1.40 -7.66
N PHE A 20 -22.71 -2.04 -7.07
CA PHE A 20 -21.35 -2.17 -7.61
C PHE A 20 -20.59 -3.33 -6.93
N GLU A 21 -19.50 -3.79 -7.55
CA GLU A 21 -18.65 -4.89 -7.07
C GLU A 21 -17.17 -4.53 -7.18
N TYR A 22 -16.39 -4.93 -6.18
CA TYR A 22 -14.97 -4.60 -6.02
C TYR A 22 -14.14 -5.89 -5.87
N ASN A 23 -12.96 -5.91 -6.49
CA ASN A 23 -12.02 -7.02 -6.39
C ASN A 23 -11.07 -6.86 -5.18
N LYS A 24 -10.73 -7.99 -4.54
CA LYS A 24 -9.70 -8.08 -3.50
C LYS A 24 -8.28 -8.03 -4.10
N GLY A 25 -7.34 -7.50 -3.31
CA GLY A 25 -5.92 -7.41 -3.65
C GLY A 25 -5.62 -6.29 -4.65
N GLU A 26 -6.40 -5.21 -4.63
CA GLU A 26 -6.36 -4.09 -5.59
C GLU A 26 -6.48 -2.74 -4.88
N THR A 27 -6.04 -1.68 -5.57
CA THR A 27 -6.04 -0.29 -5.07
C THR A 27 -6.94 0.55 -5.99
N VAL A 28 -7.89 1.30 -5.41
CA VAL A 28 -8.92 2.05 -6.14
C VAL A 28 -8.83 3.53 -5.75
N ARG A 29 -8.48 4.38 -6.72
CA ARG A 29 -8.39 5.84 -6.57
C ARG A 29 -9.59 6.53 -7.17
N PHE A 30 -9.98 7.63 -6.52
CA PHE A 30 -10.94 8.59 -7.02
C PHE A 30 -10.40 10.02 -6.87
N ASN A 31 -11.16 10.99 -7.37
CA ASN A 31 -10.86 12.42 -7.27
C ASN A 31 -10.75 12.88 -5.80
N ASN A 32 -10.23 14.08 -5.54
CA ASN A 32 -10.13 14.64 -4.19
C ASN A 32 -10.95 15.94 -4.02
N GLY A 33 -12.00 16.10 -4.84
CA GLY A 33 -12.91 17.26 -4.85
C GLY A 33 -14.15 17.16 -3.95
N ASP A 34 -14.19 16.18 -3.03
CA ASP A 34 -15.27 15.93 -2.06
C ASP A 34 -16.72 16.04 -2.58
N LYS A 35 -17.07 15.16 -3.52
CA LYS A 35 -18.35 15.17 -4.26
C LYS A 35 -18.76 13.84 -4.92
N TRP A 36 -17.83 13.15 -5.60
CA TRP A 36 -18.10 11.90 -6.35
C TRP A 36 -17.24 10.74 -5.86
N ASN A 37 -16.07 11.02 -5.30
CA ASN A 37 -15.23 10.09 -4.53
C ASN A 37 -15.94 9.58 -3.28
N ASP A 38 -16.63 10.49 -2.58
CA ASP A 38 -17.45 10.23 -1.40
C ASP A 38 -18.83 9.61 -1.76
N LYS A 39 -18.92 8.76 -2.79
CA LYS A 39 -20.17 8.06 -3.16
C LYS A 39 -20.53 6.87 -2.28
N PHE A 40 -19.55 6.29 -1.57
CA PHE A 40 -19.82 5.20 -0.64
C PHE A 40 -20.85 5.59 0.43
N MET A 41 -21.66 4.60 0.82
CA MET A 41 -22.71 4.74 1.81
C MET A 41 -23.08 3.41 2.49
N SER A 42 -23.26 2.31 1.74
CA SER A 42 -23.30 0.97 2.33
C SER A 42 -22.44 0.00 1.52
N CYS A 43 -21.62 -0.77 2.20
CA CYS A 43 -20.69 -1.73 1.61
C CYS A 43 -20.61 -2.96 2.52
N LEU A 44 -20.31 -4.13 1.98
CA LEU A 44 -20.06 -5.32 2.82
C LEU A 44 -18.83 -6.10 2.37
N VAL A 45 -18.16 -6.65 3.37
CA VAL A 45 -16.85 -7.30 3.34
C VAL A 45 -17.05 -8.80 3.50
N GLY A 46 -16.60 -9.57 2.50
CA GLY A 46 -16.92 -11.00 2.32
C GLY A 46 -16.75 -11.89 3.55
N SER A 47 -15.54 -12.39 3.77
CA SER A 47 -15.18 -13.16 4.97
C SER A 47 -13.65 -13.26 5.14
N ASN A 48 -12.94 -13.47 4.03
CA ASN A 48 -11.47 -13.59 3.99
C ASN A 48 -10.84 -12.39 3.26
N VAL A 49 -11.46 -11.22 3.38
CA VAL A 49 -11.04 -9.93 2.81
C VAL A 49 -11.29 -8.80 3.79
N ARG A 50 -10.66 -7.64 3.55
CA ARG A 50 -10.66 -6.45 4.40
C ARG A 50 -10.66 -5.19 3.54
N CYS A 51 -11.18 -4.10 4.09
CA CYS A 51 -11.37 -2.84 3.39
C CYS A 51 -10.68 -1.68 4.14
N ASN A 52 -9.95 -0.85 3.39
CA ASN A 52 -9.04 0.15 3.91
C ASN A 52 -9.50 1.56 3.46
N ILE A 53 -9.84 2.43 4.41
CA ILE A 53 -10.42 3.75 4.16
C ILE A 53 -9.40 4.83 4.50
N TRP A 54 -8.82 5.45 3.47
CA TRP A 54 -7.88 6.57 3.61
C TRP A 54 -8.36 7.77 2.79
N GLU A 55 -8.64 8.88 3.48
CA GLU A 55 -9.10 10.12 2.84
C GLU A 55 -8.03 10.75 1.95
N HIS A 56 -6.81 10.80 2.49
CA HIS A 56 -5.67 11.53 1.95
C HIS A 56 -4.37 10.89 2.46
N ASN A 57 -3.26 11.29 1.86
CA ASN A 57 -1.94 10.74 2.16
C ASN A 57 -1.08 11.78 2.92
N GLU A 58 -1.66 12.38 3.97
CA GLU A 58 -1.01 13.34 4.90
C GLU A 58 0.33 12.86 5.50
N ILE A 59 1.15 13.77 6.01
CA ILE A 59 2.48 13.45 6.57
C ILE A 59 2.66 14.10 7.97
N ASP A 60 1.67 13.85 8.83
CA ASP A 60 1.60 14.26 10.25
C ASP A 60 1.34 15.77 10.39
N THR A 61 0.53 16.25 9.45
CA THR A 61 0.15 17.65 9.31
C THR A 61 -0.73 18.09 10.49
N PRO A 62 -0.79 19.40 10.82
CA PRO A 62 -1.61 19.94 11.90
C PRO A 62 -3.13 19.97 11.57
N THR A 63 -3.61 19.02 10.78
CA THR A 63 -5.02 18.83 10.40
C THR A 63 -5.30 17.34 10.13
N PRO A 64 -5.89 16.58 11.08
CA PRO A 64 -6.35 15.23 10.80
C PRO A 64 -7.55 15.28 9.87
N GLY A 65 -7.41 14.70 8.68
CA GLY A 65 -8.53 14.42 7.77
C GLY A 65 -9.34 13.24 8.28
N LYS A 66 -9.45 12.19 7.46
CA LYS A 66 -10.32 11.04 7.73
C LYS A 66 -9.63 9.69 7.44
N PHE A 67 -9.95 8.69 8.25
CA PHE A 67 -9.36 7.35 8.22
C PHE A 67 -10.25 6.36 8.98
N GLN A 68 -10.53 5.20 8.37
CA GLN A 68 -11.30 4.10 8.97
C GLN A 68 -10.73 2.74 8.55
N GLU A 69 -11.11 1.70 9.29
CA GLU A 69 -10.70 0.31 9.07
C GLU A 69 -11.95 -0.58 9.04
N LEU A 70 -12.30 -1.06 7.85
CA LEU A 70 -13.43 -1.99 7.65
C LEU A 70 -12.95 -3.41 7.91
N ALA A 71 -13.18 -3.87 9.15
CA ALA A 71 -12.82 -5.20 9.65
C ALA A 71 -13.29 -6.34 8.73
N GLN A 72 -12.55 -7.45 8.73
CA GLN A 72 -12.80 -8.58 7.83
C GLN A 72 -14.12 -9.28 8.13
N GLY A 73 -14.80 -9.79 7.09
CA GLY A 73 -16.08 -10.50 7.19
C GLY A 73 -17.18 -9.76 7.97
N SER A 74 -17.65 -8.62 7.47
CA SER A 74 -18.63 -7.76 8.14
C SER A 74 -19.47 -6.91 7.16
N THR A 75 -20.43 -6.14 7.67
CA THR A 75 -21.35 -5.31 6.88
C THR A 75 -21.39 -3.88 7.43
N ASN A 76 -21.49 -2.90 6.53
CA ASN A 76 -21.44 -1.48 6.85
C ASN A 76 -22.58 -0.75 6.14
N ASN A 77 -23.27 0.13 6.86
CA ASN A 77 -24.44 0.87 6.35
C ASN A 77 -24.37 2.36 6.70
N ASP A 78 -23.80 2.75 7.83
CA ASP A 78 -23.67 4.17 8.25
C ASP A 78 -22.19 4.57 8.39
N LEU A 79 -21.37 4.09 7.44
CA LEU A 79 -19.96 4.48 7.29
C LEU A 79 -19.79 5.93 6.79
N THR A 80 -20.84 6.55 6.23
CA THR A 80 -20.88 7.98 5.85
C THR A 80 -20.71 8.93 7.04
N SER A 81 -20.75 8.45 8.29
CA SER A 81 -20.32 9.21 9.48
C SER A 81 -18.95 9.88 9.30
N ILE A 82 -18.01 9.23 8.59
CA ILE A 82 -16.69 9.79 8.30
C ILE A 82 -16.71 10.76 7.11
N ASN A 83 -17.54 10.48 6.09
CA ASN A 83 -17.72 11.27 4.85
C ASN A 83 -16.39 11.69 4.18
N GLY A 84 -15.44 10.74 4.13
CA GLY A 84 -14.01 11.03 3.90
C GLY A 84 -13.25 9.84 3.34
N LEU A 85 -13.58 9.48 2.10
CA LEU A 85 -12.92 8.44 1.30
C LEU A 85 -12.60 8.98 -0.11
N SER A 86 -11.31 9.09 -0.44
CA SER A 86 -10.82 9.32 -1.81
C SER A 86 -9.90 8.21 -2.32
N LYS A 87 -9.30 7.43 -1.41
CA LYS A 87 -8.48 6.26 -1.75
C LYS A 87 -8.96 5.03 -0.98
N PHE A 88 -9.33 4.00 -1.73
CA PHE A 88 -9.67 2.69 -1.20
C PHE A 88 -8.53 1.71 -1.48
N GLN A 89 -8.19 0.88 -0.51
CA GLN A 89 -7.35 -0.29 -0.72
C GLN A 89 -8.13 -1.53 -0.28
N VAL A 90 -8.09 -2.60 -1.07
CA VAL A 90 -8.83 -3.82 -0.80
C VAL A 90 -7.84 -4.95 -0.71
N LEU A 91 -7.76 -5.60 0.45
CA LEU A 91 -6.70 -6.55 0.78
C LEU A 91 -7.34 -7.85 1.36
N PRO A 92 -6.78 -9.04 1.13
CA PRO A 92 -7.25 -10.28 1.76
C PRO A 92 -7.03 -10.28 3.27
N GLY A 93 -7.68 -11.21 3.99
CA GLY A 93 -7.49 -11.43 5.44
C GLY A 93 -6.06 -11.82 5.85
N ALA A 94 -5.22 -12.21 4.88
CA ALA A 94 -3.77 -12.38 5.04
C ALA A 94 -2.99 -11.05 5.17
N PHE A 95 -3.50 -9.95 4.60
CA PHE A 95 -2.78 -8.70 4.39
C PHE A 95 -3.56 -7.54 5.06
N GLN A 96 -3.10 -7.07 6.22
CA GLN A 96 -3.90 -6.14 7.04
C GLN A 96 -3.74 -4.68 6.63
N TRP A 97 -2.58 -4.36 6.07
CA TRP A 97 -2.12 -3.04 5.64
C TRP A 97 -1.14 -3.27 4.49
N ALA A 98 -1.13 -2.37 3.52
CA ALA A 98 -0.19 -2.42 2.40
C ALA A 98 0.45 -1.06 2.15
N VAL A 99 1.51 -1.07 1.36
CA VAL A 99 2.35 0.10 1.07
C VAL A 99 2.64 0.17 -0.42
N ASP A 100 2.85 1.36 -0.95
CA ASP A 100 3.24 1.53 -2.35
C ASP A 100 4.76 1.72 -2.42
N VAL A 101 5.46 0.90 -3.22
CA VAL A 101 6.89 1.07 -3.48
C VAL A 101 7.14 1.25 -4.98
N LYS A 102 8.04 2.19 -5.29
CA LYS A 102 8.46 2.54 -6.66
C LYS A 102 9.98 2.69 -6.67
N ILE A 103 10.66 1.86 -7.45
CA ILE A 103 12.07 2.08 -7.81
C ILE A 103 12.17 3.08 -8.98
N VAL A 104 13.23 3.87 -9.04
CA VAL A 104 13.52 4.74 -10.20
C VAL A 104 14.98 4.56 -10.59
N ASN A 105 15.26 4.31 -11.86
CA ASN A 105 16.64 4.12 -12.34
C ASN A 105 17.23 5.46 -12.82
N LYS A 106 18.35 5.87 -12.22
CA LYS A 106 19.14 7.07 -12.58
C LYS A 106 20.57 6.73 -13.04
N VAL A 107 21.13 5.60 -12.59
CA VAL A 107 22.46 5.12 -12.99
C VAL A 107 22.56 4.79 -14.49
N ASN A 108 21.48 4.26 -15.07
CA ASN A 108 21.35 3.94 -16.49
C ASN A 108 20.38 4.93 -17.17
N SER A 109 20.16 4.77 -18.48
CA SER A 109 19.25 5.62 -19.28
C SER A 109 18.13 4.80 -19.93
N THR A 110 18.45 3.60 -20.41
CA THR A 110 17.47 2.62 -20.90
C THR A 110 16.47 2.20 -19.82
N ALA A 111 16.95 2.03 -18.58
CA ALA A 111 16.20 1.53 -17.41
C ALA A 111 15.41 0.23 -17.65
N GLY A 112 14.70 -0.27 -16.63
CA GLY A 112 13.91 -1.52 -16.68
C GLY A 112 14.74 -2.82 -16.68
N SER A 113 15.99 -2.76 -17.14
CA SER A 113 17.03 -3.76 -16.90
C SER A 113 17.20 -4.06 -15.42
N TYR A 114 17.06 -3.03 -14.57
CA TYR A 114 17.13 -3.09 -13.11
C TYR A 114 15.74 -3.35 -12.52
N GLU A 115 15.66 -4.31 -11.59
CA GLU A 115 14.45 -4.69 -10.86
C GLU A 115 14.72 -4.79 -9.36
N MET A 116 13.85 -4.12 -8.60
CA MET A 116 13.84 -4.08 -7.16
C MET A 116 12.93 -5.17 -6.59
N THR A 117 13.41 -5.87 -5.57
CA THR A 117 12.78 -7.05 -4.97
C THR A 117 12.80 -6.89 -3.46
N ILE A 118 11.69 -6.42 -2.89
CA ILE A 118 11.54 -6.28 -1.44
C ILE A 118 10.86 -7.55 -0.92
N THR A 119 11.41 -8.12 0.16
CA THR A 119 10.82 -9.28 0.84
C THR A 119 10.80 -8.97 2.35
N PRO A 120 9.68 -8.42 2.86
CA PRO A 120 9.47 -8.25 4.29
C PRO A 120 9.27 -9.59 5.01
N TYR A 121 9.24 -9.55 6.35
CA TYR A 121 9.11 -10.67 7.29
C TYR A 121 8.22 -11.83 6.81
N GLN A 122 8.82 -12.82 6.13
CA GLN A 122 8.15 -13.96 5.47
C GLN A 122 6.84 -13.59 4.73
N VAL A 123 6.96 -12.69 3.75
CA VAL A 123 5.86 -12.15 2.92
C VAL A 123 6.05 -12.49 1.44
N ASP A 124 4.95 -12.47 0.67
CA ASP A 124 4.92 -12.50 -0.80
C ASP A 124 6.02 -11.63 -1.41
N LYS A 125 6.98 -12.25 -2.12
CA LYS A 125 8.00 -11.53 -2.88
C LYS A 125 7.33 -10.56 -3.87
N VAL A 126 7.84 -9.35 -3.95
CA VAL A 126 7.36 -8.33 -4.89
C VAL A 126 8.47 -7.99 -5.89
N ALA A 127 8.10 -7.57 -7.09
CA ALA A 127 9.03 -7.17 -8.14
C ALA A 127 8.59 -5.84 -8.78
N CYS A 128 9.53 -4.91 -8.93
CA CYS A 128 9.30 -3.59 -9.51
C CYS A 128 10.41 -3.29 -10.53
N LYS A 129 10.02 -3.07 -11.80
CA LYS A 129 10.93 -2.94 -12.95
C LYS A 129 10.82 -1.52 -13.49
N ASP A 130 11.93 -0.77 -13.54
CA ASP A 130 11.92 0.68 -13.86
C ASP A 130 11.00 1.50 -12.91
N GLY A 131 10.87 2.80 -13.16
CA GLY A 131 9.79 3.65 -12.65
C GLY A 131 8.45 3.44 -13.36
N ASP A 132 8.16 2.23 -13.85
CA ASP A 132 6.82 1.80 -14.30
C ASP A 132 5.77 1.97 -13.17
N ASP A 133 4.49 1.70 -13.45
CA ASP A 133 3.41 1.75 -12.46
C ASP A 133 3.81 1.03 -11.15
N PHE A 134 3.77 1.78 -10.03
CA PHE A 134 4.24 1.30 -8.72
C PHE A 134 3.60 -0.03 -8.31
N VAL A 135 4.25 -0.74 -7.38
CA VAL A 135 3.82 -2.06 -6.96
C VAL A 135 3.37 -2.04 -5.50
N GLN A 136 2.23 -2.68 -5.24
CA GLN A 136 1.68 -2.78 -3.89
C GLN A 136 2.48 -3.81 -3.08
N LEU A 137 2.68 -3.53 -1.80
CA LEU A 137 3.44 -4.35 -0.86
C LEU A 137 2.56 -4.65 0.36
N PRO A 138 1.81 -5.76 0.36
CA PRO A 138 1.00 -6.15 1.49
C PRO A 138 1.87 -6.63 2.66
N ILE A 139 1.45 -6.32 3.89
CA ILE A 139 2.12 -6.65 5.15
C ILE A 139 1.13 -7.35 6.08
N PRO A 140 1.51 -8.45 6.76
CA PRO A 140 0.64 -9.24 7.63
C PRO A 140 0.37 -8.54 8.97
N LYS A 141 -0.46 -9.17 9.80
CA LYS A 141 -0.74 -8.71 11.18
C LYS A 141 0.53 -8.71 12.03
N LEU A 142 0.65 -7.69 12.89
CA LEU A 142 1.77 -7.46 13.80
C LEU A 142 1.40 -6.42 14.86
N THR A 143 1.95 -6.57 16.07
CA THR A 143 1.63 -5.75 17.23
C THR A 143 2.87 -5.59 18.12
N PRO A 144 3.19 -4.38 18.62
CA PRO A 144 2.52 -3.12 18.30
C PRO A 144 2.75 -2.68 16.85
N PRO A 145 1.83 -1.90 16.25
CA PRO A 145 2.01 -1.39 14.89
C PRO A 145 3.23 -0.46 14.78
N ASP A 146 3.49 0.34 15.83
CA ASP A 146 4.66 1.22 15.90
C ASP A 146 6.01 0.48 15.90
N SER A 147 6.03 -0.83 16.17
CA SER A 147 7.22 -1.67 16.00
C SER A 147 7.54 -1.88 14.52
N GLU A 148 8.78 -1.61 14.13
CA GLU A 148 9.29 -1.94 12.79
C GLU A 148 9.40 -3.46 12.55
N ILE A 149 9.49 -3.85 11.28
CA ILE A 149 9.60 -5.25 10.82
C ILE A 149 10.92 -5.43 10.08
N VAL A 150 11.46 -6.65 10.11
CA VAL A 150 12.70 -6.99 9.41
C VAL A 150 12.44 -7.36 7.95
N SER A 151 13.02 -6.60 7.02
CA SER A 151 12.83 -6.78 5.57
C SER A 151 14.17 -6.80 4.83
N HIS A 152 14.22 -7.53 3.71
CA HIS A 152 15.41 -7.66 2.88
C HIS A 152 15.14 -7.01 1.51
N LEU A 153 15.97 -6.04 1.13
CA LEU A 153 15.93 -5.38 -0.17
C LEU A 153 17.02 -6.02 -1.05
N THR A 154 16.58 -6.70 -2.09
CA THR A 154 17.45 -7.26 -3.13
C THR A 154 17.14 -6.56 -4.45
N VAL A 155 18.15 -6.35 -5.28
CA VAL A 155 18.03 -5.76 -6.61
C VAL A 155 18.88 -6.61 -7.53
N ARG A 156 18.29 -7.00 -8.66
CA ARG A 156 18.89 -7.90 -9.65
C ARG A 156 18.44 -7.48 -11.05
N GLN A 157 19.24 -7.79 -12.07
CA GLN A 157 18.76 -7.64 -13.45
C GLN A 157 17.67 -8.66 -13.78
N THR A 158 16.68 -8.23 -14.57
CA THR A 158 15.55 -9.06 -15.05
C THR A 158 15.93 -10.05 -16.15
N HIS A 159 17.13 -9.90 -16.71
CA HIS A 159 17.67 -10.66 -17.83
C HIS A 159 19.17 -10.93 -17.64
N THR A 160 19.71 -11.92 -18.36
CA THR A 160 21.11 -12.33 -18.23
C THR A 160 22.10 -11.24 -18.71
N PRO A 161 23.24 -10.99 -18.02
CA PRO A 161 23.62 -11.58 -16.74
C PRO A 161 22.76 -11.03 -15.59
N TYR A 162 22.17 -11.93 -14.81
CA TYR A 162 21.33 -11.65 -13.64
C TYR A 162 22.19 -11.19 -12.44
N ASP A 163 23.09 -10.24 -12.64
CA ASP A 163 23.96 -9.73 -11.58
C ASP A 163 23.12 -9.13 -10.43
N TYR A 164 23.44 -9.52 -9.20
CA TYR A 164 22.86 -8.90 -7.99
C TYR A 164 23.41 -7.47 -7.83
N VAL A 165 22.67 -6.51 -8.41
CA VAL A 165 22.86 -5.06 -8.26
C VAL A 165 23.16 -4.68 -6.81
N VAL A 166 22.30 -5.11 -5.87
CA VAL A 166 22.58 -4.95 -4.43
C VAL A 166 21.74 -5.93 -3.58
N ASN A 167 22.28 -6.29 -2.41
CA ASN A 167 21.61 -7.09 -1.39
C ASN A 167 21.83 -6.42 -0.03
N GLY A 168 20.79 -5.74 0.46
CA GLY A 168 20.75 -5.02 1.72
C GLY A 168 19.48 -5.33 2.53
N SER A 169 19.30 -4.64 3.64
CA SER A 169 18.15 -4.78 4.53
C SER A 169 17.57 -3.42 4.89
N VAL A 170 16.27 -3.41 5.14
CA VAL A 170 15.45 -2.23 5.43
C VAL A 170 14.38 -2.62 6.45
N TYR A 171 13.78 -1.63 7.08
CA TYR A 171 12.76 -1.85 8.09
C TYR A 171 11.53 -1.00 7.78
N PHE A 172 10.34 -1.60 7.91
CA PHE A 172 9.05 -0.95 7.68
C PHE A 172 8.29 -0.89 9.01
N LYS A 173 7.65 0.22 9.35
CA LYS A 173 6.85 0.40 10.58
C LYS A 173 5.51 1.05 10.25
N TYR A 174 4.50 0.94 11.11
CA TYR A 174 3.17 1.49 10.87
C TYR A 174 2.75 2.40 12.03
N SER A 175 2.59 3.71 11.80
CA SER A 175 2.12 4.62 12.87
C SER A 175 0.61 4.44 13.08
N PRO A 176 0.13 4.02 14.26
CA PRO A 176 -1.31 3.82 14.52
C PRO A 176 -2.13 5.12 14.49
N THR A 177 -1.47 6.28 14.66
CA THR A 177 -2.06 7.63 14.78
C THR A 177 -3.02 8.00 13.65
N THR A 178 -2.60 7.81 12.39
CA THR A 178 -3.41 8.06 11.17
C THR A 178 -3.25 6.93 10.15
N GLY A 179 -2.78 5.77 10.61
CA GLY A 179 -2.48 4.61 9.77
C GLY A 179 -1.35 4.84 8.76
N GLN A 180 -0.28 5.52 9.17
CA GLN A 180 0.90 5.69 8.32
C GLN A 180 1.70 4.40 8.16
N VAL A 181 2.57 4.37 7.17
CA VAL A 181 3.73 3.48 7.12
C VAL A 181 4.97 4.37 7.02
N THR A 182 6.01 4.07 7.77
CA THR A 182 7.30 4.80 7.74
C THR A 182 8.42 3.77 7.66
N VAL A 183 9.39 4.01 6.79
CA VAL A 183 10.54 3.12 6.60
C VAL A 183 11.77 3.68 7.30
N ILE A 184 12.47 2.79 7.99
CA ILE A 184 13.71 3.03 8.72
C ILE A 184 14.79 2.21 8.04
N LYS A 185 15.95 2.84 7.83
CA LYS A 185 17.08 2.29 7.10
C LYS A 185 18.36 2.88 7.69
N LYS A 186 19.35 2.03 7.94
CA LYS A 186 20.53 2.32 8.77
C LYS A 186 21.78 2.19 7.91
N ASP A 187 22.85 2.93 8.18
CA ASP A 187 24.06 2.95 7.34
C ASP A 187 24.70 1.56 7.14
N GLU A 188 24.46 0.62 8.07
CA GLU A 188 24.93 -0.76 8.01
C GLU A 188 23.99 -1.71 7.22
N THR A 189 22.68 -1.43 7.26
CA THR A 189 21.64 -2.33 6.74
C THR A 189 21.24 -1.91 5.32
N PHE A 190 20.96 -0.63 5.15
CA PHE A 190 20.79 0.03 3.86
C PHE A 190 22.12 0.02 3.08
N PRO A 191 22.09 -0.05 1.74
CA PRO A 191 23.29 0.09 0.94
C PRO A 191 23.75 1.56 0.86
N LYS A 192 23.36 2.29 -0.19
CA LYS A 192 23.80 3.67 -0.57
C LYS A 192 23.44 4.04 -2.00
N ASN A 193 23.46 3.05 -2.90
CA ASN A 193 23.08 3.19 -4.31
C ASN A 193 21.62 3.64 -4.48
N MET A 194 20.74 3.01 -3.70
CA MET A 194 19.35 3.38 -3.53
C MET A 194 19.24 4.45 -2.44
N THR A 195 18.25 5.33 -2.54
CA THR A 195 17.87 6.28 -1.48
C THR A 195 16.37 6.32 -1.30
N VAL A 196 15.91 6.25 -0.04
CA VAL A 196 14.48 6.29 0.31
C VAL A 196 14.02 7.74 0.48
N THR A 197 12.92 8.08 -0.16
CA THR A 197 12.27 9.39 -0.08
C THR A 197 10.78 9.19 0.25
N GLN A 198 10.29 9.93 1.23
CA GLN A 198 8.89 9.90 1.66
C GLN A 198 8.00 10.60 0.62
N ASP A 199 7.42 9.82 -0.30
CA ASP A 199 6.60 10.35 -1.39
C ASP A 199 5.21 10.78 -0.88
N ASP A 200 4.56 9.93 -0.07
CA ASP A 200 3.27 10.18 0.60
C ASP A 200 3.23 9.49 2.00
N ASN A 201 2.06 9.49 2.68
CA ASN A 201 1.85 8.77 3.95
C ASN A 201 2.27 7.29 3.90
N THR A 202 1.83 6.56 2.88
CA THR A 202 2.02 5.10 2.75
C THR A 202 2.61 4.76 1.38
N SER A 203 3.45 5.66 0.85
CA SER A 203 4.10 5.54 -0.45
C SER A 203 5.55 5.98 -0.35
N PHE A 204 6.44 5.12 -0.82
CA PHE A 204 7.89 5.27 -0.73
C PHE A 204 8.50 5.18 -2.12
N ILE A 205 9.45 6.08 -2.39
CA ILE A 205 10.13 6.13 -3.68
C ILE A 205 11.63 5.94 -3.45
N PHE A 206 12.18 5.00 -4.21
CA PHE A 206 13.50 4.40 -4.02
C PHE A 206 14.34 4.77 -5.25
N ASN A 207 15.12 5.85 -5.15
CA ASN A 207 15.89 6.40 -6.26
C ASN A 207 17.24 5.68 -6.38
N LEU A 208 17.52 5.06 -7.53
CA LEU A 208 18.69 4.23 -7.78
C LEU A 208 19.74 4.96 -8.63
N ASN A 209 20.78 5.47 -7.98
CA ASN A 209 21.79 6.35 -8.56
C ASN A 209 23.16 5.65 -8.74
N SER A 210 23.22 4.33 -8.57
CA SER A 210 24.45 3.51 -8.66
C SER A 210 24.16 2.03 -8.96
N GLU A 211 25.13 1.31 -9.53
CA GLU A 211 24.98 -0.11 -9.93
C GLU A 211 25.23 -1.13 -8.80
N LYS A 212 25.64 -0.67 -7.62
CA LYS A 212 26.11 -1.48 -6.47
C LYS A 212 25.05 -1.61 -5.37
N SER A 1 -25.08 -12.44 -2.33
CA SER A 1 -24.41 -12.10 -1.08
C SER A 1 -22.98 -11.61 -1.34
N VAL A 2 -22.39 -10.92 -0.37
CA VAL A 2 -20.95 -10.62 -0.37
C VAL A 2 -20.17 -11.92 -0.16
N ASP A 3 -19.23 -12.23 -1.05
CA ASP A 3 -18.32 -13.36 -0.86
C ASP A 3 -17.43 -13.10 0.36
N ALA A 4 -17.10 -14.10 1.18
CA ALA A 4 -16.16 -13.94 2.29
C ALA A 4 -14.78 -13.38 1.87
N ASN A 5 -14.46 -13.49 0.57
CA ASN A 5 -13.21 -13.08 -0.07
C ASN A 5 -13.40 -11.90 -1.06
N LYS A 6 -14.52 -11.18 -1.02
CA LYS A 6 -14.82 -10.03 -1.91
C LYS A 6 -15.50 -8.92 -1.11
N VAL A 7 -15.58 -7.72 -1.67
CA VAL A 7 -16.33 -6.61 -1.07
C VAL A 7 -17.13 -5.88 -2.15
N LYS A 8 -18.16 -5.14 -1.75
CA LYS A 8 -18.99 -4.32 -2.65
C LYS A 8 -19.44 -3.04 -1.97
N PHE A 9 -19.85 -2.07 -2.78
CA PHE A 9 -20.27 -0.73 -2.35
C PHE A 9 -21.65 -0.42 -2.97
N PHE A 10 -22.46 0.32 -2.21
CA PHE A 10 -23.83 0.70 -2.52
C PHE A 10 -24.04 2.19 -2.31
N PHE A 11 -24.30 2.89 -3.40
CA PHE A 11 -24.51 4.33 -3.45
C PHE A 11 -26.01 4.63 -3.26
N GLY A 12 -26.49 4.55 -2.02
CA GLY A 12 -27.88 4.88 -1.67
C GLY A 12 -28.08 5.05 -0.17
N LYS A 13 -28.37 3.95 0.54
CA LYS A 13 -28.51 3.79 2.01
C LYS A 13 -29.06 2.39 2.32
N ASN A 14 -28.37 1.60 3.13
CA ASN A 14 -28.77 0.22 3.51
C ASN A 14 -28.83 -0.77 2.31
N CYS A 15 -27.80 -0.72 1.45
CA CYS A 15 -27.59 -1.55 0.25
C CYS A 15 -28.60 -1.26 -0.88
N THR A 16 -28.65 -0.01 -1.34
CA THR A 16 -29.64 0.53 -2.31
C THR A 16 -29.00 1.52 -3.30
N GLY A 17 -29.80 2.10 -4.20
CA GLY A 17 -29.36 3.04 -5.22
C GLY A 17 -28.49 2.36 -6.27
N GLU A 18 -27.24 2.82 -6.45
CA GLU A 18 -26.27 2.17 -7.35
C GLU A 18 -25.50 1.05 -6.64
N SER A 19 -24.81 0.20 -7.40
CA SER A 19 -23.97 -0.89 -6.90
C SER A 19 -22.59 -0.91 -7.57
N PHE A 20 -21.60 -1.47 -6.87
CA PHE A 20 -20.18 -1.49 -7.26
C PHE A 20 -19.52 -2.74 -6.68
N GLU A 21 -18.61 -3.37 -7.42
CA GLU A 21 -17.93 -4.61 -7.03
C GLU A 21 -16.42 -4.37 -6.91
N TYR A 22 -15.80 -4.86 -5.84
CA TYR A 22 -14.41 -4.62 -5.48
C TYR A 22 -13.71 -5.96 -5.13
N ASN A 23 -12.47 -6.10 -5.58
CA ASN A 23 -11.62 -7.24 -5.23
C ASN A 23 -10.87 -6.99 -3.91
N LYS A 24 -10.59 -8.08 -3.18
CA LYS A 24 -9.71 -8.07 -2.01
C LYS A 24 -8.24 -7.89 -2.40
N GLY A 25 -7.39 -7.51 -1.44
CA GLY A 25 -5.94 -7.33 -1.66
C GLY A 25 -5.60 -6.41 -2.84
N GLU A 26 -6.43 -5.40 -3.09
CA GLU A 26 -6.30 -4.45 -4.18
C GLU A 26 -6.51 -3.02 -3.68
N THR A 27 -5.81 -2.09 -4.33
CA THR A 27 -5.85 -0.65 -4.05
C THR A 27 -6.63 0.03 -5.16
N VAL A 28 -7.56 0.91 -4.78
CA VAL A 28 -8.45 1.62 -5.71
C VAL A 28 -8.32 3.12 -5.46
N ARG A 29 -8.04 3.83 -6.56
CA ARG A 29 -7.89 5.29 -6.62
C ARG A 29 -9.05 5.92 -7.37
N PHE A 30 -9.37 7.15 -6.99
CA PHE A 30 -10.32 8.02 -7.65
C PHE A 30 -9.70 9.42 -7.86
N ASN A 31 -10.29 10.19 -8.77
CA ASN A 31 -9.97 11.59 -9.08
C ASN A 31 -9.78 12.48 -7.83
N ASN A 32 -8.66 13.19 -7.72
CA ASN A 32 -8.40 14.18 -6.66
C ASN A 32 -9.26 15.47 -6.76
N GLY A 33 -10.05 15.63 -7.84
CA GLY A 33 -10.98 16.76 -8.04
C GLY A 33 -12.15 16.84 -7.04
N ASP A 34 -12.31 15.82 -6.17
CA ASP A 34 -13.28 15.79 -5.06
C ASP A 34 -14.76 15.85 -5.48
N LYS A 35 -15.03 15.43 -6.72
CA LYS A 35 -16.37 15.52 -7.35
C LYS A 35 -17.37 14.50 -6.77
N TRP A 36 -16.94 13.24 -6.66
CA TRP A 36 -17.71 12.10 -6.10
C TRP A 36 -16.79 10.88 -5.80
N ASN A 37 -15.51 11.14 -5.48
CA ASN A 37 -14.53 10.09 -5.13
C ASN A 37 -14.86 9.33 -3.83
N ASP A 38 -15.30 10.06 -2.80
CA ASP A 38 -16.06 9.52 -1.68
C ASP A 38 -17.43 9.06 -2.20
N LYS A 39 -18.43 9.95 -2.10
CA LYS A 39 -19.88 9.67 -2.10
C LYS A 39 -20.31 8.27 -1.55
N PHE A 40 -19.50 7.70 -0.66
CA PHE A 40 -19.69 6.45 0.07
C PHE A 40 -20.81 6.60 1.11
N MET A 41 -21.54 5.52 1.36
CA MET A 41 -22.71 5.50 2.26
C MET A 41 -22.92 4.12 2.89
N SER A 42 -22.99 3.09 2.05
CA SER A 42 -23.32 1.72 2.42
C SER A 42 -22.39 0.76 1.68
N CYS A 43 -21.78 -0.17 2.41
CA CYS A 43 -20.73 -1.06 1.92
C CYS A 43 -20.89 -2.44 2.55
N LEU A 44 -20.37 -3.45 1.86
CA LEU A 44 -20.53 -4.85 2.23
C LEU A 44 -19.15 -5.51 2.21
N VAL A 45 -18.72 -5.98 3.38
CA VAL A 45 -17.41 -6.56 3.65
C VAL A 45 -17.60 -8.05 3.99
N GLY A 46 -17.04 -8.92 3.16
CA GLY A 46 -17.15 -10.38 3.18
C GLY A 46 -17.11 -11.08 4.55
N SER A 47 -15.92 -11.55 4.94
CA SER A 47 -15.65 -12.14 6.26
C SER A 47 -14.15 -12.19 6.56
N ASN A 48 -13.35 -12.52 5.55
CA ASN A 48 -11.89 -12.62 5.62
C ASN A 48 -11.24 -11.52 4.75
N VAL A 49 -11.86 -10.34 4.73
CA VAL A 49 -11.44 -9.17 3.94
C VAL A 49 -11.67 -7.90 4.74
N ARG A 50 -10.70 -6.99 4.74
CA ARG A 50 -10.76 -5.73 5.50
C ARG A 50 -10.88 -4.57 4.53
N CYS A 51 -11.48 -3.47 4.97
CA CYS A 51 -11.48 -2.23 4.20
C CYS A 51 -10.75 -1.13 4.98
N ASN A 52 -10.00 -0.31 4.26
CA ASN A 52 -9.21 0.79 4.78
C ASN A 52 -9.54 2.03 3.96
N ILE A 53 -9.89 3.11 4.64
CA ILE A 53 -10.39 4.33 4.00
C ILE A 53 -9.50 5.51 4.35
N TRP A 54 -9.03 6.19 3.30
CA TRP A 54 -8.02 7.25 3.41
C TRP A 54 -8.35 8.41 2.47
N GLU A 55 -8.94 9.45 3.04
CA GLU A 55 -9.14 10.76 2.43
C GLU A 55 -7.81 11.49 2.22
N HIS A 56 -7.31 11.55 0.98
CA HIS A 56 -6.07 12.23 0.62
C HIS A 56 -4.81 11.63 1.29
N ASN A 57 -3.66 11.82 0.64
CA ASN A 57 -2.37 11.33 1.12
C ASN A 57 -1.63 12.39 1.96
N GLU A 58 -1.00 11.93 3.05
CA GLU A 58 -0.30 12.78 4.03
C GLU A 58 0.73 11.97 4.84
N ILE A 59 1.43 12.65 5.77
CA ILE A 59 2.49 12.09 6.62
C ILE A 59 2.35 12.59 8.08
N ASP A 60 1.12 12.59 8.61
CA ASP A 60 0.75 13.10 9.95
C ASP A 60 1.08 14.59 10.12
N THR A 61 0.68 15.35 9.10
CA THR A 61 0.87 16.81 8.95
C THR A 61 -0.17 17.59 9.80
N PRO A 62 -0.18 18.94 9.81
CA PRO A 62 -1.23 19.72 10.49
C PRO A 62 -2.61 19.67 9.79
N THR A 63 -2.82 18.77 8.83
CA THR A 63 -4.10 18.51 8.15
C THR A 63 -4.25 17.01 7.81
N PRO A 64 -4.34 16.10 8.81
CA PRO A 64 -4.55 14.70 8.53
C PRO A 64 -5.92 14.50 7.88
N GLY A 65 -5.95 13.73 6.80
CA GLY A 65 -7.19 13.30 6.16
C GLY A 65 -8.10 12.49 7.09
N LYS A 66 -9.36 12.34 6.70
CA LYS A 66 -10.26 11.33 7.26
C LYS A 66 -9.68 9.92 7.08
N PHE A 67 -9.27 9.33 8.19
CA PHE A 67 -8.76 7.96 8.30
C PHE A 67 -9.75 7.11 9.08
N GLN A 68 -9.98 5.87 8.64
CA GLN A 68 -10.77 4.89 9.39
C GLN A 68 -10.49 3.46 8.92
N GLU A 69 -10.79 2.51 9.79
CA GLU A 69 -10.55 1.09 9.61
C GLU A 69 -11.88 0.33 9.60
N LEU A 70 -12.43 0.07 8.40
CA LEU A 70 -13.64 -0.75 8.24
C LEU A 70 -13.35 -2.19 8.70
N ALA A 71 -13.92 -2.55 9.85
CA ALA A 71 -13.77 -3.84 10.52
C ALA A 71 -14.04 -5.04 9.59
N GLN A 72 -13.27 -6.11 9.76
CA GLN A 72 -13.37 -7.34 8.98
C GLN A 72 -14.72 -8.06 9.22
N GLY A 73 -15.33 -8.56 8.14
CA GLY A 73 -16.58 -9.35 8.15
C GLY A 73 -17.80 -8.64 8.75
N SER A 74 -18.38 -7.68 8.02
CA SER A 74 -19.52 -6.87 8.49
C SER A 74 -20.23 -6.12 7.35
N THR A 75 -21.31 -5.42 7.70
CA THR A 75 -22.09 -4.58 6.79
C THR A 75 -22.12 -3.15 7.31
N ASN A 76 -21.90 -2.19 6.41
CA ASN A 76 -21.85 -0.76 6.69
C ASN A 76 -23.02 -0.10 5.96
N ASN A 77 -23.75 0.79 6.63
CA ASN A 77 -24.91 1.51 6.05
C ASN A 77 -25.04 2.95 6.56
N ASP A 78 -24.06 3.42 7.34
CA ASP A 78 -24.07 4.73 8.00
C ASP A 78 -22.62 5.23 8.28
N LEU A 79 -21.67 4.89 7.40
CA LEU A 79 -20.28 5.38 7.47
C LEU A 79 -20.08 6.79 6.88
N THR A 80 -21.13 7.37 6.28
CA THR A 80 -21.10 8.71 5.69
C THR A 80 -20.82 9.83 6.71
N SER A 81 -20.88 9.54 8.01
CA SER A 81 -20.49 10.44 9.11
C SER A 81 -19.10 11.06 8.96
N ILE A 82 -18.16 10.33 8.35
CA ILE A 82 -16.81 10.84 8.05
C ILE A 82 -16.83 11.88 6.90
N ASN A 83 -17.76 11.75 5.95
CA ASN A 83 -17.92 12.51 4.71
C ASN A 83 -16.61 12.91 4.00
N GLY A 84 -15.67 11.97 3.95
CA GLY A 84 -14.29 12.18 3.53
C GLY A 84 -13.59 10.87 3.21
N LEU A 85 -13.58 10.50 1.93
CA LEU A 85 -12.82 9.39 1.35
C LEU A 85 -12.26 9.81 -0.04
N SER A 86 -11.19 9.19 -0.50
CA SER A 86 -10.63 9.39 -1.86
C SER A 86 -9.78 8.20 -2.32
N LYS A 87 -9.09 7.52 -1.38
CA LYS A 87 -8.32 6.30 -1.61
C LYS A 87 -8.88 5.16 -0.76
N PHE A 88 -8.95 3.98 -1.37
CA PHE A 88 -9.61 2.81 -0.82
C PHE A 88 -8.64 1.64 -0.95
N GLN A 89 -8.44 0.90 0.15
CA GLN A 89 -7.54 -0.24 0.19
C GLN A 89 -8.29 -1.41 0.81
N VAL A 90 -8.46 -2.47 0.03
CA VAL A 90 -9.11 -3.71 0.51
C VAL A 90 -8.00 -4.73 0.73
N LEU A 91 -7.99 -5.38 1.88
CA LEU A 91 -6.99 -6.38 2.26
C LEU A 91 -7.61 -7.79 2.22
N PRO A 92 -6.85 -8.85 1.91
CA PRO A 92 -7.33 -10.24 1.88
C PRO A 92 -7.46 -10.87 3.28
N GLY A 93 -7.46 -10.04 4.33
CA GLY A 93 -7.65 -10.38 5.75
C GLY A 93 -6.52 -11.17 6.41
N ALA A 94 -5.87 -12.06 5.67
CA ALA A 94 -4.62 -12.74 6.03
C ALA A 94 -3.45 -11.76 6.26
N PHE A 95 -3.43 -10.66 5.50
CA PHE A 95 -2.47 -9.55 5.64
C PHE A 95 -3.04 -8.47 6.56
N GLN A 96 -2.21 -7.93 7.45
CA GLN A 96 -2.61 -6.90 8.44
C GLN A 96 -2.68 -5.51 7.80
N TRP A 97 -1.79 -5.24 6.85
CA TRP A 97 -1.65 -4.02 6.08
C TRP A 97 -0.89 -4.30 4.78
N ALA A 98 -0.86 -3.31 3.89
CA ALA A 98 -0.08 -3.34 2.66
C ALA A 98 0.51 -1.96 2.35
N VAL A 99 1.47 -1.95 1.44
CA VAL A 99 2.29 -0.76 1.12
C VAL A 99 2.55 -0.71 -0.37
N ASP A 100 2.69 0.49 -0.92
CA ASP A 100 3.02 0.68 -2.32
C ASP A 100 4.52 1.00 -2.45
N VAL A 101 5.27 0.19 -3.21
CA VAL A 101 6.69 0.45 -3.50
C VAL A 101 6.90 0.62 -5.01
N LYS A 102 7.72 1.60 -5.38
CA LYS A 102 8.10 1.90 -6.77
C LYS A 102 9.57 2.22 -6.85
N ILE A 103 10.17 2.03 -8.02
CA ILE A 103 11.60 2.22 -8.27
C ILE A 103 11.74 3.20 -9.43
N VAL A 104 12.65 4.16 -9.28
CA VAL A 104 12.90 5.21 -10.28
C VAL A 104 14.40 5.28 -10.56
N ASN A 105 14.76 5.08 -11.82
CA ASN A 105 16.15 5.11 -12.27
C ASN A 105 16.58 6.56 -12.57
N LYS A 106 17.58 7.07 -11.84
CA LYS A 106 18.21 8.37 -12.13
C LYS A 106 19.57 8.25 -12.83
N VAL A 107 20.14 7.03 -12.93
CA VAL A 107 21.47 6.79 -13.54
C VAL A 107 21.37 6.10 -14.90
N ASN A 108 20.73 4.92 -14.94
CA ASN A 108 20.59 4.14 -16.18
C ASN A 108 19.71 4.90 -17.19
N SER A 109 18.73 5.65 -16.68
CA SER A 109 17.77 6.48 -17.44
C SER A 109 16.95 5.71 -18.49
N THR A 110 16.90 4.38 -18.37
CA THR A 110 16.28 3.45 -19.33
C THR A 110 14.93 2.95 -18.84
N ALA A 111 14.85 2.52 -17.56
CA ALA A 111 13.68 1.93 -16.90
C ALA A 111 13.09 0.66 -17.56
N GLY A 112 12.45 -0.18 -16.75
CA GLY A 112 11.82 -1.45 -17.14
C GLY A 112 12.77 -2.67 -17.13
N SER A 113 14.08 -2.46 -17.06
CA SER A 113 15.10 -3.52 -16.97
C SER A 113 15.41 -3.89 -15.51
N TYR A 114 15.93 -2.94 -14.73
CA TYR A 114 16.26 -3.05 -13.31
C TYR A 114 15.12 -3.70 -12.51
N GLU A 115 15.35 -4.95 -12.07
CA GLU A 115 14.37 -5.74 -11.33
C GLU A 115 14.73 -5.72 -9.83
N MET A 116 13.78 -5.31 -9.01
CA MET A 116 13.88 -5.34 -7.55
C MET A 116 12.85 -6.33 -7.01
N THR A 117 13.27 -7.06 -5.98
CA THR A 117 12.48 -8.03 -5.26
C THR A 117 12.65 -7.76 -3.77
N ILE A 118 11.55 -7.83 -3.03
CA ILE A 118 11.53 -7.64 -1.58
C ILE A 118 10.70 -8.72 -0.89
N THR A 119 11.15 -9.10 0.30
CA THR A 119 10.66 -10.27 1.04
C THR A 119 10.47 -9.88 2.51
N PRO A 120 9.26 -9.50 2.93
CA PRO A 120 8.96 -8.97 4.26
C PRO A 120 8.94 -10.10 5.31
N TYR A 121 10.13 -10.58 5.70
CA TYR A 121 10.39 -11.68 6.63
C TYR A 121 9.76 -13.00 6.15
N GLN A 122 10.44 -13.71 5.23
CA GLN A 122 10.06 -15.02 4.67
C GLN A 122 8.54 -15.17 4.32
N VAL A 123 8.01 -14.16 3.63
CA VAL A 123 6.58 -14.01 3.24
C VAL A 123 6.47 -13.88 1.72
N ASP A 124 5.24 -13.96 1.19
CA ASP A 124 4.84 -13.72 -0.21
C ASP A 124 5.62 -12.57 -0.88
N LYS A 125 6.76 -12.91 -1.47
CA LYS A 125 7.70 -11.97 -2.08
C LYS A 125 7.23 -11.59 -3.48
N VAL A 126 7.48 -10.34 -3.85
CA VAL A 126 7.03 -9.75 -5.11
C VAL A 126 8.18 -9.03 -5.77
N ALA A 127 8.27 -9.20 -7.09
CA ALA A 127 9.29 -8.62 -7.94
C ALA A 127 8.63 -7.60 -8.86
N CYS A 128 9.24 -6.43 -8.98
CA CYS A 128 8.81 -5.36 -9.86
C CYS A 128 10.00 -4.76 -10.60
N LYS A 129 9.71 -4.26 -11.80
CA LYS A 129 10.67 -3.57 -12.65
C LYS A 129 10.43 -2.07 -12.55
N ASP A 130 11.50 -1.30 -12.59
CA ASP A 130 11.56 0.15 -12.43
C ASP A 130 10.93 0.98 -13.58
N GLY A 131 9.95 0.43 -14.29
CA GLY A 131 9.32 0.99 -15.49
C GLY A 131 7.81 0.76 -15.59
N ASP A 132 7.15 0.58 -14.44
CA ASP A 132 5.72 0.33 -14.28
C ASP A 132 5.15 1.17 -13.11
N ASP A 133 3.84 1.14 -12.90
CA ASP A 133 3.23 1.59 -11.64
C ASP A 133 3.79 0.83 -10.41
N PHE A 134 3.65 1.43 -9.22
CA PHE A 134 4.02 0.81 -7.94
C PHE A 134 3.39 -0.59 -7.78
N VAL A 135 4.02 -1.45 -6.99
CA VAL A 135 3.45 -2.75 -6.61
C VAL A 135 3.00 -2.74 -5.17
N GLN A 136 1.85 -3.36 -4.92
CA GLN A 136 1.29 -3.53 -3.59
C GLN A 136 2.03 -4.69 -2.90
N LEU A 137 2.88 -4.37 -1.92
CA LEU A 137 3.51 -5.33 -1.03
C LEU A 137 2.60 -5.58 0.18
N PRO A 138 2.03 -6.78 0.35
CA PRO A 138 1.32 -7.13 1.57
C PRO A 138 2.26 -7.50 2.73
N ILE A 139 1.79 -7.28 3.96
CA ILE A 139 2.55 -7.49 5.20
C ILE A 139 1.68 -8.25 6.23
N PRO A 140 2.18 -9.33 6.88
CA PRO A 140 1.42 -10.12 7.85
C PRO A 140 1.28 -9.41 9.20
N LYS A 141 0.44 -9.96 10.08
CA LYS A 141 0.22 -9.39 11.42
C LYS A 141 1.38 -9.62 12.37
N LEU A 142 1.54 -8.66 13.29
CA LEU A 142 2.55 -8.62 14.34
C LEU A 142 2.12 -7.67 15.46
N THR A 143 2.61 -7.90 16.68
CA THR A 143 2.28 -7.10 17.87
C THR A 143 3.55 -6.77 18.68
N PRO A 144 3.72 -5.52 19.16
CA PRO A 144 2.86 -4.36 18.90
C PRO A 144 2.91 -3.95 17.42
N PRO A 145 1.84 -3.37 16.85
CA PRO A 145 1.83 -2.95 15.45
C PRO A 145 2.88 -1.85 15.18
N ASP A 146 3.14 -1.00 16.19
CA ASP A 146 4.20 0.02 16.24
C ASP A 146 5.64 -0.56 16.21
N SER A 147 5.83 -1.89 16.27
CA SER A 147 7.11 -2.53 16.00
C SER A 147 7.51 -2.45 14.50
N GLU A 148 8.66 -3.03 14.16
CA GLU A 148 9.14 -3.12 12.77
C GLU A 148 9.34 -4.59 12.34
N ILE A 149 9.17 -4.84 11.04
CA ILE A 149 9.42 -6.14 10.39
C ILE A 149 10.70 -6.05 9.55
N VAL A 150 11.51 -7.11 9.61
CA VAL A 150 12.70 -7.27 8.78
C VAL A 150 12.28 -7.61 7.34
N SER A 151 12.93 -7.02 6.34
CA SER A 151 12.66 -7.32 4.93
C SER A 151 13.95 -7.34 4.12
N HIS A 152 14.15 -8.38 3.31
CA HIS A 152 15.34 -8.49 2.46
C HIS A 152 15.12 -7.68 1.17
N LEU A 153 16.17 -7.01 0.66
CA LEU A 153 16.10 -6.15 -0.52
C LEU A 153 17.18 -6.55 -1.53
N THR A 154 16.74 -7.10 -2.65
CA THR A 154 17.59 -7.62 -3.73
C THR A 154 17.19 -7.02 -5.06
N VAL A 155 18.09 -6.24 -5.65
CA VAL A 155 17.95 -5.61 -6.97
C VAL A 155 19.04 -6.17 -7.87
N ARG A 156 18.64 -6.79 -8.98
CA ARG A 156 19.54 -7.40 -9.97
C ARG A 156 19.18 -6.88 -11.35
N GLN A 157 20.18 -6.54 -12.14
CA GLN A 157 19.98 -6.11 -13.52
C GLN A 157 19.74 -7.33 -14.43
N THR A 158 18.67 -7.28 -15.24
CA THR A 158 18.26 -8.37 -16.14
C THR A 158 19.15 -8.47 -17.39
N HIS A 159 19.69 -7.32 -17.83
CA HIS A 159 20.69 -7.18 -18.89
C HIS A 159 22.12 -7.07 -18.31
N THR A 160 23.13 -6.91 -19.19
CA THR A 160 24.56 -6.88 -18.79
C THR A 160 24.86 -5.80 -17.73
N PRO A 161 25.85 -6.00 -16.82
CA PRO A 161 26.71 -7.17 -16.67
C PRO A 161 26.05 -8.37 -15.94
N TYR A 162 24.72 -8.40 -15.81
CA TYR A 162 23.92 -9.47 -15.18
C TYR A 162 24.19 -9.64 -13.67
N ASP A 163 24.78 -8.63 -13.03
CA ASP A 163 25.23 -8.61 -11.64
C ASP A 163 24.16 -8.02 -10.67
N TYR A 164 24.45 -7.98 -9.38
CA TYR A 164 23.62 -7.30 -8.39
C TYR A 164 23.86 -5.77 -8.38
N VAL A 165 22.77 -5.02 -8.14
CA VAL A 165 22.72 -3.55 -8.08
C VAL A 165 22.57 -3.06 -6.64
N VAL A 166 21.69 -3.70 -5.86
CA VAL A 166 21.48 -3.44 -4.43
C VAL A 166 21.28 -4.80 -3.76
N ASN A 167 22.10 -5.10 -2.77
CA ASN A 167 22.07 -6.36 -2.03
C ASN A 167 22.20 -6.07 -0.53
N GLY A 168 21.05 -6.02 0.14
CA GLY A 168 20.91 -5.52 1.50
C GLY A 168 19.56 -5.90 2.10
N SER A 169 19.13 -5.13 3.11
CA SER A 169 17.82 -5.28 3.75
C SER A 169 17.21 -3.90 4.03
N VAL A 170 15.94 -3.90 4.42
CA VAL A 170 15.12 -2.75 4.77
C VAL A 170 14.18 -3.14 5.92
N TYR A 171 13.70 -2.17 6.69
CA TYR A 171 12.79 -2.42 7.81
C TYR A 171 11.49 -1.64 7.58
N PHE A 172 10.34 -2.24 7.90
CA PHE A 172 9.02 -1.61 7.69
C PHE A 172 8.30 -1.51 9.04
N LYS A 173 7.76 -0.32 9.37
CA LYS A 173 6.98 -0.05 10.60
C LYS A 173 5.58 0.44 10.22
N TYR A 174 4.61 0.20 11.11
CA TYR A 174 3.22 0.63 10.99
C TYR A 174 2.78 1.37 12.24
N SER A 175 2.28 2.59 12.10
CA SER A 175 1.76 3.40 13.20
C SER A 175 0.23 3.24 13.29
N PRO A 176 -0.30 2.63 14.36
CA PRO A 176 -1.75 2.43 14.54
C PRO A 176 -2.50 3.75 14.75
N THR A 177 -1.79 4.86 15.00
CA THR A 177 -2.26 6.23 15.15
C THR A 177 -3.31 6.63 14.11
N THR A 178 -3.03 6.33 12.84
CA THR A 178 -3.95 6.55 11.70
C THR A 178 -3.81 5.45 10.61
N GLY A 179 -3.23 4.31 10.97
CA GLY A 179 -2.86 3.25 10.01
C GLY A 179 -1.78 3.67 9.00
N GLN A 180 -0.84 4.53 9.42
CA GLN A 180 0.31 4.92 8.59
C GLN A 180 1.33 3.78 8.52
N VAL A 181 2.08 3.74 7.42
CA VAL A 181 3.26 2.91 7.25
C VAL A 181 4.47 3.83 7.03
N THR A 182 5.56 3.53 7.72
CA THR A 182 6.81 4.29 7.74
C THR A 182 7.97 3.30 7.61
N VAL A 183 8.64 3.28 6.46
CA VAL A 183 9.84 2.45 6.25
C VAL A 183 11.03 3.09 6.95
N ILE A 184 11.93 2.24 7.45
CA ILE A 184 13.15 2.61 8.13
C ILE A 184 14.31 1.94 7.37
N LYS A 185 15.27 2.77 6.97
CA LYS A 185 16.47 2.36 6.25
C LYS A 185 17.70 3.03 6.88
N LYS A 186 18.75 2.25 7.07
CA LYS A 186 20.04 2.66 7.64
C LYS A 186 21.18 1.87 7.00
N ASP A 187 22.38 2.42 7.08
CA ASP A 187 23.63 1.86 6.55
C ASP A 187 23.95 0.45 7.08
N GLU A 188 23.34 0.04 8.21
CA GLU A 188 23.41 -1.32 8.75
C GLU A 188 22.91 -2.42 7.79
N THR A 189 22.05 -2.07 6.82
CA THR A 189 21.40 -3.00 5.89
C THR A 189 21.11 -2.39 4.52
N PHE A 190 20.56 -1.18 4.47
CA PHE A 190 20.25 -0.43 3.26
C PHE A 190 21.50 0.35 2.81
N PRO A 191 21.88 0.31 1.53
CA PRO A 191 22.99 1.11 1.01
C PRO A 191 22.62 2.61 0.86
N LYS A 192 23.50 3.41 0.24
CA LYS A 192 23.31 4.86 0.04
C LYS A 192 23.00 5.24 -1.43
N ASN A 193 23.38 4.37 -2.38
CA ASN A 193 23.04 4.50 -3.80
C ASN A 193 21.52 4.61 -4.03
N MET A 194 20.76 3.82 -3.27
CA MET A 194 19.29 3.84 -3.24
C MET A 194 18.83 4.51 -1.94
N THR A 195 17.73 5.25 -2.01
CA THR A 195 17.09 5.90 -0.85
C THR A 195 15.57 5.77 -0.97
N VAL A 196 14.83 5.87 0.15
CA VAL A 196 13.37 5.75 0.15
C VAL A 196 12.71 7.01 0.69
N THR A 197 11.77 7.54 -0.09
CA THR A 197 11.07 8.81 0.16
C THR A 197 9.57 8.54 0.30
N GLN A 198 8.97 9.09 1.36
CA GLN A 198 7.53 9.09 1.61
C GLN A 198 6.78 9.90 0.54
N ASP A 199 5.84 9.25 -0.16
CA ASP A 199 4.99 9.88 -1.17
C ASP A 199 3.53 10.01 -0.70
N ASP A 200 3.08 9.09 0.16
CA ASP A 200 1.74 9.04 0.76
C ASP A 200 1.80 8.43 2.18
N ASN A 201 0.62 8.24 2.82
CA ASN A 201 0.47 7.55 4.11
C ASN A 201 1.03 6.12 4.13
N THR A 202 1.00 5.42 2.98
CA THR A 202 1.48 4.04 2.82
C THR A 202 2.14 3.82 1.45
N SER A 203 2.82 4.85 0.93
CA SER A 203 3.51 4.79 -0.36
C SER A 203 4.96 5.29 -0.26
N PHE A 204 5.84 4.51 -0.88
CA PHE A 204 7.27 4.71 -0.88
C PHE A 204 7.83 4.64 -2.28
N ILE A 205 8.77 5.53 -2.57
CA ILE A 205 9.43 5.62 -3.86
C ILE A 205 10.94 5.53 -3.62
N PHE A 206 11.55 4.53 -4.26
CA PHE A 206 12.94 4.13 -4.14
C PHE A 206 13.73 4.75 -5.30
N ASN A 207 14.62 5.69 -5.01
CA ASN A 207 15.38 6.42 -6.02
C ASN A 207 16.80 5.88 -6.09
N LEU A 208 17.27 5.43 -7.26
CA LEU A 208 18.63 4.92 -7.44
C LEU A 208 19.50 5.91 -8.22
N ASN A 209 20.54 6.42 -7.55
CA ASN A 209 21.46 7.47 -8.03
C ASN A 209 22.93 6.98 -8.09
N SER A 210 23.15 5.66 -8.15
CA SER A 210 24.46 5.02 -8.36
C SER A 210 24.32 3.64 -9.06
N GLU A 211 25.38 2.83 -9.13
CA GLU A 211 25.37 1.48 -9.74
C GLU A 211 26.28 0.46 -9.02
N LYS A 212 26.54 0.66 -7.71
CA LYS A 212 27.58 0.01 -6.86
C LYS A 212 28.02 -1.38 -7.35
N SER A 1 -25.55 -11.32 -1.88
CA SER A 1 -24.52 -11.31 -0.82
C SER A 1 -23.14 -10.81 -1.29
N VAL A 2 -22.20 -10.69 -0.35
CA VAL A 2 -20.77 -10.41 -0.63
C VAL A 2 -19.97 -11.71 -0.48
N ASP A 3 -19.18 -12.02 -1.51
CA ASP A 3 -18.29 -13.19 -1.52
C ASP A 3 -17.26 -13.09 -0.37
N ALA A 4 -16.95 -14.18 0.32
CA ALA A 4 -15.94 -14.19 1.38
C ALA A 4 -14.53 -13.75 0.93
N ASN A 5 -14.31 -13.68 -0.39
CA ASN A 5 -13.05 -13.37 -1.06
C ASN A 5 -13.12 -12.07 -1.91
N LYS A 6 -14.19 -11.27 -1.79
CA LYS A 6 -14.42 -9.99 -2.51
C LYS A 6 -15.17 -8.98 -1.62
N VAL A 7 -15.36 -7.75 -2.08
CA VAL A 7 -16.08 -6.69 -1.34
C VAL A 7 -17.24 -6.15 -2.18
N LYS A 8 -18.28 -5.60 -1.55
CA LYS A 8 -19.40 -4.91 -2.21
C LYS A 8 -19.49 -3.46 -1.75
N PHE A 9 -19.99 -2.60 -2.64
CA PHE A 9 -20.13 -1.17 -2.42
C PHE A 9 -21.43 -0.69 -3.10
N PHE A 10 -22.22 0.11 -2.38
CA PHE A 10 -23.50 0.65 -2.84
C PHE A 10 -23.61 2.15 -2.51
N PHE A 11 -24.01 2.95 -3.50
CA PHE A 11 -24.20 4.41 -3.41
C PHE A 11 -25.54 4.77 -2.74
N GLY A 12 -25.81 4.21 -1.56
CA GLY A 12 -27.01 4.53 -0.80
C GLY A 12 -27.11 3.75 0.51
N LYS A 13 -27.46 4.46 1.59
CA LYS A 13 -27.65 3.85 2.92
C LYS A 13 -28.64 2.68 2.86
N ASN A 14 -28.41 1.67 3.69
CA ASN A 14 -29.20 0.43 3.73
C ASN A 14 -29.26 -0.35 2.39
N CYS A 15 -28.24 -0.20 1.53
CA CYS A 15 -28.14 -0.81 0.19
C CYS A 15 -29.20 -0.23 -0.78
N THR A 16 -28.98 1.03 -1.19
CA THR A 16 -29.87 1.81 -2.08
C THR A 16 -29.06 2.61 -3.14
N GLY A 17 -29.76 3.38 -3.99
CA GLY A 17 -29.18 4.28 -5.00
C GLY A 17 -28.55 3.57 -6.22
N GLU A 18 -27.30 3.13 -6.09
CA GLU A 18 -26.53 2.40 -7.13
C GLU A 18 -25.74 1.24 -6.48
N SER A 19 -25.27 0.30 -7.30
CA SER A 19 -24.59 -0.92 -6.84
C SER A 19 -23.33 -1.25 -7.66
N PHE A 20 -22.33 -1.80 -6.97
CA PHE A 20 -20.99 -2.08 -7.51
C PHE A 20 -20.29 -3.19 -6.71
N GLU A 21 -19.17 -3.67 -7.24
CA GLU A 21 -18.34 -4.74 -6.67
C GLU A 21 -16.87 -4.33 -6.65
N TYR A 22 -16.10 -4.91 -5.71
CA TYR A 22 -14.69 -4.61 -5.45
C TYR A 22 -13.89 -5.91 -5.37
N ASN A 23 -12.77 -5.96 -6.09
CA ASN A 23 -11.84 -7.09 -6.07
C ASN A 23 -10.95 -7.01 -4.82
N LYS A 24 -10.85 -8.09 -4.02
CA LYS A 24 -9.90 -8.20 -2.90
C LYS A 24 -8.46 -7.94 -3.37
N GLY A 25 -7.68 -7.22 -2.56
CA GLY A 25 -6.25 -7.01 -2.80
C GLY A 25 -6.00 -5.93 -3.87
N GLU A 26 -6.75 -4.84 -3.81
CA GLU A 26 -6.70 -3.71 -4.74
C GLU A 26 -6.67 -2.37 -4.00
N THR A 27 -6.11 -1.37 -4.67
CA THR A 27 -5.97 0.00 -4.19
C THR A 27 -6.25 0.95 -5.34
N VAL A 28 -7.23 1.83 -5.19
CA VAL A 28 -7.59 2.84 -6.19
C VAL A 28 -7.78 4.21 -5.54
N ARG A 29 -7.57 5.25 -6.34
CA ARG A 29 -7.56 6.66 -5.93
C ARG A 29 -8.39 7.44 -6.94
N PHE A 30 -9.47 8.06 -6.47
CA PHE A 30 -10.40 8.81 -7.33
C PHE A 30 -10.85 10.06 -6.60
N ASN A 31 -10.63 11.23 -7.22
CA ASN A 31 -11.12 12.53 -6.76
C ASN A 31 -11.04 13.63 -7.82
N ASN A 32 -11.92 14.61 -7.63
CA ASN A 32 -12.19 15.76 -8.49
C ASN A 32 -12.46 17.04 -7.64
N GLY A 33 -12.04 17.00 -6.37
CA GLY A 33 -12.16 18.07 -5.37
C GLY A 33 -12.63 17.49 -4.04
N ASP A 34 -13.95 17.44 -3.86
CA ASP A 34 -14.65 16.87 -2.68
C ASP A 34 -16.16 16.76 -2.97
N LYS A 35 -16.67 15.53 -3.23
CA LYS A 35 -18.10 15.16 -3.49
C LYS A 35 -18.31 13.78 -4.14
N TRP A 36 -17.79 13.48 -5.34
CA TRP A 36 -17.94 12.15 -5.97
C TRP A 36 -16.97 11.11 -5.41
N ASN A 37 -15.85 11.59 -4.85
CA ASN A 37 -14.85 10.80 -4.15
C ASN A 37 -15.33 10.21 -2.81
N ASP A 38 -16.41 10.78 -2.24
CA ASP A 38 -17.15 10.13 -1.16
C ASP A 38 -17.65 8.75 -1.60
N LYS A 39 -18.60 8.71 -2.55
CA LYS A 39 -19.31 7.52 -3.08
C LYS A 39 -19.45 6.33 -2.11
N PHE A 40 -19.68 6.60 -0.83
CA PHE A 40 -19.73 5.60 0.24
C PHE A 40 -20.93 5.94 1.13
N MET A 41 -21.79 4.95 1.35
CA MET A 41 -23.05 5.10 2.08
C MET A 41 -23.53 3.75 2.64
N SER A 42 -23.37 2.67 1.86
CA SER A 42 -23.47 1.29 2.34
C SER A 42 -22.44 0.42 1.65
N CYS A 43 -21.62 -0.29 2.40
CA CYS A 43 -20.65 -1.25 1.88
C CYS A 43 -20.72 -2.55 2.69
N LEU A 44 -20.32 -3.66 2.07
CA LEU A 44 -20.44 -4.99 2.66
C LEU A 44 -19.11 -5.71 2.47
N VAL A 45 -18.55 -6.23 3.56
CA VAL A 45 -17.18 -6.76 3.67
C VAL A 45 -17.25 -8.27 3.87
N GLY A 46 -16.86 -9.01 2.83
CA GLY A 46 -16.96 -10.46 2.65
C GLY A 46 -16.83 -11.35 3.90
N SER A 47 -15.60 -11.78 4.20
CA SER A 47 -15.26 -12.53 5.43
C SER A 47 -13.75 -12.61 5.66
N ASN A 48 -12.99 -12.86 4.60
CA ASN A 48 -11.52 -12.85 4.59
C ASN A 48 -11.01 -11.61 3.83
N VAL A 49 -11.69 -10.47 3.99
CA VAL A 49 -11.40 -9.18 3.34
C VAL A 49 -11.69 -8.01 4.29
N ARG A 50 -11.09 -6.85 4.05
CA ARG A 50 -11.21 -5.62 4.84
C ARG A 50 -11.31 -4.40 3.91
N CYS A 51 -12.00 -3.34 4.35
CA CYS A 51 -12.08 -2.08 3.62
C CYS A 51 -11.40 -0.96 4.43
N ASN A 52 -10.46 -0.25 3.81
CA ASN A 52 -9.69 0.81 4.44
C ASN A 52 -10.02 2.13 3.71
N ILE A 53 -10.53 3.10 4.47
CA ILE A 53 -10.99 4.39 3.94
C ILE A 53 -10.11 5.53 4.45
N TRP A 54 -9.40 6.18 3.53
CA TRP A 54 -8.46 7.27 3.82
C TRP A 54 -8.87 8.50 2.99
N GLU A 55 -9.12 9.62 3.67
CA GLU A 55 -9.61 10.87 3.06
C GLU A 55 -8.69 11.39 1.95
N HIS A 56 -7.41 11.37 2.23
CA HIS A 56 -6.33 11.78 1.33
C HIS A 56 -5.09 10.97 1.70
N ASN A 57 -4.04 11.07 0.89
CA ASN A 57 -2.77 10.43 1.20
C ASN A 57 -2.21 10.96 2.54
N GLU A 58 -1.84 12.23 2.64
CA GLU A 58 -1.24 12.89 3.83
C GLU A 58 -0.07 12.16 4.55
N ILE A 59 0.63 12.85 5.45
CA ILE A 59 1.80 12.32 6.19
C ILE A 59 1.87 12.82 7.66
N ASP A 60 0.79 12.61 8.42
CA ASP A 60 0.61 13.02 9.84
C ASP A 60 0.89 14.51 10.05
N THR A 61 0.30 15.28 9.13
CA THR A 61 0.37 16.73 9.05
C THR A 61 -0.50 17.37 10.15
N PRO A 62 -0.36 18.68 10.43
CA PRO A 62 -1.21 19.40 11.40
C PRO A 62 -2.65 19.65 10.90
N THR A 63 -3.13 18.86 9.94
CA THR A 63 -4.48 18.91 9.35
C THR A 63 -4.91 17.52 8.82
N PRO A 64 -4.96 16.47 9.66
CA PRO A 64 -5.43 15.16 9.23
C PRO A 64 -6.92 15.23 8.91
N GLY A 65 -7.31 14.64 7.77
CA GLY A 65 -8.70 14.57 7.34
C GLY A 65 -9.50 13.54 8.13
N LYS A 66 -9.72 12.36 7.52
CA LYS A 66 -10.43 11.23 8.14
C LYS A 66 -9.82 9.88 7.73
N PHE A 67 -10.02 8.88 8.59
CA PHE A 67 -9.47 7.53 8.48
C PHE A 67 -10.38 6.51 9.23
N GLN A 68 -10.61 5.33 8.65
CA GLN A 68 -11.26 4.21 9.34
C GLN A 68 -10.93 2.85 8.68
N GLU A 69 -11.10 1.78 9.44
CA GLU A 69 -10.78 0.40 9.05
C GLU A 69 -12.02 -0.48 9.24
N LEU A 70 -12.84 -0.59 8.18
CA LEU A 70 -14.06 -1.41 8.17
C LEU A 70 -13.70 -2.88 8.35
N ALA A 71 -13.98 -3.38 9.55
CA ALA A 71 -13.65 -4.72 10.05
C ALA A 71 -14.17 -5.85 9.14
N GLN A 72 -13.43 -6.95 9.11
CA GLN A 72 -13.69 -8.12 8.27
C GLN A 72 -15.01 -8.83 8.62
N GLY A 73 -15.63 -9.48 7.64
CA GLY A 73 -16.85 -10.29 7.80
C GLY A 73 -18.03 -9.54 8.43
N SER A 74 -18.40 -8.38 7.86
CA SER A 74 -19.44 -7.51 8.41
C SER A 74 -20.07 -6.60 7.34
N THR A 75 -21.08 -5.84 7.74
CA THR A 75 -21.82 -4.89 6.88
C THR A 75 -21.91 -3.53 7.58
N ASN A 76 -21.80 -2.46 6.79
CA ASN A 76 -21.79 -1.08 7.27
C ASN A 76 -22.69 -0.22 6.37
N ASN A 77 -23.69 0.42 6.98
CA ASN A 77 -24.77 1.17 6.31
C ASN A 77 -24.78 2.67 6.69
N ASP A 78 -23.68 3.17 7.26
CA ASP A 78 -23.55 4.51 7.84
C ASP A 78 -22.18 5.17 7.54
N LEU A 79 -21.66 4.95 6.32
CA LEU A 79 -20.36 5.48 5.89
C LEU A 79 -20.35 7.01 5.79
N THR A 80 -21.53 7.65 5.74
CA THR A 80 -21.73 9.11 5.88
C THR A 80 -21.17 9.71 7.18
N SER A 81 -20.93 8.90 8.21
CA SER A 81 -20.13 9.32 9.39
C SER A 81 -18.74 9.86 8.98
N ILE A 82 -18.22 9.39 7.84
CA ILE A 82 -16.96 9.79 7.21
C ILE A 82 -17.20 10.01 5.71
N ASN A 83 -17.85 11.13 5.36
CA ASN A 83 -17.94 11.61 3.97
C ASN A 83 -16.56 11.92 3.36
N GLY A 84 -15.57 12.20 4.22
CA GLY A 84 -14.16 12.38 3.87
C GLY A 84 -13.49 11.11 3.36
N LEU A 85 -13.70 10.78 2.09
CA LEU A 85 -13.00 9.74 1.34
C LEU A 85 -12.36 10.30 0.06
N SER A 86 -11.28 9.65 -0.41
CA SER A 86 -10.75 9.76 -1.79
C SER A 86 -9.86 8.57 -2.21
N LYS A 87 -9.29 7.85 -1.24
CA LYS A 87 -8.44 6.66 -1.44
C LYS A 87 -9.12 5.47 -0.78
N PHE A 88 -9.25 4.38 -1.53
CA PHE A 88 -9.91 3.16 -1.09
C PHE A 88 -8.94 2.00 -1.32
N GLN A 89 -8.61 1.29 -0.24
CA GLN A 89 -7.76 0.11 -0.27
C GLN A 89 -8.54 -1.05 0.32
N VAL A 90 -8.53 -2.19 -0.36
CA VAL A 90 -9.16 -3.42 0.11
C VAL A 90 -8.14 -4.53 0.10
N LEU A 91 -8.04 -5.25 1.21
CA LEU A 91 -6.99 -6.24 1.43
C LEU A 91 -7.54 -7.43 2.25
N PRO A 92 -7.03 -8.66 2.04
CA PRO A 92 -7.57 -9.83 2.72
C PRO A 92 -7.29 -9.82 4.23
N GLY A 93 -8.11 -10.51 5.01
CA GLY A 93 -7.97 -10.61 6.46
C GLY A 93 -6.67 -11.28 6.93
N ALA A 94 -6.06 -12.11 6.07
CA ALA A 94 -4.71 -12.66 6.26
C ALA A 94 -3.60 -11.59 6.26
N PHE A 95 -3.86 -10.42 5.66
CA PHE A 95 -2.93 -9.29 5.55
C PHE A 95 -3.46 -8.14 6.43
N GLN A 96 -2.61 -7.56 7.28
CA GLN A 96 -3.02 -6.53 8.24
C GLN A 96 -3.02 -5.13 7.63
N TRP A 97 -1.99 -4.85 6.82
CA TRP A 97 -1.79 -3.62 6.07
C TRP A 97 -0.97 -3.94 4.80
N ALA A 98 -1.04 -3.06 3.80
CA ALA A 98 -0.25 -3.18 2.59
C ALA A 98 0.37 -1.82 2.22
N VAL A 99 1.57 -1.87 1.64
CA VAL A 99 2.36 -0.70 1.25
C VAL A 99 2.67 -0.75 -0.24
N ASP A 100 2.52 0.36 -0.95
CA ASP A 100 2.97 0.51 -2.32
C ASP A 100 4.48 0.74 -2.36
N VAL A 101 5.17 0.03 -3.27
CA VAL A 101 6.60 0.23 -3.58
C VAL A 101 6.78 0.51 -5.08
N LYS A 102 7.68 1.44 -5.42
CA LYS A 102 8.05 1.82 -6.79
C LYS A 102 9.56 2.06 -6.90
N ILE A 103 10.07 1.94 -8.12
CA ILE A 103 11.48 2.04 -8.50
C ILE A 103 11.66 3.21 -9.48
N VAL A 104 12.74 3.98 -9.32
CA VAL A 104 13.12 5.14 -10.13
C VAL A 104 14.57 5.01 -10.57
N ASN A 105 14.78 4.69 -11.85
CA ASN A 105 16.10 4.70 -12.48
C ASN A 105 16.64 6.13 -12.57
N LYS A 106 17.70 6.43 -11.82
CA LYS A 106 18.50 7.66 -11.94
C LYS A 106 19.98 7.33 -12.25
N VAL A 107 20.26 6.09 -12.67
CA VAL A 107 21.59 5.58 -13.03
C VAL A 107 21.82 5.65 -14.54
N ASN A 108 21.00 4.93 -15.31
CA ASN A 108 21.12 4.73 -16.75
C ASN A 108 19.71 4.50 -17.34
N SER A 109 19.11 5.54 -17.91
CA SER A 109 17.78 5.54 -18.54
C SER A 109 17.62 4.45 -19.60
N THR A 110 17.01 3.32 -19.20
CA THR A 110 16.85 2.09 -20.00
C THR A 110 15.53 1.40 -19.66
N ALA A 111 15.30 1.11 -18.36
CA ALA A 111 14.17 0.35 -17.81
C ALA A 111 14.03 -1.09 -18.35
N GLY A 112 13.32 -1.96 -17.61
CA GLY A 112 13.21 -3.41 -17.89
C GLY A 112 14.48 -4.23 -17.65
N SER A 113 15.67 -3.66 -17.95
CA SER A 113 17.01 -4.18 -17.62
C SER A 113 17.33 -4.26 -16.11
N TYR A 114 16.38 -3.91 -15.24
CA TYR A 114 16.51 -3.79 -13.78
C TYR A 114 15.30 -4.45 -13.10
N GLU A 115 15.56 -5.43 -12.23
CA GLU A 115 14.55 -6.18 -11.46
C GLU A 115 14.95 -6.24 -9.99
N MET A 116 13.99 -5.90 -9.13
CA MET A 116 14.11 -5.94 -7.68
C MET A 116 13.12 -6.96 -7.09
N THR A 117 13.57 -7.66 -6.06
CA THR A 117 12.76 -8.59 -5.27
C THR A 117 12.92 -8.23 -3.80
N ILE A 118 11.81 -7.82 -3.18
CA ILE A 118 11.76 -7.52 -1.74
C ILE A 118 11.21 -8.77 -1.04
N THR A 119 11.98 -9.30 -0.10
CA THR A 119 11.70 -10.52 0.66
C THR A 119 11.52 -10.17 2.15
N PRO A 120 10.29 -9.81 2.57
CA PRO A 120 9.97 -9.52 3.97
C PRO A 120 10.02 -10.77 4.86
N TYR A 121 10.08 -10.57 6.18
CA TYR A 121 10.09 -11.59 7.23
C TYR A 121 9.06 -12.71 7.01
N GLN A 122 9.47 -13.84 6.40
CA GLN A 122 8.61 -15.00 6.05
C GLN A 122 7.19 -14.64 5.56
N VAL A 123 7.11 -13.68 4.64
CA VAL A 123 5.88 -13.13 4.06
C VAL A 123 5.94 -13.22 2.53
N ASP A 124 4.78 -13.26 1.88
CA ASP A 124 4.63 -13.35 0.43
C ASP A 124 5.39 -12.23 -0.32
N LYS A 125 6.63 -12.52 -0.69
CA LYS A 125 7.55 -11.61 -1.40
C LYS A 125 6.94 -11.13 -2.72
N VAL A 126 7.46 -10.03 -3.24
CA VAL A 126 7.00 -9.48 -4.52
C VAL A 126 8.16 -9.00 -5.37
N ALA A 127 8.00 -9.16 -6.69
CA ALA A 127 8.94 -8.69 -7.69
C ALA A 127 8.42 -7.34 -8.24
N CYS A 128 9.36 -6.42 -8.44
CA CYS A 128 9.11 -5.07 -8.96
C CYS A 128 10.19 -4.78 -10.00
N LYS A 129 9.77 -4.43 -11.22
CA LYS A 129 10.65 -4.16 -12.36
C LYS A 129 10.44 -2.72 -12.81
N ASP A 130 11.54 -2.09 -13.20
CA ASP A 130 11.59 -0.67 -13.55
C ASP A 130 10.60 -0.35 -14.69
N GLY A 131 9.48 0.31 -14.36
CA GLY A 131 8.37 0.56 -15.29
C GLY A 131 7.05 -0.11 -14.87
N ASP A 132 6.51 0.27 -13.72
CA ASP A 132 5.33 -0.32 -13.07
C ASP A 132 4.44 0.75 -12.41
N ASP A 133 3.14 0.49 -12.21
CA ASP A 133 2.22 1.41 -11.52
C ASP A 133 2.16 1.14 -10.00
N PHE A 134 3.34 1.14 -9.37
CA PHE A 134 3.60 0.67 -8.00
C PHE A 134 3.26 -0.84 -7.82
N VAL A 135 3.65 -1.41 -6.68
CA VAL A 135 3.37 -2.80 -6.30
C VAL A 135 2.90 -2.86 -4.85
N GLN A 136 1.73 -3.47 -4.61
CA GLN A 136 1.25 -3.75 -3.24
C GLN A 136 2.15 -4.82 -2.59
N LEU A 137 2.66 -4.51 -1.40
CA LEU A 137 3.39 -5.43 -0.51
C LEU A 137 2.58 -5.57 0.79
N PRO A 138 1.74 -6.63 0.90
CA PRO A 138 0.97 -6.89 2.11
C PRO A 138 1.81 -7.54 3.22
N ILE A 139 1.46 -7.23 4.47
CA ILE A 139 2.20 -7.64 5.68
C ILE A 139 1.18 -8.13 6.74
N PRO A 140 1.40 -9.30 7.38
CA PRO A 140 0.51 -9.89 8.39
C PRO A 140 0.58 -9.14 9.73
N LYS A 141 -0.34 -9.45 10.65
CA LYS A 141 -0.35 -8.81 11.98
C LYS A 141 0.86 -9.23 12.83
N LEU A 142 1.29 -8.32 13.68
CA LEU A 142 2.36 -8.47 14.66
C LEU A 142 2.14 -7.48 15.82
N THR A 143 2.82 -7.70 16.95
CA THR A 143 2.67 -6.89 18.17
C THR A 143 4.04 -6.48 18.71
N PRO A 144 4.27 -5.19 19.04
CA PRO A 144 3.33 -4.08 18.87
C PRO A 144 3.04 -3.79 17.39
N PRO A 145 1.87 -3.22 17.04
CA PRO A 145 1.54 -2.94 15.65
C PRO A 145 2.43 -1.85 15.02
N ASP A 146 3.13 -1.05 15.85
CA ASP A 146 4.19 -0.13 15.46
C ASP A 146 5.62 -0.72 15.53
N SER A 147 5.78 -2.04 15.68
CA SER A 147 7.12 -2.67 15.63
C SER A 147 7.76 -2.58 14.25
N GLU A 148 9.10 -2.56 14.23
CA GLU A 148 9.88 -2.63 12.99
C GLU A 148 9.99 -4.07 12.46
N ILE A 149 9.38 -4.35 11.31
CA ILE A 149 9.53 -5.64 10.62
C ILE A 149 10.78 -5.61 9.72
N VAL A 150 11.72 -6.53 9.98
CA VAL A 150 12.89 -6.72 9.11
C VAL A 150 12.47 -7.24 7.73
N SER A 151 13.10 -6.72 6.68
CA SER A 151 12.91 -7.16 5.30
C SER A 151 14.25 -7.11 4.56
N HIS A 152 14.41 -7.98 3.58
CA HIS A 152 15.62 -8.07 2.76
C HIS A 152 15.32 -7.62 1.33
N LEU A 153 16.28 -6.98 0.69
CA LEU A 153 16.10 -6.39 -0.65
C LEU A 153 17.28 -6.76 -1.52
N THR A 154 16.98 -7.45 -2.63
CA THR A 154 17.99 -7.93 -3.57
C THR A 154 17.54 -7.61 -4.99
N VAL A 155 18.40 -6.90 -5.73
CA VAL A 155 18.11 -6.38 -7.06
C VAL A 155 19.37 -6.42 -7.92
N ARG A 156 19.20 -6.89 -9.15
CA ARG A 156 20.26 -7.10 -10.13
C ARG A 156 19.82 -6.69 -11.52
N GLN A 157 20.78 -6.49 -12.41
CA GLN A 157 20.50 -6.29 -13.83
C GLN A 157 19.92 -7.57 -14.44
N THR A 158 18.78 -7.48 -15.13
CA THR A 158 18.13 -8.64 -15.81
C THR A 158 18.86 -9.08 -17.08
N HIS A 159 19.88 -8.32 -17.48
CA HIS A 159 20.73 -8.52 -18.65
C HIS A 159 22.19 -8.62 -18.19
N THR A 160 22.97 -9.50 -18.80
CA THR A 160 24.38 -9.73 -18.42
C THR A 160 25.25 -8.48 -18.68
N PRO A 161 26.21 -8.12 -17.81
CA PRO A 161 26.50 -8.73 -16.51
C PRO A 161 25.39 -8.45 -15.49
N TYR A 162 24.94 -9.49 -14.80
CA TYR A 162 23.86 -9.44 -13.79
C TYR A 162 24.34 -8.81 -12.46
N ASP A 163 25.12 -7.73 -12.55
CA ASP A 163 25.64 -6.97 -11.41
C ASP A 163 24.50 -6.64 -10.43
N TYR A 164 24.69 -7.00 -9.16
CA TYR A 164 23.76 -6.69 -8.07
C TYR A 164 23.76 -5.18 -7.79
N VAL A 165 22.99 -4.44 -8.59
CA VAL A 165 22.79 -2.98 -8.50
C VAL A 165 22.53 -2.51 -7.06
N VAL A 166 21.78 -3.29 -6.28
CA VAL A 166 21.67 -3.15 -4.82
C VAL A 166 21.45 -4.53 -4.18
N ASN A 167 22.15 -4.80 -3.08
CA ASN A 167 21.94 -5.97 -2.23
C ASN A 167 22.13 -5.53 -0.76
N GLY A 168 21.06 -5.61 0.02
CA GLY A 168 21.02 -5.09 1.39
C GLY A 168 19.72 -5.44 2.13
N SER A 169 19.44 -4.73 3.21
CA SER A 169 18.25 -4.91 4.06
C SER A 169 17.61 -3.56 4.40
N VAL A 170 16.31 -3.59 4.67
CA VAL A 170 15.46 -2.42 4.94
C VAL A 170 14.32 -2.83 5.88
N TYR A 171 13.91 -1.96 6.80
CA TYR A 171 12.95 -2.29 7.85
C TYR A 171 11.68 -1.46 7.64
N PHE A 172 10.56 -2.10 7.35
CA PHE A 172 9.29 -1.39 7.29
C PHE A 172 8.70 -1.22 8.70
N LYS A 173 7.90 -0.16 8.89
CA LYS A 173 7.05 0.04 10.07
C LYS A 173 5.72 0.64 9.63
N TYR A 174 4.68 0.42 10.41
CA TYR A 174 3.33 0.94 10.17
C TYR A 174 2.85 1.65 11.43
N SER A 175 2.40 2.90 11.32
CA SER A 175 1.85 3.66 12.44
C SER A 175 0.36 3.35 12.59
N PRO A 176 -0.04 2.57 13.61
CA PRO A 176 -1.42 2.12 13.79
C PRO A 176 -2.38 3.26 14.16
N THR A 177 -1.83 4.39 14.62
CA THR A 177 -2.54 5.63 14.96
C THR A 177 -3.37 6.18 13.79
N THR A 178 -2.85 6.11 12.55
CA THR A 178 -3.49 6.64 11.33
C THR A 178 -3.17 5.80 10.08
N GLY A 179 -2.83 4.53 10.28
CA GLY A 179 -2.42 3.57 9.25
C GLY A 179 -1.28 4.03 8.32
N GLN A 180 -0.37 4.87 8.82
CA GLN A 180 0.79 5.33 8.04
C GLN A 180 1.80 4.20 7.84
N VAL A 181 2.72 4.41 6.91
CA VAL A 181 3.94 3.63 6.76
C VAL A 181 5.14 4.54 6.99
N THR A 182 6.10 4.04 7.76
CA THR A 182 7.34 4.70 8.11
C THR A 182 8.42 3.67 7.90
N VAL A 183 9.22 3.81 6.85
CA VAL A 183 10.35 2.92 6.64
C VAL A 183 11.56 3.40 7.44
N ILE A 184 12.41 2.46 7.82
CA ILE A 184 13.67 2.69 8.51
C ILE A 184 14.76 1.93 7.74
N LYS A 185 15.88 2.62 7.56
CA LYS A 185 17.09 2.12 6.90
C LYS A 185 18.28 2.65 7.70
N LYS A 186 19.30 1.81 7.88
CA LYS A 186 20.52 2.09 8.64
C LYS A 186 21.71 1.84 7.73
N ASP A 187 22.78 2.61 7.88
CA ASP A 187 23.96 2.51 7.02
C ASP A 187 24.67 1.13 7.13
N GLU A 188 24.33 0.34 8.16
CA GLU A 188 24.75 -1.06 8.33
C GLU A 188 24.03 -2.08 7.41
N THR A 189 22.89 -1.70 6.81
CA THR A 189 22.03 -2.58 5.98
C THR A 189 21.67 -1.95 4.64
N PHE A 190 21.52 -0.63 4.58
CA PHE A 190 21.31 0.14 3.36
C PHE A 190 22.63 0.30 2.58
N PRO A 191 22.59 0.34 1.23
CA PRO A 191 23.79 0.43 0.39
C PRO A 191 24.33 1.87 0.23
N LYS A 192 23.59 2.88 0.72
CA LYS A 192 23.84 4.34 0.60
C LYS A 192 23.78 4.92 -0.83
N ASN A 193 24.00 4.11 -1.88
CA ASN A 193 23.81 4.51 -3.29
C ASN A 193 22.34 4.76 -3.68
N MET A 194 21.42 4.25 -2.86
CA MET A 194 19.97 4.37 -2.99
C MET A 194 19.46 5.41 -1.99
N THR A 195 18.34 6.07 -2.32
CA THR A 195 17.66 7.06 -1.48
C THR A 195 16.17 6.76 -1.42
N VAL A 196 15.51 7.30 -0.40
CA VAL A 196 14.10 7.01 -0.08
C VAL A 196 13.30 8.30 -0.09
N THR A 197 12.18 8.26 -0.81
CA THR A 197 11.26 9.37 -0.95
C THR A 197 9.84 8.85 -0.75
N GLN A 198 9.11 9.50 0.16
CA GLN A 198 7.69 9.25 0.41
C GLN A 198 6.83 10.15 -0.49
N ASP A 199 5.71 9.62 -1.00
CA ASP A 199 4.68 10.39 -1.73
C ASP A 199 3.33 10.36 -1.00
N ASP A 200 2.98 9.23 -0.38
CA ASP A 200 1.68 9.01 0.28
C ASP A 200 1.86 8.48 1.72
N ASN A 201 0.75 8.27 2.43
CA ASN A 201 0.72 7.60 3.73
C ASN A 201 1.41 6.23 3.70
N THR A 202 1.19 5.49 2.61
CA THR A 202 1.57 4.09 2.43
C THR A 202 2.17 3.84 1.05
N SER A 203 2.90 4.82 0.50
CA SER A 203 3.60 4.71 -0.79
C SER A 203 5.06 5.13 -0.68
N PHE A 204 5.93 4.15 -0.95
CA PHE A 204 7.37 4.24 -0.95
C PHE A 204 7.89 4.37 -2.39
N ILE A 205 8.85 5.27 -2.62
CA ILE A 205 9.56 5.42 -3.89
C ILE A 205 11.08 5.24 -3.65
N PHE A 206 11.64 4.16 -4.20
CA PHE A 206 13.08 3.90 -4.27
C PHE A 206 13.71 4.72 -5.39
N ASN A 207 14.66 5.57 -5.05
CA ASN A 207 15.49 6.33 -5.99
C ASN A 207 16.89 5.72 -6.01
N LEU A 208 17.47 5.49 -7.18
CA LEU A 208 18.83 4.93 -7.31
C LEU A 208 19.71 5.80 -8.21
N ASN A 209 20.71 6.44 -7.62
CA ASN A 209 21.60 7.39 -8.29
C ASN A 209 22.93 6.77 -8.77
N SER A 210 23.41 5.69 -8.14
CA SER A 210 24.71 5.05 -8.44
C SER A 210 24.53 3.56 -8.75
N GLU A 211 25.13 3.07 -9.84
CA GLU A 211 24.86 1.74 -10.39
C GLU A 211 25.17 0.59 -9.42
N LYS A 212 26.36 0.61 -8.81
CA LYS A 212 26.86 -0.33 -7.80
C LYS A 212 25.87 -0.56 -6.64
N SER A 1 -25.45 -13.26 -0.18
CA SER A 1 -24.43 -12.56 0.63
C SER A 1 -23.05 -12.59 -0.05
N VAL A 2 -22.26 -11.54 0.16
CA VAL A 2 -20.89 -11.45 -0.38
C VAL A 2 -20.04 -12.64 0.08
N ASP A 3 -19.10 -13.06 -0.76
CA ASP A 3 -18.12 -14.10 -0.40
C ASP A 3 -17.30 -13.67 0.83
N ALA A 4 -16.94 -14.61 1.71
CA ALA A 4 -16.07 -14.32 2.85
C ALA A 4 -14.68 -13.78 2.44
N ASN A 5 -14.29 -13.97 1.16
CA ASN A 5 -13.05 -13.50 0.55
C ASN A 5 -13.26 -12.34 -0.45
N LYS A 6 -14.43 -11.70 -0.49
CA LYS A 6 -14.77 -10.59 -1.41
C LYS A 6 -15.53 -9.49 -0.66
N VAL A 7 -15.74 -8.35 -1.31
CA VAL A 7 -16.46 -7.19 -0.74
C VAL A 7 -17.32 -6.51 -1.82
N LYS A 8 -18.43 -5.87 -1.42
CA LYS A 8 -19.34 -5.15 -2.32
C LYS A 8 -19.64 -3.74 -1.78
N PHE A 9 -19.92 -2.83 -2.71
CA PHE A 9 -20.19 -1.42 -2.47
C PHE A 9 -21.43 -1.02 -3.29
N PHE A 10 -22.36 -0.30 -2.66
CA PHE A 10 -23.61 0.17 -3.24
C PHE A 10 -23.69 1.70 -3.14
N PHE A 11 -23.96 2.36 -4.26
CA PHE A 11 -23.99 3.81 -4.41
C PHE A 11 -25.36 4.38 -3.96
N GLY A 12 -25.71 4.16 -2.70
CA GLY A 12 -26.92 4.69 -2.07
C GLY A 12 -27.15 4.10 -0.68
N LYS A 13 -27.65 4.91 0.27
CA LYS A 13 -27.95 4.44 1.63
C LYS A 13 -28.96 3.29 1.58
N ASN A 14 -28.69 2.19 2.30
CA ASN A 14 -29.55 1.01 2.41
C ASN A 14 -29.51 0.09 1.16
N CYS A 15 -28.30 -0.13 0.62
CA CYS A 15 -27.98 -0.90 -0.60
C CYS A 15 -28.82 -0.55 -1.85
N THR A 16 -28.76 0.72 -2.26
CA THR A 16 -29.57 1.33 -3.35
C THR A 16 -28.72 2.07 -4.39
N GLY A 17 -29.37 2.63 -5.42
CA GLY A 17 -28.79 3.49 -6.47
C GLY A 17 -28.02 2.71 -7.53
N GLU A 18 -26.82 2.24 -7.20
CA GLU A 18 -25.98 1.38 -8.05
C GLU A 18 -25.33 0.29 -7.19
N SER A 19 -24.69 -0.70 -7.83
CA SER A 19 -23.94 -1.78 -7.17
C SER A 19 -22.62 -2.06 -7.88
N PHE A 20 -21.60 -2.38 -7.09
CA PHE A 20 -20.22 -2.59 -7.52
C PHE A 20 -19.58 -3.72 -6.72
N GLU A 21 -18.57 -4.34 -7.32
CA GLU A 21 -17.93 -5.57 -6.82
C GLU A 21 -16.42 -5.33 -6.68
N TYR A 22 -15.86 -5.77 -5.56
CA TYR A 22 -14.46 -5.55 -5.21
C TYR A 22 -13.77 -6.87 -4.85
N ASN A 23 -12.60 -7.08 -5.46
CA ASN A 23 -11.77 -8.27 -5.26
C ASN A 23 -10.76 -8.01 -4.13
N LYS A 24 -10.44 -9.02 -3.33
CA LYS A 24 -9.36 -8.92 -2.32
C LYS A 24 -8.03 -8.43 -2.93
N GLY A 25 -7.26 -7.64 -2.17
CA GLY A 25 -5.95 -7.14 -2.60
C GLY A 25 -6.02 -6.19 -3.81
N GLU A 26 -6.92 -5.20 -3.76
CA GLU A 26 -7.09 -4.16 -4.79
C GLU A 26 -7.05 -2.78 -4.14
N THR A 27 -6.16 -1.91 -4.64
CA THR A 27 -6.12 -0.49 -4.29
C THR A 27 -6.60 0.31 -5.50
N VAL A 28 -7.59 1.18 -5.26
CA VAL A 28 -8.17 2.09 -6.26
C VAL A 28 -8.29 3.50 -5.67
N ARG A 29 -8.11 4.51 -6.53
CA ARG A 29 -8.19 5.93 -6.17
C ARG A 29 -9.18 6.63 -7.10
N PHE A 30 -9.90 7.59 -6.54
CA PHE A 30 -10.82 8.48 -7.24
C PHE A 30 -10.61 9.92 -6.78
N ASN A 31 -10.78 10.90 -7.67
CA ASN A 31 -10.74 12.34 -7.34
C ASN A 31 -11.40 13.15 -8.48
N ASN A 32 -12.17 14.20 -8.13
CA ASN A 32 -12.84 15.08 -9.10
C ASN A 32 -13.37 16.40 -8.48
N GLY A 33 -12.72 16.91 -7.42
CA GLY A 33 -13.14 18.12 -6.71
C GLY A 33 -14.07 17.85 -5.51
N ASP A 34 -13.71 16.85 -4.70
CA ASP A 34 -14.40 16.49 -3.44
C ASP A 34 -15.92 16.21 -3.52
N LYS A 35 -16.31 15.27 -4.41
CA LYS A 35 -17.73 15.00 -4.77
C LYS A 35 -17.99 13.62 -5.40
N TRP A 36 -17.28 13.22 -6.46
CA TRP A 36 -17.39 11.88 -7.09
C TRP A 36 -16.52 10.80 -6.41
N ASN A 37 -15.55 11.22 -5.61
CA ASN A 37 -14.71 10.34 -4.78
C ASN A 37 -15.46 9.86 -3.55
N ASP A 38 -16.15 10.78 -2.87
CA ASP A 38 -17.05 10.52 -1.75
C ASP A 38 -18.39 9.85 -2.18
N LYS A 39 -18.36 8.98 -3.20
CA LYS A 39 -19.53 8.21 -3.64
C LYS A 39 -19.97 7.11 -2.67
N PHE A 40 -19.09 6.75 -1.72
CA PHE A 40 -19.35 5.77 -0.68
C PHE A 40 -20.58 6.16 0.16
N MET A 41 -21.44 5.17 0.41
CA MET A 41 -22.72 5.30 1.10
C MET A 41 -23.11 4.03 1.86
N SER A 42 -23.24 2.88 1.18
CA SER A 42 -23.65 1.59 1.77
C SER A 42 -22.75 0.47 1.23
N CYS A 43 -21.96 -0.19 2.09
CA CYS A 43 -20.96 -1.18 1.70
C CYS A 43 -20.93 -2.35 2.70
N LEU A 44 -20.64 -3.54 2.20
CA LEU A 44 -20.78 -4.81 2.92
C LEU A 44 -19.48 -5.59 2.81
N VAL A 45 -18.97 -6.02 3.98
CA VAL A 45 -17.67 -6.68 4.14
C VAL A 45 -17.85 -8.09 4.70
N GLY A 46 -17.40 -9.09 3.94
CA GLY A 46 -17.74 -10.52 4.10
C GLY A 46 -17.54 -11.11 5.50
N SER A 47 -16.33 -11.60 5.80
CA SER A 47 -15.93 -12.14 7.12
C SER A 47 -14.43 -12.43 7.27
N ASN A 48 -13.70 -12.61 6.16
CA ASN A 48 -12.26 -12.90 6.11
C ASN A 48 -11.51 -11.85 5.26
N VAL A 49 -12.05 -10.64 5.19
CA VAL A 49 -11.60 -9.51 4.35
C VAL A 49 -11.73 -8.22 5.13
N ARG A 50 -10.79 -7.30 4.98
CA ARG A 50 -10.83 -5.98 5.64
C ARG A 50 -10.94 -4.90 4.57
N CYS A 51 -11.52 -3.75 4.90
CA CYS A 51 -11.54 -2.60 4.00
C CYS A 51 -11.05 -1.36 4.73
N ASN A 52 -10.08 -0.67 4.13
CA ASN A 52 -9.46 0.52 4.71
C ASN A 52 -9.85 1.72 3.86
N ILE A 53 -10.40 2.75 4.52
CA ILE A 53 -10.95 3.94 3.87
C ILE A 53 -10.15 5.17 4.32
N TRP A 54 -9.29 5.65 3.42
CA TRP A 54 -8.39 6.79 3.65
C TRP A 54 -8.85 7.96 2.79
N GLU A 55 -9.14 9.10 3.43
CA GLU A 55 -9.62 10.31 2.77
C GLU A 55 -8.64 10.79 1.70
N HIS A 56 -7.41 11.05 2.14
CA HIS A 56 -6.33 11.55 1.31
C HIS A 56 -5.01 10.98 1.81
N ASN A 57 -4.01 10.97 0.93
CA ASN A 57 -2.67 10.53 1.26
C ASN A 57 -1.88 11.72 1.82
N GLU A 58 -1.33 11.55 3.02
CA GLU A 58 -0.72 12.60 3.85
C GLU A 58 0.23 12.02 4.92
N ILE A 59 0.99 12.85 5.66
CA ILE A 59 2.08 12.40 6.53
C ILE A 59 1.94 12.84 8.01
N ASP A 60 0.69 12.89 8.50
CA ASP A 60 0.27 13.47 9.80
C ASP A 60 0.57 14.96 9.88
N THR A 61 0.12 15.65 8.83
CA THR A 61 0.13 17.10 8.66
C THR A 61 -0.79 17.77 9.69
N PRO A 62 -0.70 19.11 9.89
CA PRO A 62 -1.58 19.85 10.80
C PRO A 62 -3.04 20.03 10.28
N THR A 63 -3.49 19.20 9.33
CA THR A 63 -4.86 19.18 8.78
C THR A 63 -5.29 17.75 8.36
N PRO A 64 -5.40 16.79 9.31
CA PRO A 64 -5.89 15.45 8.98
C PRO A 64 -7.35 15.50 8.54
N GLY A 65 -7.70 14.70 7.53
CA GLY A 65 -9.02 14.69 6.89
C GLY A 65 -9.96 13.72 7.61
N LYS A 66 -10.01 12.48 7.11
CA LYS A 66 -10.75 11.36 7.71
C LYS A 66 -10.02 10.03 7.49
N PHE A 67 -10.26 9.08 8.38
CA PHE A 67 -9.68 7.73 8.33
C PHE A 67 -10.63 6.77 9.06
N GLN A 68 -10.85 5.59 8.51
CA GLN A 68 -11.61 4.52 9.18
C GLN A 68 -11.23 3.14 8.63
N GLU A 69 -11.61 2.11 9.37
CA GLU A 69 -11.27 0.71 9.07
C GLU A 69 -12.53 -0.13 9.22
N LEU A 70 -13.10 -0.52 8.07
CA LEU A 70 -14.25 -1.41 8.01
C LEU A 70 -13.86 -2.81 8.48
N ALA A 71 -14.46 -3.20 9.60
CA ALA A 71 -14.25 -4.45 10.31
C ALA A 71 -14.29 -5.68 9.39
N GLN A 72 -13.57 -6.75 9.78
CA GLN A 72 -13.37 -7.95 8.96
C GLN A 72 -14.66 -8.65 8.48
N GLY A 73 -15.78 -8.43 9.17
CA GLY A 73 -17.08 -9.05 8.89
C GLY A 73 -18.24 -8.23 9.44
N SER A 74 -18.75 -7.28 8.66
CA SER A 74 -19.86 -6.40 9.02
C SER A 74 -20.51 -5.74 7.79
N THR A 75 -21.64 -5.06 8.01
CA THR A 75 -22.35 -4.28 6.98
C THR A 75 -22.52 -2.84 7.48
N ASN A 76 -22.33 -1.89 6.57
CA ASN A 76 -22.31 -0.47 6.85
C ASN A 76 -23.25 0.22 5.86
N ASN A 77 -24.30 0.89 6.34
CA ASN A 77 -25.31 1.51 5.47
C ASN A 77 -25.21 3.04 5.45
N ASP A 78 -24.57 3.67 6.45
CA ASP A 78 -24.47 5.12 6.60
C ASP A 78 -23.00 5.58 6.64
N LEU A 79 -22.21 5.11 5.66
CA LEU A 79 -20.81 5.52 5.49
C LEU A 79 -20.66 7.03 5.19
N THR A 80 -21.74 7.69 4.78
CA THR A 80 -21.83 9.16 4.68
C THR A 80 -21.48 9.92 5.98
N SER A 81 -21.45 9.26 7.15
CA SER A 81 -20.83 9.82 8.36
C SER A 81 -19.36 10.23 8.16
N ILE A 82 -18.62 9.56 7.27
CA ILE A 82 -17.24 9.95 6.93
C ILE A 82 -17.18 11.14 5.96
N ASN A 83 -18.08 11.21 4.97
CA ASN A 83 -18.08 12.18 3.85
C ASN A 83 -16.66 12.60 3.37
N GLY A 84 -15.79 11.61 3.25
CA GLY A 84 -14.34 11.79 3.32
C GLY A 84 -13.59 10.52 2.98
N LEU A 85 -13.77 10.05 1.75
CA LEU A 85 -13.07 8.90 1.18
C LEU A 85 -12.69 9.17 -0.28
N SER A 86 -11.41 9.06 -0.63
CA SER A 86 -10.91 9.15 -2.02
C SER A 86 -9.94 8.03 -2.41
N LYS A 87 -9.40 7.28 -1.44
CA LYS A 87 -8.42 6.20 -1.64
C LYS A 87 -8.88 4.95 -0.90
N PHE A 88 -9.28 3.94 -1.68
CA PHE A 88 -9.97 2.76 -1.19
C PHE A 88 -9.02 1.57 -1.28
N GLN A 89 -8.73 0.92 -0.15
CA GLN A 89 -7.83 -0.24 -0.09
C GLN A 89 -8.62 -1.47 0.38
N VAL A 90 -8.77 -2.43 -0.54
CA VAL A 90 -9.44 -3.71 -0.33
C VAL A 90 -8.40 -4.76 0.02
N LEU A 91 -8.64 -5.53 1.09
CA LEU A 91 -7.60 -6.29 1.78
C LEU A 91 -8.07 -7.74 2.02
N PRO A 92 -7.22 -8.76 1.80
CA PRO A 92 -7.59 -10.18 2.01
C PRO A 92 -7.72 -10.60 3.47
N GLY A 93 -7.80 -9.65 4.41
CA GLY A 93 -8.03 -9.85 5.85
C GLY A 93 -6.85 -10.43 6.62
N ALA A 94 -6.08 -11.33 6.01
CA ALA A 94 -4.78 -11.82 6.46
C ALA A 94 -3.68 -10.73 6.40
N PHE A 95 -3.85 -9.75 5.50
CA PHE A 95 -3.20 -8.44 5.56
C PHE A 95 -3.38 -7.80 6.94
N GLN A 96 -2.44 -6.94 7.32
CA GLN A 96 -2.59 -6.05 8.47
C GLN A 96 -2.20 -4.60 8.12
N TRP A 97 -1.20 -4.43 7.24
CA TRP A 97 -0.78 -3.15 6.65
C TRP A 97 -0.17 -3.39 5.27
N ALA A 98 0.01 -2.33 4.49
CA ALA A 98 0.78 -2.38 3.24
C ALA A 98 1.72 -1.19 3.14
N VAL A 99 2.65 -1.31 2.20
CA VAL A 99 3.60 -0.27 1.85
C VAL A 99 3.68 -0.15 0.34
N ASP A 100 3.37 1.04 -0.18
CA ASP A 100 3.61 1.39 -1.57
C ASP A 100 5.12 1.61 -1.76
N VAL A 101 5.73 0.82 -2.65
CA VAL A 101 7.13 0.96 -3.07
C VAL A 101 7.18 1.32 -4.55
N LYS A 102 8.16 2.14 -4.92
CA LYS A 102 8.36 2.69 -6.28
C LYS A 102 9.85 2.79 -6.55
N ILE A 103 10.25 2.70 -7.82
CA ILE A 103 11.66 2.64 -8.23
C ILE A 103 11.97 3.79 -9.19
N VAL A 104 12.97 4.58 -8.85
CA VAL A 104 13.41 5.78 -9.57
C VAL A 104 14.89 5.67 -9.92
N ASN A 105 15.16 5.63 -11.23
CA ASN A 105 16.49 5.60 -11.83
C ASN A 105 17.08 7.02 -11.94
N LYS A 106 18.22 7.27 -11.31
CA LYS A 106 19.00 8.54 -11.36
C LYS A 106 20.50 8.26 -11.63
N VAL A 107 20.80 7.15 -12.31
CA VAL A 107 22.15 6.70 -12.69
C VAL A 107 22.27 6.50 -14.21
N ASN A 108 21.41 5.66 -14.78
CA ASN A 108 21.41 5.29 -16.20
C ASN A 108 20.07 5.69 -16.84
N SER A 109 20.14 6.41 -17.96
CA SER A 109 18.98 6.95 -18.69
C SER A 109 18.35 5.90 -19.62
N THR A 110 17.95 4.76 -19.03
CA THR A 110 17.42 3.58 -19.74
C THR A 110 16.15 3.06 -19.09
N ALA A 111 16.26 2.54 -17.85
CA ALA A 111 15.18 1.85 -17.12
C ALA A 111 14.54 0.64 -17.85
N GLY A 112 13.71 -0.13 -17.14
CA GLY A 112 13.03 -1.34 -17.65
C GLY A 112 13.83 -2.64 -17.55
N SER A 113 15.14 -2.55 -17.27
CA SER A 113 16.07 -3.69 -17.16
C SER A 113 16.56 -3.97 -15.74
N TYR A 114 16.56 -2.97 -14.86
CA TYR A 114 16.71 -3.16 -13.42
C TYR A 114 15.42 -3.77 -12.88
N GLU A 115 15.52 -4.79 -12.03
CA GLU A 115 14.40 -5.38 -11.31
C GLU A 115 14.74 -5.52 -9.84
N MET A 116 13.75 -5.20 -9.02
CA MET A 116 13.79 -5.10 -7.57
C MET A 116 12.75 -6.07 -7.00
N THR A 117 13.17 -6.75 -5.95
CA THR A 117 12.35 -7.72 -5.23
C THR A 117 12.57 -7.48 -3.75
N ILE A 118 11.47 -7.47 -2.99
CA ILE A 118 11.46 -7.15 -1.57
C ILE A 118 10.67 -8.26 -0.85
N THR A 119 11.30 -8.89 0.13
CA THR A 119 10.82 -10.14 0.78
C THR A 119 10.64 -9.91 2.28
N PRO A 120 9.43 -9.50 2.73
CA PRO A 120 9.16 -9.11 4.12
C PRO A 120 9.10 -10.30 5.08
N TYR A 121 10.27 -10.77 5.54
CA TYR A 121 10.42 -11.92 6.45
C TYR A 121 9.74 -13.19 5.92
N GLN A 122 10.16 -13.63 4.72
CA GLN A 122 9.66 -14.83 4.02
C GLN A 122 8.13 -14.85 3.85
N VAL A 123 7.60 -13.73 3.33
CA VAL A 123 6.19 -13.47 3.00
C VAL A 123 6.04 -13.27 1.48
N ASP A 124 4.80 -13.23 0.98
CA ASP A 124 4.37 -12.93 -0.39
C ASP A 124 5.10 -11.74 -1.05
N LYS A 125 6.31 -11.99 -1.55
CA LYS A 125 7.16 -11.01 -2.25
C LYS A 125 6.54 -10.65 -3.60
N VAL A 126 6.96 -9.50 -4.12
CA VAL A 126 6.53 -8.98 -5.42
C VAL A 126 7.75 -8.49 -6.21
N ALA A 127 7.67 -8.55 -7.54
CA ALA A 127 8.71 -8.11 -8.44
C ALA A 127 8.29 -6.79 -9.12
N CYS A 128 9.19 -5.81 -9.12
CA CYS A 128 8.98 -4.49 -9.70
C CYS A 128 10.22 -4.02 -10.46
N LYS A 129 10.03 -3.21 -11.48
CA LYS A 129 11.06 -2.81 -12.44
C LYS A 129 10.87 -1.37 -12.90
N ASP A 130 11.97 -0.64 -12.97
CA ASP A 130 12.06 0.79 -13.26
C ASP A 130 11.16 1.20 -14.45
N GLY A 131 9.97 1.76 -14.19
CA GLY A 131 8.94 1.99 -15.20
C GLY A 131 7.63 1.22 -14.95
N ASP A 132 7.16 1.20 -13.71
CA ASP A 132 5.86 0.64 -13.30
C ASP A 132 5.11 1.57 -12.31
N ASP A 133 3.82 1.33 -12.10
CA ASP A 133 3.02 2.04 -11.10
C ASP A 133 3.45 1.65 -9.67
N PHE A 134 3.03 2.41 -8.64
CA PHE A 134 3.33 2.11 -7.24
C PHE A 134 2.91 0.68 -6.86
N VAL A 135 3.80 -0.06 -6.22
CA VAL A 135 3.61 -1.48 -5.86
C VAL A 135 3.20 -1.61 -4.41
N GLN A 136 1.99 -2.12 -4.19
CA GLN A 136 1.39 -2.34 -2.88
C GLN A 136 1.84 -3.70 -2.33
N LEU A 137 2.82 -3.72 -1.43
CA LEU A 137 3.28 -4.93 -0.74
C LEU A 137 2.36 -5.22 0.47
N PRO A 138 1.57 -6.30 0.48
CA PRO A 138 0.76 -6.68 1.63
C PRO A 138 1.63 -7.32 2.72
N ILE A 139 1.43 -6.90 3.97
CA ILE A 139 2.20 -7.32 5.14
C ILE A 139 1.22 -7.92 6.18
N PRO A 140 1.42 -9.17 6.65
CA PRO A 140 0.54 -9.82 7.61
C PRO A 140 0.73 -9.28 9.04
N LYS A 141 -0.11 -9.72 9.98
CA LYS A 141 -0.04 -9.29 11.40
C LYS A 141 1.30 -9.66 12.03
N LEU A 142 1.87 -8.73 12.81
CA LEU A 142 3.24 -8.77 13.33
C LEU A 142 3.40 -8.02 14.67
N THR A 143 2.39 -8.15 15.53
CA THR A 143 2.22 -7.45 16.83
C THR A 143 3.52 -7.31 17.66
N PRO A 144 3.78 -6.15 18.31
CA PRO A 144 2.95 -4.94 18.33
C PRO A 144 2.89 -4.21 16.97
N PRO A 145 1.89 -3.37 16.70
CA PRO A 145 1.79 -2.66 15.42
C PRO A 145 2.95 -1.67 15.20
N ASP A 146 3.45 -1.06 16.29
CA ASP A 146 4.63 -0.20 16.29
C ASP A 146 5.98 -0.95 16.13
N SER A 147 5.97 -2.29 15.98
CA SER A 147 7.18 -3.08 15.73
C SER A 147 7.83 -2.80 14.36
N GLU A 148 8.97 -3.43 14.12
CA GLU A 148 9.80 -3.25 12.91
C GLU A 148 10.13 -4.62 12.30
N ILE A 149 9.45 -4.96 11.20
CA ILE A 149 9.68 -6.18 10.41
C ILE A 149 10.89 -5.99 9.51
N VAL A 150 11.79 -6.99 9.51
CA VAL A 150 12.89 -7.07 8.55
C VAL A 150 12.37 -7.51 7.18
N SER A 151 12.95 -6.95 6.13
CA SER A 151 12.69 -7.34 4.74
C SER A 151 14.02 -7.39 3.99
N HIS A 152 14.10 -8.21 2.94
CA HIS A 152 15.31 -8.37 2.15
C HIS A 152 15.09 -7.80 0.76
N LEU A 153 15.88 -6.79 0.38
CA LEU A 153 15.85 -6.13 -0.93
C LEU A 153 16.99 -6.67 -1.79
N THR A 154 16.62 -7.14 -2.99
CA THR A 154 17.52 -7.70 -4.00
C THR A 154 17.25 -7.01 -5.33
N VAL A 155 18.31 -6.45 -5.91
CA VAL A 155 18.27 -5.64 -7.15
C VAL A 155 19.29 -6.17 -8.13
N ARG A 156 18.81 -6.62 -9.29
CA ARG A 156 19.60 -7.31 -10.31
C ARG A 156 19.04 -6.98 -11.70
N GLN A 157 19.91 -6.95 -12.71
CA GLN A 157 19.48 -6.77 -14.10
C GLN A 157 18.75 -8.01 -14.62
N THR A 158 17.60 -7.83 -15.28
CA THR A 158 16.78 -8.90 -15.88
C THR A 158 17.38 -9.51 -17.15
N HIS A 159 18.32 -8.79 -17.77
CA HIS A 159 19.06 -9.18 -18.98
C HIS A 159 20.57 -9.16 -18.73
N THR A 160 21.34 -9.70 -19.68
CA THR A 160 22.81 -9.76 -19.62
C THR A 160 23.48 -8.39 -19.35
N PRO A 161 24.61 -8.35 -18.62
CA PRO A 161 25.38 -9.49 -18.09
C PRO A 161 24.77 -10.16 -16.84
N TYR A 162 23.56 -9.74 -16.42
CA TYR A 162 22.82 -10.32 -15.29
C TYR A 162 23.58 -10.16 -13.94
N ASP A 163 24.46 -9.17 -13.84
CA ASP A 163 25.19 -8.86 -12.61
C ASP A 163 24.28 -8.16 -11.59
N TYR A 164 24.45 -8.49 -10.30
CA TYR A 164 23.84 -7.75 -9.19
C TYR A 164 24.25 -6.27 -9.20
N VAL A 165 23.34 -5.40 -8.78
CA VAL A 165 23.55 -3.94 -8.71
C VAL A 165 23.38 -3.42 -7.29
N VAL A 166 22.39 -3.91 -6.54
CA VAL A 166 22.15 -3.51 -5.14
C VAL A 166 21.59 -4.71 -4.35
N ASN A 167 22.06 -4.91 -3.12
CA ASN A 167 21.61 -5.98 -2.22
C ASN A 167 21.73 -5.55 -0.76
N GLY A 168 20.73 -5.87 0.07
CA GLY A 168 20.69 -5.49 1.50
C GLY A 168 19.36 -5.80 2.18
N SER A 169 19.22 -5.33 3.43
CA SER A 169 17.99 -5.49 4.22
C SER A 169 17.33 -4.14 4.52
N VAL A 170 16.02 -4.07 4.30
CA VAL A 170 15.16 -2.89 4.44
C VAL A 170 14.09 -3.20 5.47
N TYR A 171 14.07 -2.47 6.60
CA TYR A 171 13.09 -2.70 7.64
C TYR A 171 11.86 -1.81 7.39
N PHE A 172 10.68 -2.38 7.58
CA PHE A 172 9.41 -1.66 7.52
C PHE A 172 8.79 -1.61 8.91
N LYS A 173 8.10 -0.52 9.19
CA LYS A 173 7.40 -0.23 10.45
C LYS A 173 6.09 0.46 10.11
N TYR A 174 5.09 0.30 10.97
CA TYR A 174 3.77 0.89 10.82
C TYR A 174 3.46 1.77 12.04
N SER A 175 2.65 2.81 11.84
CA SER A 175 2.26 3.75 12.90
C SER A 175 0.76 3.56 13.21
N PRO A 176 0.42 2.93 14.35
CA PRO A 176 -0.95 2.63 14.80
C PRO A 176 -1.72 3.87 15.31
N THR A 177 -1.69 4.94 14.52
CA THR A 177 -2.33 6.23 14.80
C THR A 177 -3.31 6.61 13.69
N THR A 178 -2.88 6.47 12.43
CA THR A 178 -3.65 6.77 11.21
C THR A 178 -3.20 5.87 10.04
N GLY A 179 -2.83 4.63 10.37
CA GLY A 179 -2.34 3.62 9.43
C GLY A 179 -1.10 4.02 8.65
N GLN A 180 -0.19 4.81 9.23
CA GLN A 180 0.99 5.30 8.50
C GLN A 180 2.08 4.22 8.42
N VAL A 181 3.13 4.46 7.65
CA VAL A 181 4.28 3.56 7.49
C VAL A 181 5.58 4.37 7.63
N THR A 182 6.63 3.69 8.07
CA THR A 182 7.98 4.22 8.29
C THR A 182 8.96 3.18 7.78
N VAL A 183 10.04 3.64 7.16
CA VAL A 183 11.11 2.78 6.64
C VAL A 183 12.36 3.02 7.49
N ILE A 184 13.09 1.95 7.76
CA ILE A 184 14.29 1.96 8.60
C ILE A 184 15.36 1.18 7.86
N LYS A 185 16.48 1.86 7.59
CA LYS A 185 17.67 1.28 6.97
C LYS A 185 18.91 1.83 7.66
N LYS A 186 19.91 0.98 7.84
CA LYS A 186 21.20 1.31 8.42
C LYS A 186 22.29 0.89 7.45
N ASP A 187 23.33 1.71 7.32
CA ASP A 187 24.52 1.41 6.49
C ASP A 187 25.22 0.08 6.85
N GLU A 188 24.96 -0.43 8.06
CA GLU A 188 25.43 -1.74 8.55
C GLU A 188 24.82 -2.95 7.82
N THR A 189 23.71 -2.78 7.07
CA THR A 189 22.98 -3.83 6.33
C THR A 189 22.47 -3.38 4.97
N PHE A 190 21.91 -2.17 4.87
CA PHE A 190 21.44 -1.56 3.63
C PHE A 190 22.58 -0.78 2.95
N PRO A 191 22.63 -0.72 1.60
CA PRO A 191 23.63 0.05 0.87
C PRO A 191 23.34 1.56 0.88
N LYS A 192 24.32 2.36 0.43
CA LYS A 192 24.21 3.84 0.27
C LYS A 192 23.82 4.26 -1.17
N ASN A 193 23.42 3.28 -1.99
CA ASN A 193 23.18 3.42 -3.43
C ASN A 193 21.73 3.75 -3.74
N MET A 194 20.83 3.01 -3.08
CA MET A 194 19.41 3.29 -2.99
C MET A 194 19.10 3.97 -1.67
N THR A 195 18.14 4.88 -1.71
CA THR A 195 17.56 5.54 -0.53
C THR A 195 16.05 5.67 -0.73
N VAL A 196 15.31 5.82 0.36
CA VAL A 196 13.84 5.86 0.35
C VAL A 196 13.37 7.19 0.93
N THR A 197 12.41 7.81 0.25
CA THR A 197 11.89 9.13 0.60
C THR A 197 10.38 9.06 0.71
N GLN A 198 9.84 9.51 1.85
CA GLN A 198 8.40 9.62 2.08
C GLN A 198 7.81 10.72 1.19
N ASP A 199 6.65 10.43 0.60
CA ASP A 199 5.91 11.36 -0.25
C ASP A 199 4.42 11.48 0.14
N ASP A 200 3.84 10.44 0.76
CA ASP A 200 2.42 10.32 1.11
C ASP A 200 2.21 9.24 2.19
N ASN A 201 0.99 9.11 2.74
CA ASN A 201 0.67 8.03 3.70
C ASN A 201 0.94 6.66 3.06
N THR A 202 1.56 5.76 3.80
CA THR A 202 1.94 4.40 3.38
C THR A 202 2.82 4.31 2.13
N SER A 203 3.30 5.45 1.60
CA SER A 203 3.94 5.56 0.30
C SER A 203 5.41 5.95 0.44
N PHE A 204 6.23 5.22 -0.31
CA PHE A 204 7.68 5.35 -0.30
C PHE A 204 8.23 5.17 -1.71
N ILE A 205 9.20 6.01 -2.07
CA ILE A 205 9.81 6.03 -3.39
C ILE A 205 11.32 5.84 -3.21
N PHE A 206 11.83 4.76 -3.79
CA PHE A 206 13.23 4.37 -3.76
C PHE A 206 13.96 5.05 -4.92
N ASN A 207 15.04 5.77 -4.63
CA ASN A 207 15.83 6.51 -5.62
C ASN A 207 17.27 5.97 -5.64
N LEU A 208 17.80 5.70 -6.83
CA LEU A 208 19.12 5.07 -7.03
C LEU A 208 20.08 6.08 -7.67
N ASN A 209 21.24 6.32 -7.06
CA ASN A 209 22.21 7.36 -7.45
C ASN A 209 23.66 6.84 -7.63
N SER A 210 23.88 5.52 -7.49
CA SER A 210 25.17 4.82 -7.66
C SER A 210 24.94 3.38 -8.14
N GLU A 211 25.39 3.01 -9.34
CA GLU A 211 25.24 1.64 -9.89
C GLU A 211 25.76 0.52 -8.95
N LYS A 212 26.84 0.81 -8.22
CA LYS A 212 27.65 -0.16 -7.44
C LYS A 212 26.79 -1.12 -6.61
#